data_1GUI
# 
_entry.id   1GUI 
# 
_audit_conform.dict_name       mmcif_pdbx.dic 
_audit_conform.dict_version    5.382 
_audit_conform.dict_location   http://mmcif.pdb.org/dictionaries/ascii/mmcif_pdbx.dic 
# 
loop_
_database_2.database_id 
_database_2.database_code 
_database_2.pdbx_database_accession 
_database_2.pdbx_DOI 
PDB   1GUI         pdb_00001gui 10.2210/pdb1gui/pdb 
PDBE  EBI-9328     ?            ?                   
WWPDB D_1290009328 ?            ?                   
# 
_pdbx_database_status.status_code                     REL 
_pdbx_database_status.entry_id                        1GUI 
_pdbx_database_status.deposit_site                    PDBE 
_pdbx_database_status.process_site                    PDBE 
_pdbx_database_status.SG_entry                        . 
_pdbx_database_status.recvd_initial_deposition_date   2002-01-27 
_pdbx_database_status.pdb_format_compatible           Y 
_pdbx_database_status.status_code_sf                  REL 
_pdbx_database_status.status_code_mr                  ? 
_pdbx_database_status.status_code_cs                  ? 
_pdbx_database_status.methods_development_category    ? 
_pdbx_database_status.status_code_nmr_data            ? 
# 
loop_
_audit_author.name 
_audit_author.pdbx_ordinal 
'Nurizzo, D.'   1 
'Notenboom, V.' 2 
'Davies, G.J.'  3 
# 
_citation.id                        primary 
_citation.title                     
'Differential Oligosaccharide Recognition by Evolutionarily-Related Beta-1,4 and Beta-1,3 Glucan-Binding Modules' 
_citation.journal_abbrev            J.Mol.Biol. 
_citation.journal_volume            319 
_citation.page_first                1143 
_citation.page_last                 ? 
_citation.year                      2002 
_citation.journal_id_ASTM           JMOBAK 
_citation.country                   UK 
_citation.journal_id_ISSN           0022-2836 
_citation.journal_id_CSD            0070 
_citation.book_publisher            ? 
_citation.pdbx_database_id_PubMed   12079353 
_citation.pdbx_database_id_DOI      '10.1016/S0022-2836(02)00374-1' 
# 
loop_
_citation_author.citation_id 
_citation_author.name 
_citation_author.ordinal 
_citation_author.identifier_ORCID 
primary 'Boraston, A.B.' 1 ? 
primary 'Nurizzo, D.'    2 ? 
primary 'Notenboom, V.'  3 ? 
primary 'Ducros, V.'     4 ? 
primary 'Rose, D.R.'     5 ? 
primary 'Kilburn, D.G.'  6 ? 
primary 'Davies, G.J.'   7 ? 
# 
_cell.entry_id           1GUI 
_cell.length_a           105.117 
_cell.length_b           105.117 
_cell.length_c           49.636 
_cell.angle_alpha        90.00 
_cell.angle_beta         90.00 
_cell.angle_gamma        120.00 
_cell.Z_PDB              6 
_cell.pdbx_unique_axis   ? 
# 
_symmetry.entry_id                         1GUI 
_symmetry.space_group_name_H-M             'P 32 2 1' 
_symmetry.pdbx_full_space_group_name_H-M   ? 
_symmetry.cell_setting                     ? 
_symmetry.Int_Tables_number                154 
# 
loop_
_entity.id 
_entity.type 
_entity.src_method 
_entity.pdbx_description 
_entity.formula_weight 
_entity.pdbx_number_of_molecules 
_entity.pdbx_ec 
_entity.pdbx_mutation 
_entity.pdbx_fragment 
_entity.details 
1 polymer     man 'LAMINARINASE 16A' 17614.051 1   ? ? 'RESIDUES 488-642' ? 
2 branched    man 
;beta-D-glucopyranose-(1-3)-beta-D-glucopyranose-(1-3)-beta-D-glucopyranose-(1-3)-beta-D-glucopyranose-(1-3)-beta-D-glucopyranose-(1-3)-beta-D-glucopyranose
;
990.860   1   ? ? ?                  ? 
3 non-polymer syn 'CALCIUM ION' 40.078    1   ? ? ?                  ? 
4 non-polymer syn GLYCEROL 92.094    5   ? ? ?                  ? 
5 water       nat water 18.015    111 ? ? ?                  ? 
# 
_entity_poly.entity_id                      1 
_entity_poly.type                           'polypeptide(L)' 
_entity_poly.nstd_linkage                   no 
_entity_poly.nstd_monomer                   no 
_entity_poly.pdbx_seq_one_letter_code       
;SINNGTFDEPIVNDQANNPDEWFIWQAGDYGISGARVSDYGVRDGYAYITIADPGTDTWHIQFNQWIGLYRGKTYTISFK
AKADTPRPINVKILQNHDPWTNYFAQTVNLTADWQTFTFTYTHPDDADEVVQISFELGEGTATTIYFDDVTVSPQ
;
_entity_poly.pdbx_seq_one_letter_code_can   
;SINNGTFDEPIVNDQANNPDEWFIWQAGDYGISGARVSDYGVRDGYAYITIADPGTDTWHIQFNQWIGLYRGKTYTISFK
AKADTPRPINVKILQNHDPWTNYFAQTVNLTADWQTFTFTYTHPDDADEVVQISFELGEGTATTIYFDDVTVSPQ
;
_entity_poly.pdbx_strand_id                 A 
_entity_poly.pdbx_target_identifier         ? 
# 
loop_
_entity_poly_seq.entity_id 
_entity_poly_seq.num 
_entity_poly_seq.mon_id 
_entity_poly_seq.hetero 
1 1   SER n 
1 2   ILE n 
1 3   ASN n 
1 4   ASN n 
1 5   GLY n 
1 6   THR n 
1 7   PHE n 
1 8   ASP n 
1 9   GLU n 
1 10  PRO n 
1 11  ILE n 
1 12  VAL n 
1 13  ASN n 
1 14  ASP n 
1 15  GLN n 
1 16  ALA n 
1 17  ASN n 
1 18  ASN n 
1 19  PRO n 
1 20  ASP n 
1 21  GLU n 
1 22  TRP n 
1 23  PHE n 
1 24  ILE n 
1 25  TRP n 
1 26  GLN n 
1 27  ALA n 
1 28  GLY n 
1 29  ASP n 
1 30  TYR n 
1 31  GLY n 
1 32  ILE n 
1 33  SER n 
1 34  GLY n 
1 35  ALA n 
1 36  ARG n 
1 37  VAL n 
1 38  SER n 
1 39  ASP n 
1 40  TYR n 
1 41  GLY n 
1 42  VAL n 
1 43  ARG n 
1 44  ASP n 
1 45  GLY n 
1 46  TYR n 
1 47  ALA n 
1 48  TYR n 
1 49  ILE n 
1 50  THR n 
1 51  ILE n 
1 52  ALA n 
1 53  ASP n 
1 54  PRO n 
1 55  GLY n 
1 56  THR n 
1 57  ASP n 
1 58  THR n 
1 59  TRP n 
1 60  HIS n 
1 61  ILE n 
1 62  GLN n 
1 63  PHE n 
1 64  ASN n 
1 65  GLN n 
1 66  TRP n 
1 67  ILE n 
1 68  GLY n 
1 69  LEU n 
1 70  TYR n 
1 71  ARG n 
1 72  GLY n 
1 73  LYS n 
1 74  THR n 
1 75  TYR n 
1 76  THR n 
1 77  ILE n 
1 78  SER n 
1 79  PHE n 
1 80  LYS n 
1 81  ALA n 
1 82  LYS n 
1 83  ALA n 
1 84  ASP n 
1 85  THR n 
1 86  PRO n 
1 87  ARG n 
1 88  PRO n 
1 89  ILE n 
1 90  ASN n 
1 91  VAL n 
1 92  LYS n 
1 93  ILE n 
1 94  LEU n 
1 95  GLN n 
1 96  ASN n 
1 97  HIS n 
1 98  ASP n 
1 99  PRO n 
1 100 TRP n 
1 101 THR n 
1 102 ASN n 
1 103 TYR n 
1 104 PHE n 
1 105 ALA n 
1 106 GLN n 
1 107 THR n 
1 108 VAL n 
1 109 ASN n 
1 110 LEU n 
1 111 THR n 
1 112 ALA n 
1 113 ASP n 
1 114 TRP n 
1 115 GLN n 
1 116 THR n 
1 117 PHE n 
1 118 THR n 
1 119 PHE n 
1 120 THR n 
1 121 TYR n 
1 122 THR n 
1 123 HIS n 
1 124 PRO n 
1 125 ASP n 
1 126 ASP n 
1 127 ALA n 
1 128 ASP n 
1 129 GLU n 
1 130 VAL n 
1 131 VAL n 
1 132 GLN n 
1 133 ILE n 
1 134 SER n 
1 135 PHE n 
1 136 GLU n 
1 137 LEU n 
1 138 GLY n 
1 139 GLU n 
1 140 GLY n 
1 141 THR n 
1 142 ALA n 
1 143 THR n 
1 144 THR n 
1 145 ILE n 
1 146 TYR n 
1 147 PHE n 
1 148 ASP n 
1 149 ASP n 
1 150 VAL n 
1 151 THR n 
1 152 VAL n 
1 153 SER n 
1 154 PRO n 
1 155 GLN n 
# 
_entity_src_gen.entity_id                          1 
_entity_src_gen.pdbx_src_id                        1 
_entity_src_gen.pdbx_alt_source_flag               sample 
_entity_src_gen.pdbx_seq_type                      ? 
_entity_src_gen.pdbx_beg_seq_num                   ? 
_entity_src_gen.pdbx_end_seq_num                   ? 
_entity_src_gen.gene_src_common_name               ? 
_entity_src_gen.gene_src_genus                     ? 
_entity_src_gen.pdbx_gene_src_gene                 ? 
_entity_src_gen.gene_src_species                   ? 
_entity_src_gen.gene_src_strain                    ? 
_entity_src_gen.gene_src_tissue                    ? 
_entity_src_gen.gene_src_tissue_fraction           ? 
_entity_src_gen.gene_src_details                   ? 
_entity_src_gen.pdbx_gene_src_fragment             ? 
_entity_src_gen.pdbx_gene_src_scientific_name      'THERMOTOGA MARITIMA' 
_entity_src_gen.pdbx_gene_src_ncbi_taxonomy_id     2336 
_entity_src_gen.pdbx_gene_src_variant              ? 
_entity_src_gen.pdbx_gene_src_cell_line            ? 
_entity_src_gen.pdbx_gene_src_atcc                 ? 
_entity_src_gen.pdbx_gene_src_organ                ? 
_entity_src_gen.pdbx_gene_src_organelle            ? 
_entity_src_gen.pdbx_gene_src_cell                 ? 
_entity_src_gen.pdbx_gene_src_cellular_location    ? 
_entity_src_gen.host_org_common_name               ? 
_entity_src_gen.pdbx_host_org_scientific_name      'ESCHERICHIA COLI' 
_entity_src_gen.pdbx_host_org_ncbi_taxonomy_id     511693 
_entity_src_gen.host_org_genus                     ? 
_entity_src_gen.pdbx_host_org_gene                 ? 
_entity_src_gen.pdbx_host_org_organ                ? 
_entity_src_gen.host_org_species                   ? 
_entity_src_gen.pdbx_host_org_tissue               ? 
_entity_src_gen.pdbx_host_org_tissue_fraction      ? 
_entity_src_gen.pdbx_host_org_strain               BL21 
_entity_src_gen.pdbx_host_org_variant              ? 
_entity_src_gen.pdbx_host_org_cell_line            ? 
_entity_src_gen.pdbx_host_org_atcc                 ? 
_entity_src_gen.pdbx_host_org_culture_collection   ? 
_entity_src_gen.pdbx_host_org_cell                 ? 
_entity_src_gen.pdbx_host_org_organelle            ? 
_entity_src_gen.pdbx_host_org_cellular_location    ? 
_entity_src_gen.pdbx_host_org_vector_type          ? 
_entity_src_gen.pdbx_host_org_vector               ? 
_entity_src_gen.host_org_details                   ? 
_entity_src_gen.expression_system_id               ? 
_entity_src_gen.plasmid_name                       PET28 
_entity_src_gen.plasmid_details                    ? 
_entity_src_gen.pdbx_description                   'CARBOHYDRATE BINDING MODULE OF LAMINARINASE 16A FROM THERMOTOGA MARITIMA' 
# 
_struct_ref.id                         1 
_struct_ref.db_name                    UNP 
_struct_ref.db_code                    Q9WXN1 
_struct_ref.entity_id                  1 
_struct_ref.pdbx_seq_one_letter_code   ? 
_struct_ref.pdbx_align_begin           ? 
_struct_ref.pdbx_db_accession          Q9WXN1 
_struct_ref.pdbx_db_isoform            ? 
# 
_struct_ref_seq.align_id                      1 
_struct_ref_seq.ref_id                        1 
_struct_ref_seq.pdbx_PDB_id_code              1GUI 
_struct_ref_seq.pdbx_strand_id                A 
_struct_ref_seq.seq_align_beg                 1 
_struct_ref_seq.pdbx_seq_align_beg_ins_code   ? 
_struct_ref_seq.seq_align_end                 155 
_struct_ref_seq.pdbx_seq_align_end_ins_code   ? 
_struct_ref_seq.pdbx_db_accession             Q9WXN1 
_struct_ref_seq.db_align_beg                  488 
_struct_ref_seq.pdbx_db_align_beg_ins_code    ? 
_struct_ref_seq.db_align_end                  642 
_struct_ref_seq.pdbx_db_align_end_ins_code    ? 
_struct_ref_seq.pdbx_auth_seq_align_beg       3 
_struct_ref_seq.pdbx_auth_seq_align_end       157 
# 
loop_
_chem_comp.id 
_chem_comp.type 
_chem_comp.mon_nstd_flag 
_chem_comp.name 
_chem_comp.pdbx_synonyms 
_chem_comp.formula 
_chem_comp.formula_weight 
ALA 'L-peptide linking'          y ALANINE              ?                                    'C3 H7 N O2'     89.093  
ARG 'L-peptide linking'          y ARGININE             ?                                    'C6 H15 N4 O2 1' 175.209 
ASN 'L-peptide linking'          y ASPARAGINE           ?                                    'C4 H8 N2 O3'    132.118 
ASP 'L-peptide linking'          y 'ASPARTIC ACID'      ?                                    'C4 H7 N O4'     133.103 
BGC 'D-saccharide, beta linking' . beta-D-glucopyranose 'beta-D-glucose; D-glucose; glucose' 'C6 H12 O6'      180.156 
CA  non-polymer                  . 'CALCIUM ION'        ?                                    'Ca 2'           40.078  
GLN 'L-peptide linking'          y GLUTAMINE            ?                                    'C5 H10 N2 O3'   146.144 
GLU 'L-peptide linking'          y 'GLUTAMIC ACID'      ?                                    'C5 H9 N O4'     147.129 
GLY 'peptide linking'            y GLYCINE              ?                                    'C2 H5 N O2'     75.067  
GOL non-polymer                  . GLYCEROL             'GLYCERIN; PROPANE-1,2,3-TRIOL'      'C3 H8 O3'       92.094  
HIS 'L-peptide linking'          y HISTIDINE            ?                                    'C6 H10 N3 O2 1' 156.162 
HOH non-polymer                  . WATER                ?                                    'H2 O'           18.015  
ILE 'L-peptide linking'          y ISOLEUCINE           ?                                    'C6 H13 N O2'    131.173 
LEU 'L-peptide linking'          y LEUCINE              ?                                    'C6 H13 N O2'    131.173 
LYS 'L-peptide linking'          y LYSINE               ?                                    'C6 H15 N2 O2 1' 147.195 
PHE 'L-peptide linking'          y PHENYLALANINE        ?                                    'C9 H11 N O2'    165.189 
PRO 'L-peptide linking'          y PROLINE              ?                                    'C5 H9 N O2'     115.130 
SER 'L-peptide linking'          y SERINE               ?                                    'C3 H7 N O3'     105.093 
THR 'L-peptide linking'          y THREONINE            ?                                    'C4 H9 N O3'     119.119 
TRP 'L-peptide linking'          y TRYPTOPHAN           ?                                    'C11 H12 N2 O2'  204.225 
TYR 'L-peptide linking'          y TYROSINE             ?                                    'C9 H11 N O3'    181.189 
VAL 'L-peptide linking'          y VALINE               ?                                    'C5 H11 N O2'    117.146 
# 
_exptl.entry_id          1GUI 
_exptl.method            'X-RAY DIFFRACTION' 
_exptl.crystals_number   1 
# 
_exptl_crystal.id                    1 
_exptl_crystal.density_meas          ? 
_exptl_crystal.density_Matthews      4.8 
_exptl_crystal.density_percent_sol   75 
_exptl_crystal.description           ? 
# 
_exptl_crystal_grow.crystal_id      1 
_exptl_crystal_grow.method          ? 
_exptl_crystal_grow.temp            ? 
_exptl_crystal_grow.temp_details    ? 
_exptl_crystal_grow.pH              4.60 
_exptl_crystal_grow.pdbx_pH_range   ? 
_exptl_crystal_grow.pdbx_details    '2.0M AMMONIUM SULFATE 100MM SODIUM ACETATE PH4.6, pH 4.60' 
# 
_diffrn.id                     1 
_diffrn.ambient_temp           100.0 
_diffrn.ambient_temp_details   ? 
_diffrn.crystal_id             1 
# 
_diffrn_detector.diffrn_id              1 
_diffrn_detector.detector               CCD 
_diffrn_detector.type                   'ADSC CCD' 
_diffrn_detector.pdbx_collection_date   2000-10-15 
_diffrn_detector.details                ? 
# 
_diffrn_radiation.diffrn_id                        1 
_diffrn_radiation.wavelength_id                    1 
_diffrn_radiation.pdbx_monochromatic_or_laue_m_l   M 
_diffrn_radiation.monochromator                    ? 
_diffrn_radiation.pdbx_diffrn_protocol             'SINGLE WAVELENGTH' 
_diffrn_radiation.pdbx_scattering_type             x-ray 
# 
_diffrn_radiation_wavelength.id           1 
_diffrn_radiation_wavelength.wavelength   0.93 
_diffrn_radiation_wavelength.wt           1.0 
# 
_diffrn_source.diffrn_id                   1 
_diffrn_source.source                      SYNCHROTRON 
_diffrn_source.type                        'ESRF BEAMLINE ID14-4' 
_diffrn_source.pdbx_synchrotron_site       ESRF 
_diffrn_source.pdbx_synchrotron_beamline   ID14-4 
_diffrn_source.pdbx_wavelength             0.93 
_diffrn_source.pdbx_wavelength_list        ? 
# 
_reflns.pdbx_diffrn_id               1 
_reflns.pdbx_ordinal                 1 
_reflns.entry_id                     1GUI 
_reflns.observed_criterion_sigma_I   ? 
_reflns.observed_criterion_sigma_F   ? 
_reflns.d_resolution_low             35.000 
_reflns.d_resolution_high            1.900 
_reflns.number_obs                   25221 
_reflns.number_all                   ? 
_reflns.percent_possible_obs         99.9 
_reflns.pdbx_Rmerge_I_obs            0.04400 
_reflns.pdbx_Rsym_value              ? 
_reflns.pdbx_netI_over_sigmaI        34.0000 
_reflns.B_iso_Wilson_estimate        ? 
_reflns.pdbx_redundancy              7.100 
# 
_reflns_shell.pdbx_diffrn_id         1 
_reflns_shell.pdbx_ordinal           1 
_reflns_shell.d_res_high             1.90 
_reflns_shell.d_res_low              1.93 
_reflns_shell.percent_possible_all   100.0 
_reflns_shell.Rmerge_I_obs           0.28100 
_reflns_shell.pdbx_Rsym_value        ? 
_reflns_shell.meanI_over_sigI_obs    7.600 
_reflns_shell.pdbx_redundancy        7.00 
# 
_refine.pdbx_refine_id                           'X-RAY DIFFRACTION' 
_refine.entry_id                                 1GUI 
_refine.pdbx_diffrn_id                           1 
_refine.pdbx_TLS_residual_ADP_flag               'LIKELY RESIDUAL' 
_refine.ls_number_reflns_obs                     23897 
_refine.ls_number_reflns_all                     ? 
_refine.pdbx_ls_sigma_I                          ? 
_refine.pdbx_ls_sigma_F                          ? 
_refine.pdbx_data_cutoff_high_absF               ? 
_refine.pdbx_data_cutoff_low_absF                ? 
_refine.pdbx_data_cutoff_high_rms_absF           ? 
_refine.ls_d_res_low                             20.00 
_refine.ls_d_res_high                            1.90 
_refine.ls_percent_reflns_obs                    99.8 
_refine.ls_R_factor_obs                          0.173 
_refine.ls_R_factor_all                          ? 
_refine.ls_R_factor_R_work                       0.172 
_refine.ls_R_factor_R_free                       0.197 
_refine.ls_R_factor_R_free_error                 ? 
_refine.ls_R_factor_R_free_error_details         ? 
_refine.ls_percent_reflns_R_free                 5.100 
_refine.ls_number_reflns_R_free                  1288 
_refine.ls_number_parameters                     ? 
_refine.ls_number_restraints                     ? 
_refine.occupancy_min                            ? 
_refine.occupancy_max                            ? 
_refine.correlation_coeff_Fo_to_Fc               0.969 
_refine.correlation_coeff_Fo_to_Fc_free          0.959 
_refine.B_iso_mean                               24.64 
_refine.aniso_B[1][1]                            -2.62000 
_refine.aniso_B[2][2]                            -2.62000 
_refine.aniso_B[3][3]                            3.93000 
_refine.aniso_B[1][2]                            -1.31000 
_refine.aniso_B[1][3]                            0.00000 
_refine.aniso_B[2][3]                            0.00000 
_refine.solvent_model_details                    'BABINET MODEL WITH MASK' 
_refine.solvent_model_param_ksol                 ? 
_refine.solvent_model_param_bsol                 ? 
_refine.pdbx_solvent_vdw_probe_radii             1.40 
_refine.pdbx_solvent_ion_probe_radii             0.80 
_refine.pdbx_solvent_shrinkage_radii             0.80 
_refine.pdbx_ls_cross_valid_method               THROUGHOUT 
_refine.details                                  'HYDROGENS HAVE BEEN ADDED IN THE RIDING POSITIONS' 
_refine.pdbx_starting_model                      'PDB ENTRY 1GU3' 
_refine.pdbx_method_to_determine_struct          'MOLECULAR REPLACEMENT' 
_refine.pdbx_isotropic_thermal_model             ? 
_refine.pdbx_stereochemistry_target_values       'MAXIMUM LIKELIHOOD' 
_refine.pdbx_stereochem_target_val_spec_case     ? 
_refine.pdbx_R_Free_selection_details            RANDOM 
_refine.pdbx_overall_ESU_R                       0.095 
_refine.pdbx_overall_ESU_R_Free                  0.094 
_refine.overall_SU_ML                            0.059 
_refine.pdbx_overall_phase_error                 ? 
_refine.overall_SU_B                             2.039 
_refine.overall_SU_R_Cruickshank_DPI             ? 
_refine.pdbx_overall_SU_R_free_Cruickshank_DPI   ? 
_refine.pdbx_overall_SU_R_Blow_DPI               ? 
_refine.pdbx_overall_SU_R_free_Blow_DPI          ? 
# 
_refine_hist.pdbx_refine_id                   'X-RAY DIFFRACTION' 
_refine_hist.cycle_id                         LAST 
_refine_hist.pdbx_number_atoms_protein        1252 
_refine_hist.pdbx_number_atoms_nucleic_acid   0 
_refine_hist.pdbx_number_atoms_ligand         98 
_refine_hist.number_atoms_solvent             111 
_refine_hist.number_atoms_total               1461 
_refine_hist.d_res_high                       1.90 
_refine_hist.d_res_low                        20.00 
# 
loop_
_refine_ls_restr.type 
_refine_ls_restr.dev_ideal 
_refine_ls_restr.dev_ideal_target 
_refine_ls_restr.weight 
_refine_ls_restr.number 
_refine_ls_restr.pdbx_refine_id 
_refine_ls_restr.pdbx_restraint_function 
r_bond_refined_d             0.016  0.021  ? 1387 'X-RAY DIFFRACTION' ? 
r_bond_other_d               0.002  0.020  ? 1129 'X-RAY DIFFRACTION' ? 
r_angle_refined_deg          1.593  1.958  ? 1895 'X-RAY DIFFRACTION' ? 
r_angle_other_deg            1.420  3.000  ? 2624 'X-RAY DIFFRACTION' ? 
r_dihedral_angle_1_deg       6.833  5.000  ? 154  'X-RAY DIFFRACTION' ? 
r_dihedral_angle_2_deg       32.865 25.070 ? 71   'X-RAY DIFFRACTION' ? 
r_dihedral_angle_3_deg       11.387 15.000 ? 178  'X-RAY DIFFRACTION' ? 
r_dihedral_angle_4_deg       12.944 15.000 ? 4    'X-RAY DIFFRACTION' ? 
r_chiral_restr               0.127  0.200  ? 214  'X-RAY DIFFRACTION' ? 
r_gen_planes_refined         0.006  0.020  ? 1483 'X-RAY DIFFRACTION' ? 
r_gen_planes_other           0.002  0.020  ? 279  'X-RAY DIFFRACTION' ? 
r_nbd_refined                0.347  0.200  ? 204  'X-RAY DIFFRACTION' ? 
r_nbd_other                  0.256  0.200  ? 1146 'X-RAY DIFFRACTION' ? 
r_nbtor_refined              ?      ?      ? ?    'X-RAY DIFFRACTION' ? 
r_nbtor_other                0.082  0.200  ? 615  'X-RAY DIFFRACTION' ? 
r_xyhbond_nbd_refined        0.179  0.200  ? 66   'X-RAY DIFFRACTION' ? 
r_xyhbond_nbd_other          ?      ?      ? ?    'X-RAY DIFFRACTION' ? 
r_metal_ion_refined          0.220  0.200  ? 6    'X-RAY DIFFRACTION' ? 
r_metal_ion_other            ?      ?      ? ?    'X-RAY DIFFRACTION' ? 
r_symmetry_vdw_refined       0.228  0.200  ? 1    'X-RAY DIFFRACTION' ? 
r_symmetry_vdw_other         0.416  0.200  ? 17   'X-RAY DIFFRACTION' ? 
r_symmetry_hbond_refined     0.154  0.200  ? 3    'X-RAY DIFFRACTION' ? 
r_symmetry_hbond_other       ?      ?      ? ?    'X-RAY DIFFRACTION' ? 
r_symmetry_metal_ion_refined ?      ?      ? ?    'X-RAY DIFFRACTION' ? 
r_symmetry_metal_ion_other   ?      ?      ? ?    'X-RAY DIFFRACTION' ? 
r_mcbond_it                  0.717  1.500  ? 772  'X-RAY DIFFRACTION' ? 
r_mcbond_other               ?      ?      ? ?    'X-RAY DIFFRACTION' ? 
r_mcangle_it                 1.240  2.000  ? 1260 'X-RAY DIFFRACTION' ? 
r_mcangle_other              ?      ?      ? ?    'X-RAY DIFFRACTION' ? 
r_scbond_it                  2.160  3.000  ? 615  'X-RAY DIFFRACTION' ? 
r_scbond_other               ?      ?      ? ?    'X-RAY DIFFRACTION' ? 
r_scangle_it                 3.326  4.500  ? 635  'X-RAY DIFFRACTION' ? 
r_scangle_other              ?      ?      ? ?    'X-RAY DIFFRACTION' ? 
r_long_range_B_refined       ?      ?      ? ?    'X-RAY DIFFRACTION' ? 
r_long_range_B_other         ?      ?      ? ?    'X-RAY DIFFRACTION' ? 
r_rigid_bond_restr           ?      ?      ? ?    'X-RAY DIFFRACTION' ? 
r_sphericity_free            ?      ?      ? ?    'X-RAY DIFFRACTION' ? 
r_sphericity_bonded          ?      ?      ? ?    'X-RAY DIFFRACTION' ? 
# 
_refine_ls_shell.pdbx_refine_id                   'X-RAY DIFFRACTION' 
_refine_ls_shell.pdbx_total_number_of_bins_used   20 
_refine_ls_shell.d_res_high                       1.90 
_refine_ls_shell.d_res_low                        1.95 
_refine_ls_shell.number_reflns_R_work             1688 
_refine_ls_shell.R_factor_R_work                  0.2040 
_refine_ls_shell.percent_reflns_obs               ? 
_refine_ls_shell.R_factor_R_free                  0.2140 
_refine_ls_shell.R_factor_R_free_error            ? 
_refine_ls_shell.percent_reflns_R_free            ? 
_refine_ls_shell.number_reflns_R_free             106 
_refine_ls_shell.number_reflns_all                ? 
_refine_ls_shell.R_factor_all                     ? 
# 
_struct.entry_id                  1GUI 
_struct.title                     'CBM4 structure and function' 
_struct.pdbx_model_details        ? 
_struct.pdbx_CASP_flag            ? 
_struct.pdbx_model_type_details   ? 
# 
_struct_keywords.entry_id        1GUI 
_struct_keywords.pdbx_keywords   'CARBOHYDRATE BINDING MODULE' 
_struct_keywords.text            'CARBOHYDRATE BINDING MODULE, CBM, GLUCAN, CELLULOSE' 
# 
loop_
_struct_asym.id 
_struct_asym.pdbx_blank_PDB_chainid_flag 
_struct_asym.pdbx_modified 
_struct_asym.entity_id 
_struct_asym.details 
A N N 1 ? 
B N N 2 ? 
C N N 3 ? 
D N N 4 ? 
E N N 4 ? 
F N N 4 ? 
G N N 4 ? 
H N N 4 ? 
I N N 5 ? 
# 
_struct_biol.id   1 
# 
loop_
_struct_conf.conf_type_id 
_struct_conf.id 
_struct_conf.pdbx_PDB_helix_id 
_struct_conf.beg_label_comp_id 
_struct_conf.beg_label_asym_id 
_struct_conf.beg_label_seq_id 
_struct_conf.pdbx_beg_PDB_ins_code 
_struct_conf.end_label_comp_id 
_struct_conf.end_label_asym_id 
_struct_conf.end_label_seq_id 
_struct_conf.pdbx_end_PDB_ins_code 
_struct_conf.beg_auth_comp_id 
_struct_conf.beg_auth_asym_id 
_struct_conf.beg_auth_seq_id 
_struct_conf.end_auth_comp_id 
_struct_conf.end_auth_asym_id 
_struct_conf.end_auth_seq_id 
_struct_conf.pdbx_PDB_helix_class 
_struct_conf.details 
_struct_conf.pdbx_PDB_helix_length 
HELX_P HELX_P1 1 GLY A 28 ? GLY A 31 ? GLY A 30 GLY A 33 5 ? 4 
HELX_P HELX_P2 2 ASP A 57 ? TRP A 59 ? ASP A 59 TRP A 61 5 ? 3 
# 
_struct_conf_type.id          HELX_P 
_struct_conf_type.criteria    ? 
_struct_conf_type.reference   ? 
# 
loop_
_struct_conn.id 
_struct_conn.conn_type_id 
_struct_conn.pdbx_leaving_atom_flag 
_struct_conn.pdbx_PDB_id 
_struct_conn.ptnr1_label_asym_id 
_struct_conn.ptnr1_label_comp_id 
_struct_conn.ptnr1_label_seq_id 
_struct_conn.ptnr1_label_atom_id 
_struct_conn.pdbx_ptnr1_label_alt_id 
_struct_conn.pdbx_ptnr1_PDB_ins_code 
_struct_conn.pdbx_ptnr1_standard_comp_id 
_struct_conn.ptnr1_symmetry 
_struct_conn.ptnr2_label_asym_id 
_struct_conn.ptnr2_label_comp_id 
_struct_conn.ptnr2_label_seq_id 
_struct_conn.ptnr2_label_atom_id 
_struct_conn.pdbx_ptnr2_label_alt_id 
_struct_conn.pdbx_ptnr2_PDB_ins_code 
_struct_conn.ptnr1_auth_asym_id 
_struct_conn.ptnr1_auth_comp_id 
_struct_conn.ptnr1_auth_seq_id 
_struct_conn.ptnr2_auth_asym_id 
_struct_conn.ptnr2_auth_comp_id 
_struct_conn.ptnr2_auth_seq_id 
_struct_conn.ptnr2_symmetry 
_struct_conn.pdbx_ptnr3_label_atom_id 
_struct_conn.pdbx_ptnr3_label_seq_id 
_struct_conn.pdbx_ptnr3_label_comp_id 
_struct_conn.pdbx_ptnr3_label_asym_id 
_struct_conn.pdbx_ptnr3_label_alt_id 
_struct_conn.pdbx_ptnr3_PDB_ins_code 
_struct_conn.details 
_struct_conn.pdbx_dist_value 
_struct_conn.pdbx_value_order 
_struct_conn.pdbx_role 
covale1 covale both ? B BGC .   O3  ? ? ? 1_555 B BGC . C1 ? ? B BGC 1   B BGC 2    1_555 ? ? ? ? ? ? ? 1.542 ? ? 
covale2 covale both ? B BGC .   O3  ? ? ? 1_555 B BGC . C1 ? ? B BGC 2   B BGC 3    1_555 ? ? ? ? ? ? ? 1.458 ? ? 
covale3 covale both ? B BGC .   O3  ? ? ? 1_555 B BGC . C1 ? ? B BGC 3   B BGC 4    1_555 ? ? ? ? ? ? ? 1.635 ? ? 
covale4 covale both ? B BGC .   O3  ? ? ? 1_555 B BGC . C1 ? ? B BGC 4   B BGC 5    1_555 ? ? ? ? ? ? ? 1.699 ? ? 
covale5 covale both ? B BGC .   O3  ? ? ? 1_555 B BGC . C1 ? ? B BGC 5   B BGC 6    1_555 ? ? ? ? ? ? ? 1.708 ? ? 
metalc1 metalc ?    ? A THR 6   O   ? ? ? 1_555 C CA  . CA ? ? A THR 8   A CA  200  1_555 ? ? ? ? ? ? ? 2.266 ? ? 
metalc2 metalc ?    ? A GLY 45  O   ? ? ? 1_555 C CA  . CA ? ? A GLY 47  A CA  200  1_555 ? ? ? ? ? ? ? 2.210 ? ? 
metalc3 metalc ?    ? A ASP 148 OD1 ? ? ? 1_555 C CA  . CA ? ? A ASP 150 A CA  200  1_555 ? ? ? ? ? ? ? 2.398 ? ? 
metalc4 metalc ?    ? A ASP 148 OD2 ? ? ? 1_555 C CA  . CA ? ? A ASP 150 A CA  200  1_555 ? ? ? ? ? ? ? 3.023 ? ? 
metalc5 metalc ?    ? C CA  .   CA  ? ? ? 1_555 I HOH . O  ? ? A CA  200 A HOH 2004 1_555 ? ? ? ? ? ? ? 2.301 ? ? 
metalc6 metalc ?    ? C CA  .   CA  ? ? ? 1_555 I HOH . O  ? ? A CA  200 A HOH 2096 1_555 ? ? ? ? ? ? ? 2.325 ? ? 
metalc7 metalc ?    ? C CA  .   CA  ? ? ? 1_555 I HOH . O  ? ? A CA  200 A HOH 2099 1_555 ? ? ? ? ? ? ? 1.973 ? ? 
# 
loop_
_struct_conn_type.id 
_struct_conn_type.criteria 
_struct_conn_type.reference 
covale ? ? 
metalc ? ? 
# 
_struct_mon_prot_cis.pdbx_id                1 
_struct_mon_prot_cis.label_comp_id          ASP 
_struct_mon_prot_cis.label_seq_id           98 
_struct_mon_prot_cis.label_asym_id          A 
_struct_mon_prot_cis.label_alt_id           . 
_struct_mon_prot_cis.pdbx_PDB_ins_code      ? 
_struct_mon_prot_cis.auth_comp_id           ASP 
_struct_mon_prot_cis.auth_seq_id            100 
_struct_mon_prot_cis.auth_asym_id           A 
_struct_mon_prot_cis.pdbx_label_comp_id_2   PRO 
_struct_mon_prot_cis.pdbx_label_seq_id_2    99 
_struct_mon_prot_cis.pdbx_label_asym_id_2   A 
_struct_mon_prot_cis.pdbx_PDB_ins_code_2    ? 
_struct_mon_prot_cis.pdbx_auth_comp_id_2    PRO 
_struct_mon_prot_cis.pdbx_auth_seq_id_2     101 
_struct_mon_prot_cis.pdbx_auth_asym_id_2    A 
_struct_mon_prot_cis.pdbx_PDB_model_num     1 
_struct_mon_prot_cis.pdbx_omega_angle       11.02 
# 
loop_
_struct_sheet.id 
_struct_sheet.type 
_struct_sheet.number_strands 
_struct_sheet.details 
AA ? 5 ? 
AB ? 5 ? 
# 
loop_
_struct_sheet_order.sheet_id 
_struct_sheet_order.range_id_1 
_struct_sheet_order.range_id_2 
_struct_sheet_order.offset 
_struct_sheet_order.sense 
AA 1 2 ? anti-parallel 
AA 2 3 ? anti-parallel 
AA 3 4 ? anti-parallel 
AA 4 5 ? anti-parallel 
AB 1 2 ? anti-parallel 
AB 2 3 ? anti-parallel 
AB 3 4 ? anti-parallel 
AB 4 5 ? anti-parallel 
# 
loop_
_struct_sheet_range.sheet_id 
_struct_sheet_range.id 
_struct_sheet_range.beg_label_comp_id 
_struct_sheet_range.beg_label_asym_id 
_struct_sheet_range.beg_label_seq_id 
_struct_sheet_range.pdbx_beg_PDB_ins_code 
_struct_sheet_range.end_label_comp_id 
_struct_sheet_range.end_label_asym_id 
_struct_sheet_range.end_label_seq_id 
_struct_sheet_range.pdbx_end_PDB_ins_code 
_struct_sheet_range.beg_auth_comp_id 
_struct_sheet_range.beg_auth_asym_id 
_struct_sheet_range.beg_auth_seq_id 
_struct_sheet_range.end_auth_comp_id 
_struct_sheet_range.end_auth_asym_id 
_struct_sheet_range.end_auth_seq_id 
AA 1 PHE A 23  ? GLN A 26  ? PHE A 25  GLN A 28  
AA 2 ILE A 61  ? GLY A 68  ? ILE A 63  GLY A 70  
AA 3 VAL A 130 ? GLU A 136 ? VAL A 132 GLU A 138 
AA 4 ARG A 87  ? LEU A 94  ? ARG A 89  LEU A 96  
AA 5 ASN A 102 ? LEU A 110 ? ASN A 104 LEU A 112 
AB 1 ARG A 36  ? ARG A 43  ? ARG A 38  ARG A 45  
AB 2 TYR A 46  ? ASP A 53  ? TYR A 48  ASP A 55  
AB 3 THR A 144 ? PRO A 154 ? THR A 146 PRO A 156 
AB 4 THR A 74  ? ALA A 83  ? THR A 76  ALA A 85  
AB 5 GLN A 115 ? THR A 122 ? GLN A 117 THR A 124 
# 
loop_
_pdbx_struct_sheet_hbond.sheet_id 
_pdbx_struct_sheet_hbond.range_id_1 
_pdbx_struct_sheet_hbond.range_id_2 
_pdbx_struct_sheet_hbond.range_1_label_atom_id 
_pdbx_struct_sheet_hbond.range_1_label_comp_id 
_pdbx_struct_sheet_hbond.range_1_label_asym_id 
_pdbx_struct_sheet_hbond.range_1_label_seq_id 
_pdbx_struct_sheet_hbond.range_1_PDB_ins_code 
_pdbx_struct_sheet_hbond.range_1_auth_atom_id 
_pdbx_struct_sheet_hbond.range_1_auth_comp_id 
_pdbx_struct_sheet_hbond.range_1_auth_asym_id 
_pdbx_struct_sheet_hbond.range_1_auth_seq_id 
_pdbx_struct_sheet_hbond.range_2_label_atom_id 
_pdbx_struct_sheet_hbond.range_2_label_comp_id 
_pdbx_struct_sheet_hbond.range_2_label_asym_id 
_pdbx_struct_sheet_hbond.range_2_label_seq_id 
_pdbx_struct_sheet_hbond.range_2_PDB_ins_code 
_pdbx_struct_sheet_hbond.range_2_auth_atom_id 
_pdbx_struct_sheet_hbond.range_2_auth_comp_id 
_pdbx_struct_sheet_hbond.range_2_auth_asym_id 
_pdbx_struct_sheet_hbond.range_2_auth_seq_id 
AA 1 2 N TRP A 25  ? N TRP A 27  O GLN A 62  ? O GLN A 64  
AA 2 3 N ILE A 67  ? N ILE A 69  O VAL A 131 ? O VAL A 133 
AA 3 4 N GLU A 136 ? N GLU A 138 O ASN A 90  ? O ASN A 92  
AA 4 5 O ILE A 93  ? O ILE A 95  N TYR A 103 ? N TYR A 105 
AB 1 2 N ARG A 43  ? N ARG A 45  O TYR A 46  ? O TYR A 48  
AB 2 3 N ILE A 49  ? N ILE A 51  O ILE A 145 ? O ILE A 147 
AB 3 4 N SER A 153 ? N SER A 155 O THR A 76  ? O THR A 78  
AB 4 5 N ALA A 81  ? N ALA A 83  O GLN A 115 ? O GLN A 117 
# 
_atom_sites.entry_id                    1GUI 
_atom_sites.fract_transf_matrix[1][1]   0.00348827 
_atom_sites.fract_transf_matrix[1][2]   -0.01041200 
_atom_sites.fract_transf_matrix[1][3]   -0.00028532 
_atom_sites.fract_transf_matrix[2][1]   0.00044809 
_atom_sites.fract_transf_matrix[2][2]   -0.00589778 
_atom_sites.fract_transf_matrix[2][3]   0.00925665 
_atom_sites.fract_transf_matrix[3][1]   -0.01890594 
_atom_sites.fract_transf_matrix[3][2]   -0.00624991 
_atom_sites.fract_transf_matrix[3][3]   -0.00306687 
_atom_sites.fract_transf_vector[1]      0.485955 
_atom_sites.fract_transf_vector[2]      0.147058 
_atom_sites.fract_transf_vector[3]      0.061920 
# 
loop_
_atom_type.symbol 
C  
CA 
N  
O  
# 
loop_
_atom_site.group_PDB 
_atom_site.id 
_atom_site.type_symbol 
_atom_site.label_atom_id 
_atom_site.label_alt_id 
_atom_site.label_comp_id 
_atom_site.label_asym_id 
_atom_site.label_entity_id 
_atom_site.label_seq_id 
_atom_site.pdbx_PDB_ins_code 
_atom_site.Cartn_x 
_atom_site.Cartn_y 
_atom_site.Cartn_z 
_atom_site.occupancy 
_atom_site.B_iso_or_equiv 
_atom_site.pdbx_formal_charge 
_atom_site.auth_seq_id 
_atom_site.auth_comp_id 
_atom_site.auth_asym_id 
_atom_site.auth_atom_id 
_atom_site.pdbx_PDB_model_num 
ATOM   1    N  N   . SER A 1 1   ? -9.906  4.565   10.361  1.00 30.49 ? 3    SER A N   1 
ATOM   2    C  CA  . SER A 1 1   ? -9.208  5.292   9.231   1.00 31.04 ? 3    SER A CA  1 
ATOM   3    C  C   . SER A 1 1   ? -7.696  4.990   9.212   1.00 29.28 ? 3    SER A C   1 
ATOM   4    O  O   . SER A 1 1   ? -7.243  4.141   9.951   1.00 29.14 ? 3    SER A O   1 
ATOM   5    C  CB  . SER A 1 1   ? -9.438  6.806   9.360   1.00 31.82 ? 3    SER A CB  1 
ATOM   6    O  OG  . SER A 1 1   ? -9.160  7.243   10.710  1.00 35.13 ? 3    SER A OG  1 
ATOM   7    N  N   . ILE A 1 2   ? -6.939  5.711   8.383   1.00 27.98 ? 4    ILE A N   1 
ATOM   8    C  CA  . ILE A 1 2   ? -5.496  5.542   8.248   1.00 27.40 ? 4    ILE A CA  1 
ATOM   9    C  C   . ILE A 1 2   ? -4.743  6.137   9.445   1.00 26.79 ? 4    ILE A C   1 
ATOM   10   O  O   . ILE A 1 2   ? -4.989  7.279   9.828   1.00 26.80 ? 4    ILE A O   1 
ATOM   11   C  CB  . ILE A 1 2   ? -4.979  6.218   6.934   1.00 28.01 ? 4    ILE A CB  1 
ATOM   12   C  CG1 . ILE A 1 2   ? -5.624  5.588   5.698   1.00 27.95 ? 4    ILE A CG1 1 
ATOM   13   C  CG2 . ILE A 1 2   ? -3.439  6.140   6.832   1.00 26.79 ? 4    ILE A CG2 1 
ATOM   14   C  CD1 . ILE A 1 2   ? -5.258  4.103   5.452   1.00 28.64 ? 4    ILE A CD1 1 
ATOM   15   N  N   . ASN A 1 3   ? -3.838  5.345   10.016  1.00 24.74 ? 5    ASN A N   1 
ATOM   16   C  CA  . ASN A 1 3   ? -2.872  5.794   11.036  1.00 25.17 ? 5    ASN A CA  1 
ATOM   17   C  C   . ASN A 1 3   ? -1.510  6.138   10.401  1.00 24.06 ? 5    ASN A C   1 
ATOM   18   O  O   . ASN A 1 3   ? -0.968  5.377   9.589   1.00 23.03 ? 5    ASN A O   1 
ATOM   19   C  CB  . ASN A 1 3   ? -2.658  4.689   12.108  1.00 24.80 ? 5    ASN A CB  1 
ATOM   20   C  CG  . ASN A 1 3   ? -3.935  4.354   12.882  1.00 26.25 ? 5    ASN A CG  1 
ATOM   21   O  OD1 . ASN A 1 3   ? -4.659  5.253   13.315  1.00 23.15 ? 5    ASN A OD1 1 
ATOM   22   N  ND2 . ASN A 1 3   ? -4.198  3.058   13.082  1.00 24.92 ? 5    ASN A ND2 1 
ATOM   23   N  N   . ASN A 1 4   ? -0.968  7.294   10.770  1.00 23.12 ? 6    ASN A N   1 
ATOM   24   C  CA  . ASN A 1 4   ? 0.338   7.778   10.284  1.00 23.54 ? 6    ASN A CA  1 
ATOM   25   C  C   . ASN A 1 4   ? 0.357   7.905   8.751   1.00 22.75 ? 6    ASN A C   1 
ATOM   26   O  O   . ASN A 1 4   ? 1.319   7.545   8.070   1.00 22.26 ? 6    ASN A O   1 
ATOM   27   C  CB  . ASN A 1 4   ? 1.473   6.868   10.785  1.00 22.96 ? 6    ASN A CB  1 
ATOM   28   C  CG  . ASN A 1 4   ? 2.864   7.471   10.576  1.00 25.07 ? 6    ASN A CG  1 
ATOM   29   O  OD1 . ASN A 1 4   ? 3.073   8.689   10.700  1.00 24.29 ? 6    ASN A OD1 1 
ATOM   30   N  ND2 . ASN A 1 4   ? 3.832   6.611   10.284  1.00 23.98 ? 6    ASN A ND2 1 
ATOM   31   N  N   . GLY A 1 5   ? -0.740  8.420   8.227   1.00 23.67 ? 7    GLY A N   1 
ATOM   32   C  CA  . GLY A 1 5   ? -0.861  8.737   6.809   1.00 23.41 ? 7    GLY A CA  1 
ATOM   33   C  C   . GLY A 1 5   ? -0.008  9.923   6.375   1.00 23.57 ? 7    GLY A C   1 
ATOM   34   O  O   . GLY A 1 5   ? 0.220   10.089  5.171   1.00 24.22 ? 7    GLY A O   1 
ATOM   35   N  N   . THR A 1 6   ? 0.469   10.737  7.323   1.00 23.77 ? 8    THR A N   1 
ATOM   36   C  CA  . THR A 1 6   ? 1.361   11.871  7.032   1.00 24.85 ? 8    THR A CA  1 
ATOM   37   C  C   . THR A 1 6   ? 2.858   11.528  7.141   1.00 25.07 ? 8    THR A C   1 
ATOM   38   O  O   . THR A 1 6   ? 3.705   12.339  6.755   1.00 24.84 ? 8    THR A O   1 
ATOM   39   C  CB  . THR A 1 6   ? 1.110   13.042  8.029   1.00 25.72 ? 8    THR A CB  1 
ATOM   40   O  OG1 . THR A 1 6   ? 1.322   12.570  9.372   1.00 25.30 ? 8    THR A OG1 1 
ATOM   41   C  CG2 . THR A 1 6   ? -0.349  13.534  7.983   1.00 27.16 ? 8    THR A CG2 1 
ATOM   42   N  N   . PHE A 1 7   ? 3.175   10.388  7.740   1.00 24.99 ? 9    PHE A N   1 
ATOM   43   C  CA  . PHE A 1 7   ? 4.555   9.942   7.957   1.00 25.08 ? 9    PHE A CA  1 
ATOM   44   C  C   . PHE A 1 7   ? 5.429   10.826  8.837   1.00 26.22 ? 9    PHE A C   1 
ATOM   45   O  O   . PHE A 1 7   ? 6.636   10.945  8.608   1.00 26.14 ? 9    PHE A O   1 
ATOM   46   C  CB  . PHE A 1 7   ? 5.204   9.614   6.606   1.00 25.73 ? 9    PHE A CB  1 
ATOM   47   C  CG  . PHE A 1 7   ? 4.440   8.562   5.862   1.00 22.73 ? 9    PHE A CG  1 
ATOM   48   C  CD1 . PHE A 1 7   ? 4.366   7.281   6.370   1.00 23.80 ? 9    PHE A CD1 1 
ATOM   49   C  CD2 . PHE A 1 7   ? 3.742   8.856   4.711   1.00 22.90 ? 9    PHE A CD2 1 
ATOM   50   C  CE1 . PHE A 1 7   ? 3.619   6.306   5.718   1.00 23.84 ? 9    PHE A CE1 1 
ATOM   51   C  CE2 . PHE A 1 7   ? 3.006   7.894   4.065   1.00 23.52 ? 9    PHE A CE2 1 
ATOM   52   C  CZ  . PHE A 1 7   ? 2.944   6.614   4.563   1.00 24.35 ? 9    PHE A CZ  1 
ATOM   53   N  N   . ASP A 1 8   ? 4.806   11.430  9.851   1.00 26.44 ? 10   ASP A N   1 
ATOM   54   C  CA  . ASP A 1 8   ? 5.516   12.164  10.908  1.00 27.30 ? 10   ASP A CA  1 
ATOM   55   C  C   . ASP A 1 8   ? 6.139   11.202  11.938  1.00 27.13 ? 10   ASP A C   1 
ATOM   56   O  O   . ASP A 1 8   ? 6.994   11.597  12.723  1.00 26.65 ? 10   ASP A O   1 
ATOM   57   C  CB  . ASP A 1 8   ? 4.554   13.130  11.629  1.00 27.78 ? 10   ASP A CB  1 
ATOM   58   C  CG  . ASP A 1 8   ? 4.076   14.297  10.732  1.00 30.38 ? 10   ASP A CG  1 
ATOM   59   O  OD1 . ASP A 1 8   ? 4.737   14.620  9.719   1.00 30.26 ? 10   ASP A OD1 1 
ATOM   60   O  OD2 . ASP A 1 8   ? 3.043   14.961  10.987  1.00 35.12 ? 10   ASP A OD2 1 
ATOM   61   N  N   . GLU A 1 9   ? 5.685   9.949   11.940  1.00 26.97 ? 11   GLU A N   1 
ATOM   62   C  CA  . GLU A 1 9   ? 6.157   8.928   12.877  1.00 27.44 ? 11   GLU A CA  1 
ATOM   63   C  C   . GLU A 1 9   ? 6.753   7.760   12.072  1.00 27.02 ? 11   GLU A C   1 
ATOM   64   O  O   . GLU A 1 9   ? 6.413   7.581   10.906  1.00 26.41 ? 11   GLU A O   1 
ATOM   65   C  CB  . GLU A 1 9   ? 4.995   8.422   13.768  1.00 27.72 ? 11   GLU A CB  1 
ATOM   66   C  CG  . GLU A 1 9   ? 4.384   9.452   14.729  1.00 30.10 ? 11   GLU A CG  1 
ATOM   67   C  CD  . GLU A 1 9   ? 5.372   10.009  15.734  1.00 34.09 ? 11   GLU A CD  1 
ATOM   68   O  OE1 . GLU A 1 9   ? 6.308   9.281   16.127  1.00 37.11 ? 11   GLU A OE1 1 
ATOM   69   O  OE2 . GLU A 1 9   ? 5.213   11.184  16.156  1.00 38.56 ? 11   GLU A OE2 1 
ATOM   70   N  N   . PRO A 1 10  ? 7.610   6.945   12.684  1.00 26.78 ? 12   PRO A N   1 
ATOM   71   C  CA  . PRO A 1 10  ? 8.209   5.807   11.968  1.00 26.79 ? 12   PRO A CA  1 
ATOM   72   C  C   . PRO A 1 10  ? 7.200   4.751   11.499  1.00 26.70 ? 12   PRO A C   1 
ATOM   73   O  O   . PRO A 1 10  ? 6.064   4.651   12.004  1.00 27.11 ? 12   PRO A O   1 
ATOM   74   C  CB  . PRO A 1 10  ? 9.218   5.209   12.978  1.00 27.06 ? 12   PRO A CB  1 
ATOM   75   C  CG  . PRO A 1 10  ? 9.167   6.054   14.204  1.00 27.81 ? 12   PRO A CG  1 
ATOM   76   C  CD  . PRO A 1 10  ? 8.062   7.043   14.081  1.00 27.43 ? 12   PRO A CD  1 
ATOM   77   N  N   . ILE A 1 11  ? 7.595   3.998   10.477  1.00 25.57 ? 13   ILE A N   1 
ATOM   78   C  CA  . ILE A 1 11  ? 6.837   2.846   10.039  1.00 25.43 ? 13   ILE A CA  1 
ATOM   79   C  C   . ILE A 1 11  ? 7.018   1.728   11.075  1.00 25.23 ? 13   ILE A C   1 
ATOM   80   O  O   . ILE A 1 11  ? 8.141   1.311   11.382  1.00 23.89 ? 13   ILE A O   1 
ATOM   81   C  CB  . ILE A 1 11  ? 7.287   2.422   8.630   1.00 25.45 ? 13   ILE A CB  1 
ATOM   82   C  CG1 . ILE A 1 11  ? 6.850   3.502   7.612   1.00 25.99 ? 13   ILE A CG1 1 
ATOM   83   C  CG2 . ILE A 1 11  ? 6.721   1.053   8.255   1.00 24.76 ? 13   ILE A CG2 1 
ATOM   84   C  CD1 . ILE A 1 11  ? 7.595   3.430   6.307   1.00 28.27 ? 13   ILE A CD1 1 
ATOM   85   N  N   . VAL A 1 12  ? 5.895   1.262   11.619  1.00 24.46 ? 14   VAL A N   1 
ATOM   86   C  CA  . VAL A 1 12  ? 5.896   0.272   12.694  1.00 24.66 ? 14   VAL A CA  1 
ATOM   87   C  C   . VAL A 1 12  ? 6.404   -1.109  12.232  1.00 23.80 ? 14   VAL A C   1 
ATOM   88   O  O   . VAL A 1 12  ? 7.243   -1.715  12.896  1.00 21.95 ? 14   VAL A O   1 
ATOM   89   C  CB  . VAL A 1 12  ? 4.477   0.167   13.329  1.00 24.77 ? 14   VAL A CB  1 
ATOM   90   C  CG1 . VAL A 1 12  ? 4.397   -0.923  14.362  1.00 26.65 ? 14   VAL A CG1 1 
ATOM   91   C  CG2 . VAL A 1 12  ? 4.096   1.502   14.004  1.00 25.78 ? 14   VAL A CG2 1 
ATOM   92   N  N   . ASN A 1 13  ? 5.887   -1.585  11.105  1.00 23.62 ? 15   ASN A N   1 
ATOM   93   C  CA  . ASN A 1 13  ? 6.256   -2.889  10.503  1.00 23.78 ? 15   ASN A CA  1 
ATOM   94   C  C   . ASN A 1 13  ? 6.180   -4.083  11.449  1.00 23.77 ? 15   ASN A C   1 
ATOM   95   O  O   . ASN A 1 13  ? 7.166   -4.809  11.630  1.00 23.04 ? 15   ASN A O   1 
ATOM   96   C  CB  . ASN A 1 13  ? 7.632   -2.822  9.779   1.00 23.99 ? 15   ASN A CB  1 
ATOM   97   C  CG  . ASN A 1 13  ? 7.839   -3.969  8.774   1.00 23.92 ? 15   ASN A CG  1 
ATOM   98   O  OD1 . ASN A 1 13  ? 6.891   -4.585  8.297   1.00 26.37 ? 15   ASN A OD1 1 
ATOM   99   N  ND2 . ASN A 1 13  ? 9.113   -4.290  8.495   1.00 26.06 ? 15   ASN A ND2 1 
ATOM   100  N  N   . ASP A 1 14  ? 4.980   -4.302  12.009  1.00 23.63 ? 16   ASP A N   1 
ATOM   101  C  CA  . ASP A 1 14  ? 4.679   -5.404  12.910  1.00 23.84 ? 16   ASP A CA  1 
ATOM   102  C  C   . ASP A 1 14  ? 3.308   -5.976  12.529  1.00 23.56 ? 16   ASP A C   1 
ATOM   103  O  O   . ASP A 1 14  ? 2.288   -5.772  13.226  1.00 23.17 ? 16   ASP A O   1 
ATOM   104  C  CB  . ASP A 1 14  ? 4.708   -4.900  14.368  1.00 24.92 ? 16   ASP A CB  1 
ATOM   105  C  CG  . ASP A 1 14  ? 4.423   -5.974  15.400  1.00 27.16 ? 16   ASP A CG  1 
ATOM   106  O  OD1 . ASP A 1 14  ? 4.330   -7.179  15.061  1.00 28.78 ? 16   ASP A OD1 1 
ATOM   107  O  OD2 . ASP A 1 14  ? 4.275   -5.674  16.614  1.00 28.43 ? 16   ASP A OD2 1 
ATOM   108  N  N   . GLN A 1 15  ? 3.281   -6.660  11.389  1.00 23.42 ? 17   GLN A N   1 
ATOM   109  C  CA  . GLN A 1 15  ? 2.043   -7.257  10.861  1.00 24.13 ? 17   GLN A CA  1 
ATOM   110  C  C   . GLN A 1 15  ? 1.414   -8.226  11.870  1.00 24.33 ? 17   GLN A C   1 
ATOM   111  O  O   . GLN A 1 15  ? 0.201   -8.260  12.005  1.00 24.01 ? 17   GLN A O   1 
ATOM   112  C  CB  . GLN A 1 15  ? 2.317   -7.978  9.522   1.00 24.36 ? 17   GLN A CB  1 
ATOM   113  C  CG  . GLN A 1 15  ? 1.096   -8.641  8.892   1.00 24.66 ? 17   GLN A CG  1 
ATOM   114  C  CD  . GLN A 1 15  ? 1.422   -9.387  7.598   1.00 26.93 ? 17   GLN A CD  1 
ATOM   115  O  OE1 . GLN A 1 15  ? 2.584   -9.417  7.166   1.00 26.65 ? 17   GLN A OE1 1 
ATOM   116  N  NE2 . GLN A 1 15  ? 0.398   -9.963  6.961   1.00 26.89 ? 17   GLN A NE2 1 
ATOM   117  N  N   . ALA A 1 16  ? 2.241   -8.998  12.582  1.00 24.85 ? 18   ALA A N   1 
ATOM   118  C  CA  . ALA A 1 16  ? 1.720   -10.044 13.470  1.00 26.33 ? 18   ALA A CA  1 
ATOM   119  C  C   . ALA A 1 16  ? 0.935   -9.487  14.666  1.00 26.73 ? 18   ALA A C   1 
ATOM   120  O  O   . ALA A 1 16  ? -0.101  -10.023 15.015  1.00 26.84 ? 18   ALA A O   1 
ATOM   121  C  CB  . ALA A 1 16  ? 2.845   -10.920 13.975  1.00 27.78 ? 18   ALA A CB  1 
ATOM   122  N  N   . ASN A 1 17  ? 1.417   -8.408  15.289  1.00 25.92 ? 19   ASN A N   1 
ATOM   123  C  CA  . ASN A 1 17  ? 0.765   -7.877  16.498  1.00 26.13 ? 19   ASN A CA  1 
ATOM   124  C  C   . ASN A 1 17  ? 0.081   -6.500  16.356  1.00 25.58 ? 19   ASN A C   1 
ATOM   125  O  O   . ASN A 1 17  ? -0.685  -6.128  17.232  1.00 24.93 ? 19   ASN A O   1 
ATOM   126  C  CB  . ASN A 1 17  ? 1.765   -7.826  17.662  1.00 26.55 ? 19   ASN A CB  1 
ATOM   127  C  CG  . ASN A 1 17  ? 2.470   -9.151  17.888  1.00 28.73 ? 19   ASN A CG  1 
ATOM   128  O  OD1 . ASN A 1 17  ? 3.651   -9.294  17.567  1.00 34.30 ? 19   ASN A OD1 1 
ATOM   129  N  ND2 . ASN A 1 17  ? 1.761   -10.118 18.405  1.00 26.69 ? 19   ASN A ND2 1 
ATOM   130  N  N   . ASN A 1 18  ? 0.362   -5.749  15.285  1.00 24.57 ? 20   ASN A N   1 
ATOM   131  C  CA  . ASN A 1 18  ? -0.210  -4.415  15.058  1.00 24.98 ? 20   ASN A CA  1 
ATOM   132  C  C   . ASN A 1 18  ? -0.503  -4.156  13.556  1.00 24.24 ? 20   ASN A C   1 
ATOM   133  O  O   . ASN A 1 18  ? 0.022   -3.197  12.985  1.00 23.21 ? 20   ASN A O   1 
ATOM   134  C  CB  . ASN A 1 18  ? 0.728   -3.296  15.586  1.00 25.72 ? 20   ASN A CB  1 
ATOM   135  C  CG  . ASN A 1 18  ? 0.897   -3.317  17.084  1.00 31.45 ? 20   ASN A CG  1 
ATOM   136  O  OD1 . ASN A 1 18  ? 0.027   -2.844  17.831  1.00 38.04 ? 20   ASN A OD1 1 
ATOM   137  N  ND2 . ASN A 1 18  ? 2.026   -3.867  17.554  1.00 34.90 ? 20   ASN A ND2 1 
ATOM   138  N  N   . PRO A 1 19  ? -1.326  -4.998  12.916  1.00 23.03 ? 21   PRO A N   1 
ATOM   139  C  CA  . PRO A 1 19  ? -1.581  -4.867  11.473  1.00 23.65 ? 21   PRO A CA  1 
ATOM   140  C  C   . PRO A 1 19  ? -2.375  -3.604  11.101  1.00 23.80 ? 21   PRO A C   1 
ATOM   141  O  O   . PRO A 1 19  ? -2.474  -3.292  9.922   1.00 24.11 ? 21   PRO A O   1 
ATOM   142  C  CB  . PRO A 1 19  ? -2.405  -6.130  11.146  1.00 23.95 ? 21   PRO A CB  1 
ATOM   143  C  CG  . PRO A 1 19  ? -3.078  -6.464  12.399  1.00 23.53 ? 21   PRO A CG  1 
ATOM   144  C  CD  . PRO A 1 19  ? -2.078  -6.125  13.495  1.00 23.66 ? 21   PRO A CD  1 
ATOM   145  N  N   . ASP A 1 20  ? -2.925  -2.906  12.101  1.00 23.51 ? 22   ASP A N   1 
ATOM   146  C  CA  . ASP A 1 20  ? -3.622  -1.637  11.887  1.00 24.53 ? 22   ASP A CA  1 
ATOM   147  C  C   . ASP A 1 20  ? -2.683  -0.422  11.798  1.00 24.21 ? 22   ASP A C   1 
ATOM   148  O  O   . ASP A 1 20  ? -3.150  0.724   11.690  1.00 23.73 ? 22   ASP A O   1 
ATOM   149  C  CB  . ASP A 1 20  ? -4.691  -1.411  12.971  1.00 25.93 ? 22   ASP A CB  1 
ATOM   150  C  CG  . ASP A 1 20  ? -4.123  -1.419  14.375  1.00 28.83 ? 22   ASP A CG  1 
ATOM   151  O  OD1 . ASP A 1 20  ? -3.344  -2.345  14.770  1.00 29.85 ? 22   ASP A OD1 1 
ATOM   152  O  OD2 . ASP A 1 20  ? -4.448  -0.542  15.181  1.00 34.78 ? 22   ASP A OD2 1 
ATOM   153  N  N   . GLU A 1 21  ? -1.370  -0.690  11.859  1.00 23.98 ? 23   GLU A N   1 
ATOM   154  C  CA  . GLU A 1 21  ? -0.309  0.264   11.534  1.00 23.12 ? 23   GLU A CA  1 
ATOM   155  C  C   . GLU A 1 21  ? 0.471   -0.230  10.308  1.00 23.11 ? 23   GLU A C   1 
ATOM   156  O  O   . GLU A 1 21  ? 0.483   -1.433  10.004  1.00 23.58 ? 23   GLU A O   1 
ATOM   157  C  CB  . GLU A 1 21  ? 0.643   0.413   12.736  1.00 23.08 ? 23   GLU A CB  1 
ATOM   158  C  CG  . GLU A 1 21  ? -0.021  0.796   14.065  1.00 24.87 ? 23   GLU A CG  1 
ATOM   159  C  CD  . GLU A 1 21  ? -0.345  2.277   14.222  1.00 27.68 ? 23   GLU A CD  1 
ATOM   160  O  OE1 . GLU A 1 21  ? 0.122   3.123   13.430  1.00 25.52 ? 23   GLU A OE1 1 
ATOM   161  O  OE2 . GLU A 1 21  ? -1.081  2.600   15.185  1.00 30.11 ? 23   GLU A OE2 1 
ATOM   162  N  N   . TRP A 1 22  ? 1.109   0.689   9.575   1.00 22.96 ? 24   TRP A N   1 
ATOM   163  C  CA  . TRP A 1 22  ? 1.816   0.339   8.325   1.00 22.97 ? 24   TRP A CA  1 
ATOM   164  C  C   . TRP A 1 22  ? 2.769   -0.854  8.533   1.00 22.72 ? 24   TRP A C   1 
ATOM   165  O  O   . TRP A 1 22  ? 3.524   -0.883  9.500   1.00 23.37 ? 24   TRP A O   1 
ATOM   166  C  CB  . TRP A 1 22  ? 2.623   1.534   7.790   1.00 23.27 ? 24   TRP A CB  1 
ATOM   167  C  CG  . TRP A 1 22  ? 1.824   2.649   7.247   1.00 23.44 ? 24   TRP A CG  1 
ATOM   168  C  CD1 . TRP A 1 22  ? 1.741   3.910   7.750   1.00 25.17 ? 24   TRP A CD1 1 
ATOM   169  C  CD2 . TRP A 1 22  ? 1.010   2.637   6.062   1.00 22.81 ? 24   TRP A CD2 1 
ATOM   170  N  NE1 . TRP A 1 22  ? 0.907   4.680   6.971   1.00 26.13 ? 24   TRP A NE1 1 
ATOM   171  C  CE2 . TRP A 1 22  ? 0.446   3.926   5.927   1.00 25.18 ? 24   TRP A CE2 1 
ATOM   172  C  CE3 . TRP A 1 22  ? 0.692   1.668   5.104   1.00 24.58 ? 24   TRP A CE3 1 
ATOM   173  C  CZ2 . TRP A 1 22  ? -0.424  4.270   4.870   1.00 27.07 ? 24   TRP A CZ2 1 
ATOM   174  C  CZ3 . TRP A 1 22  ? -0.182  2.007   4.061   1.00 26.16 ? 24   TRP A CZ3 1 
ATOM   175  C  CH2 . TRP A 1 22  ? -0.740  3.292   3.971   1.00 27.35 ? 24   TRP A CH2 1 
ATOM   176  N  N   . PHE A 1 23  ? 2.717   -1.805  7.613   1.00 23.93 ? 25   PHE A N   1 
ATOM   177  C  CA  . PHE A 1 23  ? 3.664   -2.930  7.539   1.00 23.79 ? 25   PHE A CA  1 
ATOM   178  C  C   . PHE A 1 23  ? 4.032   -3.284  6.097   1.00 24.13 ? 25   PHE A C   1 
ATOM   179  O  O   . PHE A 1 23  ? 3.353   -2.895  5.137   1.00 23.01 ? 25   PHE A O   1 
ATOM   180  C  CB  . PHE A 1 23  ? 3.139   -4.173  8.296   1.00 23.42 ? 25   PHE A CB  1 
ATOM   181  C  CG  . PHE A 1 23  ? 1.897   -4.787  7.699   1.00 22.17 ? 25   PHE A CG  1 
ATOM   182  C  CD1 . PHE A 1 23  ? 1.986   -5.756  6.679   1.00 23.33 ? 25   PHE A CD1 1 
ATOM   183  C  CD2 . PHE A 1 23  ? 0.654   -4.435  8.164   1.00 23.26 ? 25   PHE A CD2 1 
ATOM   184  C  CE1 . PHE A 1 23  ? 0.851   -6.349  6.132   1.00 22.20 ? 25   PHE A CE1 1 
ATOM   185  C  CE2 . PHE A 1 23  ? -0.497  -5.014  7.624   1.00 23.54 ? 25   PHE A CE2 1 
ATOM   186  C  CZ  . PHE A 1 23  ? -0.404  -5.972  6.593   1.00 24.24 ? 25   PHE A CZ  1 
ATOM   187  N  N   . ILE A 1 24  ? 5.158   -3.983  5.949   1.00 24.67 ? 26   ILE A N   1 
ATOM   188  C  CA  . ILE A 1 24  ? 5.617   -4.483  4.646   1.00 24.09 ? 26   ILE A CA  1 
ATOM   189  C  C   . ILE A 1 24  ? 5.626   -6.019  4.696   1.00 23.68 ? 26   ILE A C   1 
ATOM   190  O  O   . ILE A 1 24  ? 6.104   -6.631  5.699   1.00 22.70 ? 26   ILE A O   1 
ATOM   191  C  CB  . ILE A 1 24  ? 7.046   -3.948  4.360   1.00 25.01 ? 26   ILE A CB  1 
ATOM   192  C  CG1 . ILE A 1 24  ? 7.026   -2.419  4.231   1.00 27.19 ? 26   ILE A CG1 1 
ATOM   193  C  CG2 . ILE A 1 24  ? 7.608   -4.588  3.089   1.00 26.34 ? 26   ILE A CG2 1 
ATOM   194  C  CD1 . ILE A 1 24  ? 8.387   -1.763  4.313   1.00 28.01 ? 26   ILE A CD1 1 
ATOM   195  N  N   . TRP A 1 25  ? 5.104   -6.645  3.635   1.00 23.91 ? 27   TRP A N   1 
ATOM   196  C  CA  . TRP A 1 25  ? 5.150   -8.098  3.421   1.00 22.70 ? 27   TRP A CA  1 
ATOM   197  C  C   . TRP A 1 25  ? 5.961   -8.359  2.134   1.00 23.32 ? 27   TRP A C   1 
ATOM   198  O  O   . TRP A 1 25  ? 5.724   -7.711  1.096   1.00 21.45 ? 27   TRP A O   1 
ATOM   199  C  CB  . TRP A 1 25  ? 3.729   -8.672  3.275   1.00 23.19 ? 27   TRP A CB  1 
ATOM   200  C  CG  . TRP A 1 25  ? 3.652   -10.177 3.143   1.00 21.35 ? 27   TRP A CG  1 
ATOM   201  C  CD1 . TRP A 1 25  ? 3.480   -11.090 4.152   1.00 22.26 ? 27   TRP A CD1 1 
ATOM   202  C  CD2 . TRP A 1 25  ? 3.725   -10.935 1.927   1.00 21.65 ? 27   TRP A CD2 1 
ATOM   203  N  NE1 . TRP A 1 25  ? 3.476   -12.368 3.644   1.00 23.88 ? 27   TRP A NE1 1 
ATOM   204  C  CE2 . TRP A 1 25  ? 3.604   -12.302 2.273   1.00 23.09 ? 27   TRP A CE2 1 
ATOM   205  C  CE3 . TRP A 1 25  ? 3.897   -10.597 0.566   1.00 22.12 ? 27   TRP A CE3 1 
ATOM   206  C  CZ2 . TRP A 1 25  ? 3.640   -13.319 1.319   1.00 21.77 ? 27   TRP A CZ2 1 
ATOM   207  C  CZ3 . TRP A 1 25  ? 3.908   -11.597 -0.379  1.00 21.45 ? 27   TRP A CZ3 1 
ATOM   208  C  CH2 . TRP A 1 25  ? 3.807   -12.950 -0.004  1.00 20.63 ? 27   TRP A CH2 1 
ATOM   209  N  N   . GLN A 1 26  ? 6.917   -9.297  2.193   1.00 22.47 ? 28   GLN A N   1 
ATOM   210  C  CA  . GLN A 1 26  ? 7.716   -9.655  1.017   1.00 22.14 ? 28   GLN A CA  1 
ATOM   211  C  C   . GLN A 1 26  ? 7.775   -11.178 0.786   1.00 21.77 ? 28   GLN A C   1 
ATOM   212  O  O   . GLN A 1 26  ? 8.030   -11.959 1.712   1.00 21.72 ? 28   GLN A O   1 
ATOM   213  C  CB  . GLN A 1 26  ? 9.123   -9.061  1.112   1.00 22.13 ? 28   GLN A CB  1 
ATOM   214  C  CG  . GLN A 1 26  ? 9.958   -9.468  2.313   1.00 21.96 ? 28   GLN A CG  1 
ATOM   215  C  CD  . GLN A 1 26  ? 11.280  -8.668  2.455   1.00 23.73 ? 28   GLN A CD  1 
ATOM   216  O  OE1 . GLN A 1 26  ? 11.385  -7.517  2.013   1.00 23.13 ? 28   GLN A OE1 1 
ATOM   217  N  NE2 . GLN A 1 26  ? 12.281  -9.288  3.062   1.00 23.79 ? 28   GLN A NE2 1 
ATOM   218  N  N   . ALA A 1 27  ? 7.577   -11.574 -0.468  1.00 21.48 ? 29   ALA A N   1 
ATOM   219  C  CA  . ALA A 1 27  ? 7.479   -12.974 -0.839  1.00 21.10 ? 29   ALA A CA  1 
ATOM   220  C  C   . ALA A 1 27  ? 8.762   -13.782 -0.591  1.00 20.36 ? 29   ALA A C   1 
ATOM   221  O  O   . ALA A 1 27  ? 8.705   -15.005 -0.382  1.00 20.10 ? 29   ALA A O   1 
ATOM   222  C  CB  . ALA A 1 27  ? 6.985   -13.110 -2.318  1.00 21.38 ? 29   ALA A CB  1 
ATOM   223  N  N   . GLY A 1 28  ? 9.915   -13.110 -0.561  1.00 20.46 ? 30   GLY A N   1 
ATOM   224  C  CA  . GLY A 1 28  ? 11.179  -13.756 -0.255  1.00 19.66 ? 30   GLY A CA  1 
ATOM   225  C  C   . GLY A 1 28  ? 11.248  -14.392 1.116   1.00 20.25 ? 30   GLY A C   1 
ATOM   226  O  O   . GLY A 1 28  ? 12.061  -15.319 1.333   1.00 20.81 ? 30   GLY A O   1 
ATOM   227  N  N   . ASP A 1 29  ? 10.432  -13.886 2.049   1.00 20.04 ? 31   ASP A N   1 
ATOM   228  C  CA  . ASP A 1 29  ? 10.397  -14.397 3.430   1.00 20.26 ? 31   ASP A CA  1 
ATOM   229  C  C   . ASP A 1 29  ? 9.580   -15.708 3.560   1.00 20.16 ? 31   ASP A C   1 
ATOM   230  O  O   . ASP A 1 29  ? 9.522   -16.314 4.643   1.00 18.40 ? 31   ASP A O   1 
ATOM   231  C  CB  . ASP A 1 29  ? 9.805   -13.343 4.385   1.00 20.76 ? 31   ASP A CB  1 
ATOM   232  C  CG  . ASP A 1 29  ? 10.724  -12.120 4.619   1.00 23.49 ? 31   ASP A CG  1 
ATOM   233  O  OD1 . ASP A 1 29  ? 11.882  -12.040 4.118   1.00 21.80 ? 31   ASP A OD1 1 
ATOM   234  O  OD2 . ASP A 1 29  ? 10.310  -11.161 5.311   1.00 24.68 ? 31   ASP A OD2 1 
ATOM   235  N  N   . TYR A 1 30  ? 8.983   -16.150 2.452   1.00 19.51 ? 32   TYR A N   1 
ATOM   236  C  CA  . TYR A 1 30  ? 7.992   -17.246 2.452   1.00 20.55 ? 32   TYR A CA  1 
ATOM   237  C  C   . TYR A 1 30  ? 8.251   -18.367 1.404   1.00 20.35 ? 32   TYR A C   1 
ATOM   238  O  O   . TYR A 1 30  ? 7.399   -19.228 1.214   1.00 19.21 ? 32   TYR A O   1 
ATOM   239  C  CB  . TYR A 1 30  ? 6.576   -16.644 2.297   1.00 21.08 ? 32   TYR A CB  1 
ATOM   240  C  CG  . TYR A 1 30  ? 6.218   -15.781 3.498   1.00 22.28 ? 32   TYR A CG  1 
ATOM   241  C  CD1 . TYR A 1 30  ? 5.679   -16.350 4.653   1.00 27.14 ? 32   TYR A CD1 1 
ATOM   242  C  CD2 . TYR A 1 30  ? 6.471   -14.419 3.502   1.00 23.57 ? 32   TYR A CD2 1 
ATOM   243  C  CE1 . TYR A 1 30  ? 5.391   -15.560 5.770   1.00 28.59 ? 32   TYR A CE1 1 
ATOM   244  C  CE2 . TYR A 1 30  ? 6.189   -13.631 4.605   1.00 24.79 ? 32   TYR A CE2 1 
ATOM   245  C  CZ  . TYR A 1 30  ? 5.644   -14.195 5.733   1.00 29.39 ? 32   TYR A CZ  1 
ATOM   246  O  OH  . TYR A 1 30  ? 5.385   -13.392 6.841   1.00 33.15 ? 32   TYR A OH  1 
ATOM   247  N  N   . GLY A 1 31  ? 9.432   -18.364 0.760   1.00 19.40 ? 33   GLY A N   1 
ATOM   248  C  CA  . GLY A 1 31  ? 9.796   -19.377 -0.224  1.00 18.70 ? 33   GLY A CA  1 
ATOM   249  C  C   . GLY A 1 31  ? 9.054   -19.267 -1.568  1.00 19.39 ? 33   GLY A C   1 
ATOM   250  O  O   . GLY A 1 31  ? 9.051   -20.237 -2.347  1.00 18.51 ? 33   GLY A O   1 
ATOM   251  N  N   . ILE A 1 32  ? 8.463   -18.101 -1.850  1.00 19.96 ? 34   ILE A N   1 
ATOM   252  C  CA  . ILE A 1 32  ? 7.616   -17.880 -3.042  1.00 21.71 ? 34   ILE A CA  1 
ATOM   253  C  C   . ILE A 1 32  ? 8.423   -17.341 -4.229  1.00 21.86 ? 34   ILE A C   1 
ATOM   254  O  O   . ILE A 1 32  ? 8.232   -17.796 -5.371  1.00 21.71 ? 34   ILE A O   1 
ATOM   255  C  CB  . ILE A 1 32  ? 6.431   -16.964 -2.687  1.00 22.00 ? 34   ILE A CB  1 
ATOM   256  C  CG1 . ILE A 1 32  ? 5.431   -17.748 -1.802  1.00 23.75 ? 34   ILE A CG1 1 
ATOM   257  C  CG2 . ILE A 1 32  ? 5.716   -16.407 -3.941  1.00 23.39 ? 34   ILE A CG2 1 
ATOM   258  C  CD1 . ILE A 1 32  ? 4.481   -16.865 -1.060  1.00 25.81 ? 34   ILE A CD1 1 
ATOM   259  N  N   . SER A 1 33  ? 9.299   -16.374 -3.956  1.00 21.03 ? 35   SER A N   1 
ATOM   260  C  CA  . SER A 1 33  ? 10.235  -15.816 -4.955  1.00 21.26 ? 35   SER A CA  1 
ATOM   261  C  C   . SER A 1 33  ? 11.430  -15.211 -4.214  1.00 21.31 ? 35   SER A C   1 
ATOM   262  O  O   . SER A 1 33  ? 11.613  -15.485 -3.035  1.00 20.30 ? 35   SER A O   1 
ATOM   263  C  CB  . SER A 1 33  ? 9.552   -14.755 -5.832  1.00 21.47 ? 35   SER A CB  1 
ATOM   264  O  OG  . SER A 1 33  ? 9.233   -13.578 -5.099  1.00 20.29 ? 35   SER A OG  1 
ATOM   265  N  N   . GLY A 1 34  ? 12.250  -14.431 -4.915  1.00 20.97 ? 36   GLY A N   1 
ATOM   266  C  CA  . GLY A 1 34  ? 13.360  -13.701 -4.312  1.00 21.47 ? 36   GLY A CA  1 
ATOM   267  C  C   . GLY A 1 34  ? 12.998  -12.298 -3.788  1.00 21.46 ? 36   GLY A C   1 
ATOM   268  O  O   . GLY A 1 34  ? 13.897  -11.554 -3.356  1.00 21.20 ? 36   GLY A O   1 
ATOM   269  N  N   . ALA A 1 35  ? 11.715  -11.923 -3.830  1.00 22.25 ? 37   ALA A N   1 
ATOM   270  C  CA  . ALA A 1 35  ? 11.294  -10.536 -3.539  1.00 22.61 ? 37   ALA A CA  1 
ATOM   271  C  C   . ALA A 1 35  ? 11.797  -10.028 -2.153  1.00 23.32 ? 37   ALA A C   1 
ATOM   272  O  O   . ALA A 1 35  ? 11.553  -10.648 -1.104  1.00 22.39 ? 37   ALA A O   1 
ATOM   273  C  CB  . ALA A 1 35  ? 9.768   -10.382 -3.680  1.00 22.65 ? 37   ALA A CB  1 
ATOM   274  N  N   . ARG A 1 36  ? 12.486  -8.892  -2.178  1.00 24.17 ? 38   ARG A N   1 
ATOM   275  C  CA  . ARG A 1 36  ? 13.170  -8.350  -1.017  1.00 25.49 ? 38   ARG A CA  1 
ATOM   276  C  C   . ARG A 1 36  ? 13.275  -6.822  -1.066  1.00 24.70 ? 38   ARG A C   1 
ATOM   277  O  O   . ARG A 1 36  ? 13.688  -6.268  -2.080  1.00 24.20 ? 38   ARG A O   1 
ATOM   278  C  CB  . ARG A 1 36  ? 14.594  -8.939  -0.959  1.00 26.11 ? 38   ARG A CB  1 
ATOM   279  C  CG  . ARG A 1 36  ? 15.457  -8.633  0.299   1.00 32.19 ? 38   ARG A CG  1 
ATOM   280  C  CD  . ARG A 1 36  ? 16.987  -9.193  0.224   1.00 35.12 ? 38   ARG A CD  1 
ATOM   281  N  NE  . ARG A 1 36  ? 17.139  -10.107 -0.931  1.00 41.56 ? 38   ARG A NE  1 
ATOM   282  C  CZ  . ARG A 1 36  ? 16.569  -11.330 -1.015  1.00 44.85 ? 38   ARG A CZ  1 
ATOM   283  N  NH1 . ARG A 1 36  ? 15.876  -11.820 0.016   1.00 46.70 ? 38   ARG A NH1 1 
ATOM   284  N  NH2 . ARG A 1 36  ? 16.690  -12.069 -2.124  1.00 45.84 ? 38   ARG A NH2 1 
ATOM   285  N  N   . VAL A 1 37  ? 13.026  -6.202  0.091   1.00 24.57 ? 39   VAL A N   1 
ATOM   286  C  CA  . VAL A 1 37  ? 13.223  -4.781  0.354   1.00 24.22 ? 39   VAL A CA  1 
ATOM   287  C  C   . VAL A 1 37  ? 14.510  -4.651  1.202   1.00 25.21 ? 39   VAL A C   1 
ATOM   288  O  O   . VAL A 1 37  ? 14.628  -5.289  2.264   1.00 25.39 ? 39   VAL A O   1 
ATOM   289  C  CB  . VAL A 1 37  ? 11.978  -4.222  1.141   1.00 24.23 ? 39   VAL A CB  1 
ATOM   290  C  CG1 . VAL A 1 37  ? 12.295  -2.886  1.830   1.00 25.46 ? 39   VAL A CG1 1 
ATOM   291  C  CG2 . VAL A 1 37  ? 10.763  -4.108  0.251   1.00 22.95 ? 39   VAL A CG2 1 
ATOM   292  N  N   . SER A 1 38  ? 15.481  -3.877  0.709   1.00 24.76 ? 40   SER A N   1 
ATOM   293  C  CA  . SER A 1 38  ? 16.779  -3.699  1.364   1.00 24.73 ? 40   SER A CA  1 
ATOM   294  C  C   . SER A 1 38  ? 16.791  -2.633  2.465   1.00 24.91 ? 40   SER A C   1 
ATOM   295  O  O   . SER A 1 38  ? 17.658  -2.667  3.350   1.00 23.76 ? 40   SER A O   1 
ATOM   296  C  CB  . SER A 1 38  ? 17.874  -3.321  0.352   1.00 25.19 ? 40   SER A CB  1 
ATOM   297  O  OG  . SER A 1 38  ? 17.555  -2.132  -0.352  1.00 24.92 ? 40   SER A OG  1 
ATOM   298  N  N   . ASP A 1 39  ? 15.890  -1.660  2.355   1.00 24.47 ? 41   ASP A N   1 
ATOM   299  C  CA  . ASP A 1 39  ? 15.820  -0.521  3.272   1.00 24.86 ? 41   ASP A CA  1 
ATOM   300  C  C   . ASP A 1 39  ? 14.439  0.158   3.206   1.00 24.71 ? 41   ASP A C   1 
ATOM   301  O  O   . ASP A 1 39  ? 13.766  0.167   2.144   1.00 24.50 ? 41   ASP A O   1 
ATOM   302  C  CB  . ASP A 1 39  ? 16.911  0.502   2.918   1.00 25.30 ? 41   ASP A CB  1 
ATOM   303  C  CG  . ASP A 1 39  ? 17.152  1.510   4.032   1.00 29.25 ? 41   ASP A CG  1 
ATOM   304  O  OD1 . ASP A 1 39  ? 16.906  1.181   5.222   1.00 32.61 ? 41   ASP A OD1 1 
ATOM   305  O  OD2 . ASP A 1 39  ? 17.590  2.652   3.812   1.00 35.54 ? 41   ASP A OD2 1 
ATOM   306  N  N   . TYR A 1 40  ? 13.972  0.665   4.351   1.00 24.10 ? 42   TYR A N   1 
ATOM   307  C  CA  . TYR A 1 40  ? 12.757  1.516   4.389   1.00 23.43 ? 42   TYR A CA  1 
ATOM   308  C  C   . TYR A 1 40  ? 12.844  2.494   5.573   1.00 23.59 ? 42   TYR A C   1 
ATOM   309  O  O   . TYR A 1 40  ? 13.671  2.322   6.482   1.00 21.81 ? 42   TYR A O   1 
ATOM   310  C  CB  . TYR A 1 40  ? 11.470  0.678   4.468   1.00 23.53 ? 42   TYR A CB  1 
ATOM   311  C  CG  . TYR A 1 40  ? 11.333  -0.080  5.787   1.00 25.27 ? 42   TYR A CG  1 
ATOM   312  C  CD1 . TYR A 1 40  ? 11.908  -1.344  5.960   1.00 26.07 ? 42   TYR A CD1 1 
ATOM   313  C  CD2 . TYR A 1 40  ? 10.694  0.497   6.884   1.00 26.86 ? 42   TYR A CD2 1 
ATOM   314  C  CE1 . TYR A 1 40  ? 11.811  -2.033  7.191   1.00 26.70 ? 42   TYR A CE1 1 
ATOM   315  C  CE2 . TYR A 1 40  ? 10.606  -0.175  8.125   1.00 26.59 ? 42   TYR A CE2 1 
ATOM   316  C  CZ  . TYR A 1 40  ? 11.180  -1.432  8.271   1.00 25.61 ? 42   TYR A CZ  1 
ATOM   317  O  OH  . TYR A 1 40  ? 11.096  -2.097  9.478   1.00 23.34 ? 42   TYR A OH  1 
ATOM   318  N  N   . GLY A 1 41  ? 12.000  3.523   5.561   1.00 23.57 ? 43   GLY A N   1 
ATOM   319  C  CA  . GLY A 1 41  ? 11.949  4.476   6.663   1.00 24.10 ? 43   GLY A CA  1 
ATOM   320  C  C   . GLY A 1 41  ? 11.146  5.729   6.366   1.00 24.45 ? 43   GLY A C   1 
ATOM   321  O  O   . GLY A 1 41  ? 10.451  5.789   5.354   1.00 24.77 ? 43   GLY A O   1 
ATOM   322  N  N   . VAL A 1 42  ? 11.232  6.707   7.269   1.00 24.83 ? 44   VAL A N   1 
ATOM   323  C  CA  . VAL A 1 42  ? 10.632  8.022   7.073   1.00 25.43 ? 44   VAL A CA  1 
ATOM   324  C  C   . VAL A 1 42  ? 11.676  9.094   7.268   1.00 25.97 ? 44   VAL A C   1 
ATOM   325  O  O   . VAL A 1 42  ? 12.554  8.996   8.145   1.00 24.21 ? 44   VAL A O   1 
ATOM   326  C  CB  . VAL A 1 42  ? 9.407   8.313   8.024   1.00 25.62 ? 44   VAL A CB  1 
ATOM   327  C  CG1 . VAL A 1 42  ? 8.317   7.231   7.841   1.00 24.99 ? 44   VAL A CG1 1 
ATOM   328  C  CG2 . VAL A 1 42  ? 9.840   8.470   9.505   1.00 27.73 ? 44   VAL A CG2 1 
ATOM   329  N  N   . ARG A 1 43  ? 11.608  10.104  6.413   1.00 27.22 ? 45   ARG A N   1 
ATOM   330  C  CA  . ARG A 1 43  ? 12.412  11.313  6.589   1.00 28.00 ? 45   ARG A CA  1 
ATOM   331  C  C   . ARG A 1 43  ? 11.727  12.535  5.982   1.00 27.29 ? 45   ARG A C   1 
ATOM   332  O  O   . ARG A 1 43  ? 11.062  12.448  4.942   1.00 26.58 ? 45   ARG A O   1 
ATOM   333  C  CB  . ARG A 1 43  ? 13.844  11.139  6.048   1.00 29.72 ? 45   ARG A CB  1 
ATOM   334  C  CG  . ARG A 1 43  ? 14.056  11.126  4.505   1.00 33.08 ? 45   ARG A CG  1 
ATOM   335  C  CD  . ARG A 1 43  ? 15.559  11.421  4.042   1.00 37.86 ? 45   ARG A CD  1 
ATOM   336  N  NE  . ARG A 1 43  ? 16.507  10.341  4.387   1.00 43.51 ? 45   ARG A NE  1 
ATOM   337  C  CZ  . ARG A 1 43  ? 16.771  9.230   3.640   1.00 46.64 ? 45   ARG A CZ  1 
ATOM   338  N  NH1 . ARG A 1 43  ? 16.184  8.995   2.458   1.00 45.98 ? 45   ARG A NH1 1 
ATOM   339  N  NH2 . ARG A 1 43  ? 17.652  8.337   4.097   1.00 48.32 ? 45   ARG A NH2 1 
ATOM   340  N  N   . ASP A 1 44  ? 11.882  13.677  6.650   1.00 26.68 ? 46   ASP A N   1 
ATOM   341  C  CA  . ASP A 1 44  ? 11.322  14.941  6.163   1.00 26.75 ? 46   ASP A CA  1 
ATOM   342  C  C   . ASP A 1 44  ? 9.836   14.857  5.783   1.00 25.09 ? 46   ASP A C   1 
ATOM   343  O  O   . ASP A 1 44  ? 9.421   15.485  4.834   1.00 25.26 ? 46   ASP A O   1 
ATOM   344  C  CB  . ASP A 1 44  ? 12.114  15.438  4.949   1.00 26.82 ? 46   ASP A CB  1 
ATOM   345  C  CG  . ASP A 1 44  ? 13.568  15.688  5.277   1.00 29.14 ? 46   ASP A CG  1 
ATOM   346  O  OD1 . ASP A 1 44  ? 13.854  16.095  6.426   1.00 28.91 ? 46   ASP A OD1 1 
ATOM   347  O  OD2 . ASP A 1 44  ? 14.486  15.522  4.441   1.00 33.25 ? 46   ASP A OD2 1 
ATOM   348  N  N   . GLY A 1 45  ? 9.057   14.085  6.529   1.00 24.30 ? 47   GLY A N   1 
ATOM   349  C  CA  . GLY A 1 45  ? 7.612   14.020  6.335   1.00 23.71 ? 47   GLY A CA  1 
ATOM   350  C  C   . GLY A 1 45  ? 7.061   13.065  5.287   1.00 23.16 ? 47   GLY A C   1 
ATOM   351  O  O   . GLY A 1 45  ? 5.851   13.132  4.968   1.00 21.77 ? 47   GLY A O   1 
ATOM   352  N  N   . TYR A 1 46  ? 7.916   12.200  4.743   1.00 22.60 ? 48   TYR A N   1 
ATOM   353  C  CA  . TYR A 1 46  ? 7.506   11.195  3.750   1.00 23.06 ? 48   TYR A CA  1 
ATOM   354  C  C   . TYR A 1 46  ? 8.136   9.824   4.043   1.00 22.97 ? 48   TYR A C   1 
ATOM   355  O  O   . TYR A 1 46  ? 9.139   9.738   4.743   1.00 23.21 ? 48   TYR A O   1 
ATOM   356  C  CB  . TYR A 1 46  ? 7.844   11.656  2.318   1.00 23.08 ? 48   TYR A CB  1 
ATOM   357  C  CG  . TYR A 1 46  ? 9.314   11.887  2.063   1.00 23.02 ? 48   TYR A CG  1 
ATOM   358  C  CD1 . TYR A 1 46  ? 10.176  10.824  1.811   1.00 24.00 ? 48   TYR A CD1 1 
ATOM   359  C  CD2 . TYR A 1 46  ? 9.844   13.173  2.078   1.00 23.81 ? 48   TYR A CD2 1 
ATOM   360  C  CE1 . TYR A 1 46  ? 11.554  11.047  1.579   1.00 25.25 ? 48   TYR A CE1 1 
ATOM   361  C  CE2 . TYR A 1 46  ? 11.209  13.412  1.853   1.00 27.82 ? 48   TYR A CE2 1 
ATOM   362  C  CZ  . TYR A 1 46  ? 12.064  12.330  1.599   1.00 27.78 ? 48   TYR A CZ  1 
ATOM   363  O  OH  . TYR A 1 46  ? 13.435  12.540  1.400   1.00 23.36 ? 48   TYR A OH  1 
ATOM   364  N  N   . ALA A 1 47  ? 7.480   8.779   3.552   1.00 23.22 ? 49   ALA A N   1 
ATOM   365  C  CA  . ALA A 1 47  ? 7.971   7.391   3.556   1.00 23.89 ? 49   ALA A CA  1 
ATOM   366  C  C   . ALA A 1 47  ? 8.815   7.050   2.299   1.00 24.19 ? 49   ALA A C   1 
ATOM   367  O  O   . ALA A 1 47  ? 8.525   7.535   1.196   1.00 23.56 ? 49   ALA A O   1 
ATOM   368  C  CB  . ALA A 1 47  ? 6.792   6.436   3.628   1.00 23.93 ? 49   ALA A CB  1 
ATOM   369  N  N   . TYR A 1 48  ? 9.867   6.249   2.492   1.00 23.75 ? 50   TYR A N   1 
ATOM   370  C  CA  . TYR A 1 48  ? 10.636  5.647   1.386   1.00 23.88 ? 50   TYR A CA  1 
ATOM   371  C  C   . TYR A 1 48  ? 10.795  4.113   1.567   1.00 23.86 ? 50   TYR A C   1 
ATOM   372  O  O   . TYR A 1 48  ? 10.988  3.624   2.687   1.00 23.00 ? 50   TYR A O   1 
ATOM   373  C  CB  . TYR A 1 48  ? 11.996  6.311   1.209   1.00 23.41 ? 50   TYR A CB  1 
ATOM   374  C  CG  . TYR A 1 48  ? 12.920  6.152   2.406   1.00 25.15 ? 50   TYR A CG  1 
ATOM   375  C  CD1 . TYR A 1 48  ? 12.825  7.006   3.496   1.00 26.33 ? 50   TYR A CD1 1 
ATOM   376  C  CD2 . TYR A 1 48  ? 13.883  5.141   2.456   1.00 27.07 ? 50   TYR A CD2 1 
ATOM   377  C  CE1 . TYR A 1 48  ? 13.658  6.866   4.598   1.00 27.98 ? 50   TYR A CE1 1 
ATOM   378  C  CE2 . TYR A 1 48  ? 14.734  4.993   3.576   1.00 26.98 ? 50   TYR A CE2 1 
ATOM   379  C  CZ  . TYR A 1 48  ? 14.597  5.853   4.633   1.00 27.45 ? 50   TYR A CZ  1 
ATOM   380  O  OH  . TYR A 1 48  ? 15.394  5.728   5.738   1.00 28.17 ? 50   TYR A OH  1 
ATOM   381  N  N   . ILE A 1 49  ? 10.692  3.367   0.457   1.00 23.92 ? 51   ILE A N   1 
ATOM   382  C  CA  . ILE A 1 49  ? 10.884  1.910   0.439   1.00 23.48 ? 51   ILE A CA  1 
ATOM   383  C  C   . ILE A 1 49  ? 11.817  1.544   -0.721  1.00 23.82 ? 51   ILE A C   1 
ATOM   384  O  O   . ILE A 1 49  ? 11.500  1.783   -1.884  1.00 23.59 ? 51   ILE A O   1 
ATOM   385  C  CB  . ILE A 1 49  ? 9.533   1.212   0.293   1.00 23.50 ? 51   ILE A CB  1 
ATOM   386  C  CG1 . ILE A 1 49  ? 8.692   1.496   1.517   1.00 24.24 ? 51   ILE A CG1 1 
ATOM   387  C  CG2 . ILE A 1 49  ? 9.694   -0.300  0.120   1.00 23.60 ? 51   ILE A CG2 1 
ATOM   388  C  CD1 . ILE A 1 49  ? 7.247   1.059   1.335   1.00 26.84 ? 51   ILE A CD1 1 
ATOM   389  N  N   . THR A 1 50  ? 12.985  0.993   -0.392  1.00 24.33 ? 52   THR A N   1 
ATOM   390  C  CA  . THR A 1 50  ? 13.991  0.621   -1.386  1.00 24.64 ? 52   THR A CA  1 
ATOM   391  C  C   . THR A 1 50  ? 13.930  -0.869  -1.729  1.00 25.31 ? 52   THR A C   1 
ATOM   392  O  O   . THR A 1 50  ? 14.160  -1.724  -0.871  1.00 24.81 ? 52   THR A O   1 
ATOM   393  C  CB  . THR A 1 50  ? 15.382  1.004   -0.880  1.00 24.58 ? 52   THR A CB  1 
ATOM   394  O  OG1 . THR A 1 50  ? 15.415  2.424   -0.727  1.00 23.69 ? 52   THR A OG1 1 
ATOM   395  C  CG2 . THR A 1 50  ? 16.446  0.723   -1.928  1.00 26.32 ? 52   THR A CG2 1 
ATOM   396  N  N   . ILE A 1 51  ? 13.617  -1.153  -2.992  1.00 25.58 ? 53   ILE A N   1 
ATOM   397  C  CA  . ILE A 1 51  ? 13.473  -2.519  -3.491  1.00 26.95 ? 53   ILE A CA  1 
ATOM   398  C  C   . ILE A 1 51  ? 14.811  -3.043  -4.047  1.00 26.24 ? 53   ILE A C   1 
ATOM   399  O  O   . ILE A 1 51  ? 15.407  -2.425  -4.924  1.00 27.67 ? 53   ILE A O   1 
ATOM   400  C  CB  . ILE A 1 51  ? 12.362  -2.575  -4.595  1.00 27.18 ? 53   ILE A CB  1 
ATOM   401  C  CG1 . ILE A 1 51  ? 11.011  -2.104  -4.055  1.00 30.18 ? 53   ILE A CG1 1 
ATOM   402  C  CG2 . ILE A 1 51  ? 12.236  -4.007  -5.172  1.00 28.11 ? 53   ILE A CG2 1 
ATOM   403  C  CD1 . ILE A 1 51  ? 9.988   -1.859  -5.123  1.00 32.32 ? 53   ILE A CD1 1 
ATOM   404  N  N   . ALA A 1 52  ? 15.285  -4.169  -3.514  1.00 25.44 ? 54   ALA A N   1 
ATOM   405  C  CA  . ALA A 1 52  ? 16.441  -4.882  -4.056  1.00 25.44 ? 54   ALA A CA  1 
ATOM   406  C  C   . ALA A 1 52  ? 16.071  -5.943  -5.114  1.00 25.07 ? 54   ALA A C   1 
ATOM   407  O  O   . ALA A 1 52  ? 16.795  -6.107  -6.097  1.00 24.76 ? 54   ALA A O   1 
ATOM   408  C  CB  . ALA A 1 52  ? 17.282  -5.523  -2.927  1.00 25.96 ? 54   ALA A CB  1 
ATOM   409  N  N   . ASP A 1 53  ? 14.972  -6.661  -4.906  1.00 23.57 ? 55   ASP A N   1 
ATOM   410  C  CA  . ASP A 1 53  ? 14.540  -7.721  -5.820  1.00 23.81 ? 55   ASP A CA  1 
ATOM   411  C  C   . ASP A 1 53  ? 13.006  -7.638  -5.906  1.00 23.12 ? 55   ASP A C   1 
ATOM   412  O  O   . ASP A 1 53  ? 12.335  -7.728  -4.886  1.00 22.26 ? 55   ASP A O   1 
ATOM   413  C  CB  . ASP A 1 53  ? 15.043  -9.093  -5.303  1.00 23.99 ? 55   ASP A CB  1 
ATOM   414  C  CG  . ASP A 1 53  ? 14.667  -10.281 -6.227  1.00 26.26 ? 55   ASP A CG  1 
ATOM   415  O  OD1 . ASP A 1 53  ? 13.524  -10.359 -6.767  1.00 25.38 ? 55   ASP A OD1 1 
ATOM   416  O  OD2 . ASP A 1 53  ? 15.467  -11.218 -6.431  1.00 26.89 ? 55   ASP A OD2 1 
ATOM   417  N  N   . PRO A 1 54  ? 12.454  -7.389  -7.088  1.00 22.95 ? 56   PRO A N   1 
ATOM   418  C  CA  . PRO A 1 54  ? 11.026  -7.134  -7.193  1.00 23.68 ? 56   PRO A CA  1 
ATOM   419  C  C   . PRO A 1 54  ? 10.109  -8.374  -7.233  1.00 23.92 ? 56   PRO A C   1 
ATOM   420  O  O   . PRO A 1 54  ? 8.882   -8.211  -7.229  1.00 23.19 ? 56   PRO A O   1 
ATOM   421  C  CB  . PRO A 1 54  ? 10.921  -6.371  -8.518  1.00 24.35 ? 56   PRO A CB  1 
ATOM   422  C  CG  . PRO A 1 54  ? 11.928  -6.888  -9.317  1.00 24.94 ? 56   PRO A CG  1 
ATOM   423  C  CD  . PRO A 1 54  ? 13.123  -7.279  -8.402  1.00 24.78 ? 56   PRO A CD  1 
ATOM   424  N  N   . GLY A 1 55  ? 10.658  -9.582  -7.277  1.00 23.96 ? 57   GLY A N   1 
ATOM   425  C  CA  . GLY A 1 55  ? 9.802   -10.760 -7.417  1.00 24.30 ? 57   GLY A CA  1 
ATOM   426  C  C   . GLY A 1 55  ? 9.222   -10.861 -8.830  1.00 24.96 ? 57   GLY A C   1 
ATOM   427  O  O   . GLY A 1 55  ? 9.684   -10.153 -9.753  1.00 24.89 ? 57   GLY A O   1 
ATOM   428  N  N   . THR A 1 56  ? 8.205   -11.712 -9.000  1.00 24.41 ? 58   THR A N   1 
ATOM   429  C  CA  . THR A 1 56  ? 7.654   -12.058 -10.315 1.00 24.41 ? 58   THR A CA  1 
ATOM   430  C  C   . THR A 1 56  ? 6.138   -11.815 -10.425 1.00 25.21 ? 58   THR A C   1 
ATOM   431  O  O   . THR A 1 56  ? 5.510   -12.192 -11.424 1.00 25.01 ? 58   THR A O   1 
ATOM   432  C  CB  . THR A 1 56  ? 7.981   -13.533 -10.642 1.00 24.91 ? 58   THR A CB  1 
ATOM   433  O  OG1 . THR A 1 56  ? 7.542   -14.373 -9.568  1.00 24.26 ? 58   THR A OG1 1 
ATOM   434  C  CG2 . THR A 1 56  ? 9.523   -13.779 -10.659 1.00 26.18 ? 58   THR A CG2 1 
ATOM   435  N  N   . ASP A 1 57  ? 5.566   -11.184 -9.415  1.00 24.08 ? 59   ASP A N   1 
ATOM   436  C  CA  . ASP A 1 57  ? 4.191   -10.665 -9.484  1.00 25.55 ? 59   ASP A CA  1 
ATOM   437  C  C   . ASP A 1 57  ? 4.047   -9.413  -8.656  1.00 23.99 ? 59   ASP A C   1 
ATOM   438  O  O   . ASP A 1 57  ? 4.855   -9.157  -7.770  1.00 24.21 ? 59   ASP A O   1 
ATOM   439  C  CB  . ASP A 1 57  ? 3.163   -11.700 -9.040  1.00 26.21 ? 59   ASP A CB  1 
ATOM   440  C  CG  . ASP A 1 57  ? 1.853   -11.606 -9.846  1.00 32.86 ? 59   ASP A CG  1 
ATOM   441  O  OD1 . ASP A 1 57  ? 1.468   -10.482 -10.360 1.00 36.07 ? 59   ASP A OD1 1 
ATOM   442  O  OD2 . ASP A 1 57  ? 1.165   -12.641 -10.025 1.00 38.15 ? 59   ASP A OD2 1 
ATOM   443  N  N   . THR A 1 58  ? 3.051   -8.587  -8.970  1.00 23.70 ? 60   THR A N   1 
ATOM   444  C  CA  . THR A 1 58  ? 2.919   -7.287  -8.310  1.00 23.05 ? 60   THR A CA  1 
ATOM   445  C  C   . THR A 1 58  ? 2.745   -7.369  -6.774  1.00 23.48 ? 60   THR A C   1 
ATOM   446  O  O   . THR A 1 58  ? 3.278   -6.507  -6.037  1.00 24.10 ? 60   THR A O   1 
ATOM   447  C  CB  . THR A 1 58  ? 1.759   -6.474  -8.914  1.00 24.06 ? 60   THR A CB  1 
ATOM   448  O  OG1 . THR A 1 58  ? 0.547   -7.247  -8.831  1.00 22.68 ? 60   THR A OG1 1 
ATOM   449  C  CG2 . THR A 1 58  ? 1.951   -6.229  -10.384 1.00 25.24 ? 60   THR A CG2 1 
ATOM   450  N  N   . TRP A 1 59  ? 2.003   -8.378  -6.308  1.00 22.79 ? 61   TRP A N   1 
ATOM   451  C  CA  . TRP A 1 59  ? 1.738   -8.583  -4.883  1.00 22.95 ? 61   TRP A CA  1 
ATOM   452  C  C   . TRP A 1 59  ? 2.920   -9.211  -4.109  1.00 22.83 ? 61   TRP A C   1 
ATOM   453  O  O   . TRP A 1 59  ? 2.816   -9.368  -2.892  1.00 23.68 ? 61   TRP A O   1 
ATOM   454  C  CB  . TRP A 1 59  ? 0.435   -9.386  -4.661  1.00 22.75 ? 61   TRP A CB  1 
ATOM   455  C  CG  . TRP A 1 59  ? 0.424   -10.764 -5.296  1.00 23.48 ? 61   TRP A CG  1 
ATOM   456  C  CD1 . TRP A 1 59  ? -0.009  -11.088 -6.565  1.00 25.20 ? 61   TRP A CD1 1 
ATOM   457  C  CD2 . TRP A 1 59  ? 0.884   -12.000 -4.704  1.00 22.95 ? 61   TRP A CD2 1 
ATOM   458  N  NE1 . TRP A 1 59  ? 0.162   -12.431 -6.783  1.00 24.89 ? 61   TRP A NE1 1 
ATOM   459  C  CE2 . TRP A 1 59  ? 0.700   -13.015 -5.658  1.00 24.32 ? 61   TRP A CE2 1 
ATOM   460  C  CE3 . TRP A 1 59  ? 1.429   -12.348 -3.440  1.00 24.61 ? 61   TRP A CE3 1 
ATOM   461  C  CZ2 . TRP A 1 59  ? 1.057   -14.363 -5.424  1.00 25.72 ? 61   TRP A CZ2 1 
ATOM   462  C  CZ3 . TRP A 1 59  ? 1.777   -13.709 -3.196  1.00 23.50 ? 61   TRP A CZ3 1 
ATOM   463  C  CH2 . TRP A 1 59  ? 1.577   -14.693 -4.197  1.00 24.23 ? 61   TRP A CH2 1 
ATOM   464  N  N   . HIS A 1 60  ? 4.047   -9.499  -4.781  1.00 22.66 ? 62   HIS A N   1 
ATOM   465  C  CA  . HIS A 1 60  ? 5.221   -10.051 -4.094  1.00 21.97 ? 62   HIS A CA  1 
ATOM   466  C  C   . HIS A 1 60  ? 5.902   -9.075  -3.102  1.00 22.25 ? 62   HIS A C   1 
ATOM   467  O  O   . HIS A 1 60  ? 6.687   -9.512  -2.257  1.00 22.30 ? 62   HIS A O   1 
ATOM   468  C  CB  . HIS A 1 60  ? 6.228   -10.647 -5.095  1.00 21.05 ? 62   HIS A CB  1 
ATOM   469  C  CG  . HIS A 1 60  ? 5.799   -11.968 -5.665  1.00 22.28 ? 62   HIS A CG  1 
ATOM   470  N  ND1 . HIS A 1 60  ? 6.658   -12.807 -6.352  1.00 23.35 ? 62   HIS A ND1 1 
ATOM   471  C  CD2 . HIS A 1 60  ? 4.603   -12.607 -5.625  1.00 23.25 ? 62   HIS A CD2 1 
ATOM   472  C  CE1 . HIS A 1 60  ? 6.001   -13.897 -6.718  1.00 22.66 ? 62   HIS A CE1 1 
ATOM   473  N  NE2 . HIS A 1 60  ? 4.753   -13.805 -6.286  1.00 21.89 ? 62   HIS A NE2 1 
ATOM   474  N  N   . ILE A 1 61  ? 5.597   -7.769  -3.213  1.00 21.91 ? 63   ILE A N   1 
ATOM   475  C  CA  . ILE A 1 61  ? 5.967   -6.774  -2.189  1.00 22.35 ? 63   ILE A CA  1 
ATOM   476  C  C   . ILE A 1 61  ? 4.740   -5.895  -1.944  1.00 23.93 ? 63   ILE A C   1 
ATOM   477  O  O   . ILE A 1 61  ? 4.126   -5.391  -2.908  1.00 22.75 ? 63   ILE A O   1 
ATOM   478  C  CB  . ILE A 1 61  ? 7.160   -5.907  -2.597  1.00 22.97 ? 63   ILE A CB  1 
ATOM   479  C  CG1 . ILE A 1 61  ? 8.372   -6.786  -2.937  1.00 24.75 ? 63   ILE A CG1 1 
ATOM   480  C  CG2 . ILE A 1 61  ? 7.482   -4.897  -1.466  1.00 23.12 ? 63   ILE A CG2 1 
ATOM   481  C  CD1 . ILE A 1 61  ? 9.562   -6.041  -3.488  1.00 25.73 ? 63   ILE A CD1 1 
ATOM   482  N  N   . GLN A 1 62  ? 4.345   -5.800  -0.672  1.00 23.41 ? 64   GLN A N   1 
ATOM   483  C  CA  . GLN A 1 62  ? 3.133   -5.082  -0.260  1.00 24.30 ? 64   GLN A CA  1 
ATOM   484  C  C   . GLN A 1 62  ? 3.439   -4.127  0.899   1.00 24.04 ? 64   GLN A C   1 
ATOM   485  O  O   . GLN A 1 62  ? 4.135   -4.489  1.855   1.00 24.14 ? 64   GLN A O   1 
ATOM   486  C  CB  . GLN A 1 62  ? 2.020   -6.054  0.170   1.00 23.36 ? 64   GLN A CB  1 
ATOM   487  C  CG  . GLN A 1 62  ? 1.454   -6.957  -0.924  1.00 25.16 ? 64   GLN A CG  1 
ATOM   488  C  CD  . GLN A 1 62  ? 0.452   -8.016  -0.379  1.00 26.07 ? 64   GLN A CD  1 
ATOM   489  O  OE1 . GLN A 1 62  ? -0.467  -7.677  0.392   1.00 24.60 ? 64   GLN A OE1 1 
ATOM   490  N  NE2 . GLN A 1 62  ? 0.639   -9.302  -0.778  1.00 22.00 ? 64   GLN A NE2 1 
ATOM   491  N  N   . PHE A 1 63  ? 2.885   -2.917  0.817   1.00 24.49 ? 65   PHE A N   1 
ATOM   492  C  CA  . PHE A 1 63  ? 2.954   -1.880  1.878   1.00 23.95 ? 65   PHE A CA  1 
ATOM   493  C  C   . PHE A 1 63  ? 1.488   -1.569  2.257   1.00 24.67 ? 65   PHE A C   1 
ATOM   494  O  O   . PHE A 1 63  ? 0.709   -1.009  1.453   1.00 24.76 ? 65   PHE A O   1 
ATOM   495  C  CB  . PHE A 1 63  ? 3.630   -0.632  1.325   1.00 24.58 ? 65   PHE A CB  1 
ATOM   496  C  CG  . PHE A 1 63  ? 3.829   0.509   2.347   1.00 23.70 ? 65   PHE A CG  1 
ATOM   497  C  CD1 . PHE A 1 63  ? 4.389   0.277   3.585   1.00 24.59 ? 65   PHE A CD1 1 
ATOM   498  C  CD2 . PHE A 1 63  ? 3.471   1.828   2.025   1.00 24.42 ? 65   PHE A CD2 1 
ATOM   499  C  CE1 . PHE A 1 63  ? 4.609   1.332   4.510   1.00 24.68 ? 65   PHE A CE1 1 
ATOM   500  C  CE2 . PHE A 1 63  ? 3.687   2.891   2.940   1.00 24.09 ? 65   PHE A CE2 1 
ATOM   501  C  CZ  . PHE A 1 63  ? 4.258   2.647   4.171   1.00 24.34 ? 65   PHE A CZ  1 
ATOM   502  N  N   . ASN A 1 64  ? 1.082   -2.068  3.416   1.00 24.27 ? 66   ASN A N   1 
ATOM   503  C  CA  . ASN A 1 64  ? -0.312  -2.253  3.751   1.00 24.24 ? 66   ASN A CA  1 
ATOM   504  C  C   . ASN A 1 64  ? -0.674  -1.728  5.178   1.00 23.92 ? 66   ASN A C   1 
ATOM   505  O  O   . ASN A 1 64  ? 0.194   -1.576  6.052   1.00 23.67 ? 66   ASN A O   1 
ATOM   506  C  CB  . ASN A 1 64  ? -0.720  -3.757  3.774   1.00 24.81 ? 66   ASN A CB  1 
ATOM   507  C  CG  . ASN A 1 64  ? -0.627  -4.488  2.436   1.00 26.20 ? 66   ASN A CG  1 
ATOM   508  O  OD1 . ASN A 1 64  ? -0.141  -3.972  1.415   1.00 25.27 ? 66   ASN A OD1 1 
ATOM   509  N  ND2 . ASN A 1 64  ? -1.103  -5.771  2.451   1.00 24.57 ? 66   ASN A ND2 1 
ATOM   510  N  N   . GLN A 1 65  ? -1.986  -1.557  5.411   1.00 24.62 ? 67   GLN A N   1 
ATOM   511  C  CA  . GLN A 1 65  ? -2.555  -1.291  6.748   1.00 24.39 ? 67   GLN A CA  1 
ATOM   512  C  C   . GLN A 1 65  ? -4.023  -1.794  6.821   1.00 23.14 ? 67   GLN A C   1 
ATOM   513  O  O   . GLN A 1 65  ? -4.779  -1.521  5.925   1.00 22.98 ? 67   GLN A O   1 
ATOM   514  C  CB  . GLN A 1 65  ? -2.496  0.235   6.998   1.00 25.34 ? 67   GLN A CB  1 
ATOM   515  C  CG  . GLN A 1 65  ? -2.767  0.618   8.344   1.00 27.47 ? 67   GLN A CG  1 
ATOM   516  C  CD  . GLN A 1 65  ? -2.730  2.148   8.572   1.00 29.50 ? 67   GLN A CD  1 
ATOM   517  O  OE1 . GLN A 1 65  ? -3.671  2.671   9.160   1.00 29.15 ? 67   GLN A OE1 1 
ATOM   518  N  NE2 . GLN A 1 65  ? -1.621  2.832   8.188   1.00 25.19 ? 67   GLN A NE2 1 
ATOM   519  N  N   . TRP A 1 66  ? -4.422  -2.483  7.894   1.00 22.59 ? 68   TRP A N   1 
ATOM   520  C  CA  . TRP A 1 66  ? -5.835  -2.840  8.097   1.00 22.27 ? 68   TRP A CA  1 
ATOM   521  C  C   . TRP A 1 66  ? -6.650  -1.581  8.399   1.00 22.42 ? 68   TRP A C   1 
ATOM   522  O  O   . TRP A 1 66  ? -6.161  -0.673  9.108   1.00 22.31 ? 68   TRP A O   1 
ATOM   523  C  CB  . TRP A 1 66  ? -6.001  -3.821  9.248   1.00 22.44 ? 68   TRP A CB  1 
ATOM   524  C  CG  . TRP A 1 66  ? -5.486  -5.239  9.026   1.00 23.04 ? 68   TRP A CG  1 
ATOM   525  C  CD1 . TRP A 1 66  ? -4.624  -5.688  8.052   1.00 24.43 ? 68   TRP A CD1 1 
ATOM   526  C  CD2 . TRP A 1 66  ? -5.798  -6.377  9.828   1.00 23.49 ? 68   TRP A CD2 1 
ATOM   527  N  NE1 . TRP A 1 66  ? -4.391  -7.037  8.206   1.00 23.19 ? 68   TRP A NE1 1 
ATOM   528  C  CE2 . TRP A 1 66  ? -5.101  -7.487  9.285   1.00 23.90 ? 68   TRP A CE2 1 
ATOM   529  C  CE3 . TRP A 1 66  ? -6.604  -6.581  10.956  1.00 23.12 ? 68   TRP A CE3 1 
ATOM   530  C  CZ2 . TRP A 1 66  ? -5.190  -8.777  9.839   1.00 26.24 ? 68   TRP A CZ2 1 
ATOM   531  C  CZ3 . TRP A 1 66  ? -6.675  -7.855  11.517  1.00 23.37 ? 68   TRP A CZ3 1 
ATOM   532  C  CH2 . TRP A 1 66  ? -5.973  -8.938  10.947  1.00 23.71 ? 68   TRP A CH2 1 
ATOM   533  N  N   . ILE A 1 67  ? -7.904  -1.565  7.951   1.00 21.18 ? 69   ILE A N   1 
ATOM   534  C  CA  . ILE A 1 67  ? -8.828  -0.446  8.178   1.00 21.89 ? 69   ILE A CA  1 
ATOM   535  C  C   . ILE A 1 67  ? -10.267 -0.964  8.272   1.00 22.89 ? 69   ILE A C   1 
ATOM   536  O  O   . ILE A 1 67  ? -10.607 -1.943  7.597   1.00 22.34 ? 69   ILE A O   1 
ATOM   537  C  CB  . ILE A 1 67  ? -8.670  0.611   7.007   1.00 22.36 ? 69   ILE A CB  1 
ATOM   538  C  CG1 A ILE A 1 67  ? -9.335  1.937   7.382   0.50 22.25 ? 69   ILE A CG1 1 
ATOM   539  C  CG1 B ILE A 1 67  ? -8.862  0.045   5.588   0.50 22.27 ? 69   ILE A CG1 1 
ATOM   540  C  CG2 A ILE A 1 67  ? -9.131  0.061   5.662   0.50 22.16 ? 69   ILE A CG2 1 
ATOM   541  C  CG2 B ILE A 1 67  ? -7.699  1.795   7.287   0.50 23.36 ? 69   ILE A CG2 1 
ATOM   542  C  CD1 A ILE A 1 67  ? -9.130  3.059   6.363   0.50 22.04 ? 69   ILE A CD1 1 
ATOM   543  C  CD1 B ILE A 1 67  ? -9.051  1.135   4.543   0.50 23.63 ? 69   ILE A CD1 1 
ATOM   544  N  N   . GLY A 1 68  ? -11.097 -0.328  9.097   1.00 22.16 ? 70   GLY A N   1 
ATOM   545  C  CA  . GLY A 1 68  ? -12.527 -0.635  9.155   1.00 23.85 ? 70   GLY A CA  1 
ATOM   546  C  C   . GLY A 1 68  ? -13.354 0.292   8.268   1.00 24.25 ? 70   GLY A C   1 
ATOM   547  O  O   . GLY A 1 68  ? -13.120 1.491   8.302   1.00 24.41 ? 70   GLY A O   1 
ATOM   548  N  N   . LEU A 1 69  ? -14.278 -0.261  7.469   1.00 24.16 ? 71   LEU A N   1 
ATOM   549  C  CA  . LEU A 1 69  ? -15.167 0.516   6.575   1.00 23.85 ? 71   LEU A CA  1 
ATOM   550  C  C   . LEU A 1 69  ? -16.625 0.041   6.703   1.00 24.73 ? 71   LEU A C   1 
ATOM   551  O  O   . LEU A 1 69  ? -16.892 -1.132  7.018   1.00 23.80 ? 71   LEU A O   1 
ATOM   552  C  CB  . LEU A 1 69  ? -14.701 0.411   5.114   1.00 23.74 ? 71   LEU A CB  1 
ATOM   553  C  CG  . LEU A 1 69  ? -13.262 0.831   4.765   1.00 24.18 ? 71   LEU A CG  1 
ATOM   554  C  CD1 . LEU A 1 69  ? -12.881 0.419   3.340   1.00 25.54 ? 71   LEU A CD1 1 
ATOM   555  C  CD2 . LEU A 1 69  ? -13.043 2.342   4.904   1.00 24.89 ? 71   LEU A CD2 1 
ATOM   556  N  N   . TYR A 1 70  ? -17.561 0.967   6.510   1.00 25.21 ? 72   TYR A N   1 
ATOM   557  C  CA  . TYR A 1 70  ? -18.972 0.653   6.597   1.00 26.09 ? 72   TYR A CA  1 
ATOM   558  C  C   . TYR A 1 70  ? -19.518 0.169   5.254   1.00 25.96 ? 72   TYR A C   1 
ATOM   559  O  O   . TYR A 1 70  ? -19.308 0.812   4.224   1.00 25.50 ? 72   TYR A O   1 
ATOM   560  C  CB  . TYR A 1 70  ? -19.766 1.881   7.047   1.00 27.13 ? 72   TYR A CB  1 
ATOM   561  C  CG  . TYR A 1 70  ? -19.634 2.207   8.510   1.00 32.09 ? 72   TYR A CG  1 
ATOM   562  C  CD1 . TYR A 1 70  ? -20.289 1.437   9.473   1.00 36.35 ? 72   TYR A CD1 1 
ATOM   563  C  CD2 . TYR A 1 70  ? -18.865 3.296   8.940   1.00 36.67 ? 72   TYR A CD2 1 
ATOM   564  C  CE1 . TYR A 1 70  ? -20.178 1.735   10.832  1.00 38.64 ? 72   TYR A CE1 1 
ATOM   565  C  CE2 . TYR A 1 70  ? -18.753 3.607   10.302  1.00 38.77 ? 72   TYR A CE2 1 
ATOM   566  C  CZ  . TYR A 1 70  ? -19.413 2.820   11.239  1.00 39.40 ? 72   TYR A CZ  1 
ATOM   567  O  OH  . TYR A 1 70  ? -19.317 3.111   12.581  1.00 41.26 ? 72   TYR A OH  1 
ATOM   568  N  N   . ARG A 1 71  ? -20.229 -0.959  5.288   1.00 25.58 ? 73   ARG A N   1 
ATOM   569  C  CA  . ARG A 1 71  ? -20.950 -1.503  4.149   1.00 25.74 ? 73   ARG A CA  1 
ATOM   570  C  C   . ARG A 1 71  ? -21.927 -0.481  3.566   1.00 25.57 ? 73   ARG A C   1 
ATOM   571  O  O   . ARG A 1 71  ? -22.730 0.071   4.291   1.00 24.36 ? 73   ARG A O   1 
ATOM   572  C  CB  . ARG A 1 71  ? -21.777 -2.713  4.597   1.00 26.13 ? 73   ARG A CB  1 
ATOM   573  C  CG  . ARG A 1 71  ? -20.953 -3.924  4.908   1.00 29.63 ? 73   ARG A CG  1 
ATOM   574  C  CD  . ARG A 1 71  ? -21.738 -5.011  5.654   1.00 33.00 ? 73   ARG A CD  1 
ATOM   575  N  NE  . ARG A 1 71  ? -21.014 -6.266  5.538   1.00 37.08 ? 73   ARG A NE  1 
ATOM   576  C  CZ  . ARG A 1 71  ? -21.260 -7.366  6.244   1.00 39.99 ? 73   ARG A CZ  1 
ATOM   577  N  NH1 . ARG A 1 71  ? -22.235 -7.384  7.155   1.00 39.47 ? 73   ARG A NH1 1 
ATOM   578  N  NH2 . ARG A 1 71  ? -20.508 -8.455  6.041   1.00 40.00 ? 73   ARG A NH2 1 
ATOM   579  N  N   . GLY A 1 72  ? -21.855 -0.252  2.261   1.00 25.43 ? 74   GLY A N   1 
ATOM   580  C  CA  . GLY A 1 72  ? -22.801 0.620   1.563   1.00 25.77 ? 74   GLY A CA  1 
ATOM   581  C  C   . GLY A 1 72  ? -22.374 2.076   1.480   1.00 25.96 ? 74   GLY A C   1 
ATOM   582  O  O   . GLY A 1 72  ? -23.057 2.885   0.861   1.00 26.06 ? 74   GLY A O   1 
ATOM   583  N  N   . LYS A 1 73  ? -21.243 2.415   2.093   1.00 25.56 ? 75   LYS A N   1 
ATOM   584  C  CA  . LYS A 1 73  ? -20.848 3.815   2.275   1.00 26.33 ? 75   LYS A CA  1 
ATOM   585  C  C   . LYS A 1 73  ? -19.755 4.230   1.287   1.00 25.38 ? 75   LYS A C   1 
ATOM   586  O  O   . LYS A 1 73  ? -18.909 3.414   0.921   1.00 23.83 ? 75   LYS A O   1 
ATOM   587  C  CB  . LYS A 1 73  ? -20.362 4.019   3.715   1.00 27.05 ? 75   LYS A CB  1 
ATOM   588  C  CG  . LYS A 1 73  ? -19.979 5.450   4.092   1.00 30.61 ? 75   LYS A CG  1 
ATOM   589  C  CD  . LYS A 1 73  ? -20.062 5.620   5.620   1.00 35.56 ? 75   LYS A CD  1 
ATOM   590  C  CE  . LYS A 1 73  ? -19.440 6.923   6.086   1.00 38.42 ? 75   LYS A CE  1 
ATOM   591  N  NZ  . LYS A 1 73  ? -19.864 7.280   7.477   1.00 41.36 ? 75   LYS A NZ  1 
ATOM   592  N  N   . THR A 1 74  ? -19.788 5.484   0.848   1.00 24.19 ? 76   THR A N   1 
ATOM   593  C  CA  . THR A 1 74  ? -18.868 5.959   -0.171  1.00 25.38 ? 76   THR A CA  1 
ATOM   594  C  C   . THR A 1 74  ? -17.709 6.740   0.477   1.00 24.29 ? 76   THR A C   1 
ATOM   595  O  O   . THR A 1 74  ? -17.934 7.534   1.415   1.00 23.42 ? 76   THR A O   1 
ATOM   596  C  CB  . THR A 1 74  ? -19.624 6.807   -1.242  1.00 26.61 ? 76   THR A CB  1 
ATOM   597  O  OG1 . THR A 1 74  ? -20.479 5.952   -2.020  1.00 28.59 ? 76   THR A OG1 1 
ATOM   598  C  CG2 . THR A 1 74  ? -18.638 7.337   -2.294  1.00 27.42 ? 76   THR A CG2 1 
ATOM   599  N  N   . TYR A 1 75  ? -16.492 6.450   0.000   1.00 23.91 ? 77   TYR A N   1 
ATOM   600  C  CA  . TYR A 1 75  ? -15.238 6.987   0.497   1.00 23.70 ? 77   TYR A CA  1 
ATOM   601  C  C   . TYR A 1 75  ? -14.447 7.623   -0.645  1.00 24.87 ? 77   TYR A C   1 
ATOM   602  O  O   . TYR A 1 75  ? -14.681 7.322   -1.847  1.00 25.28 ? 77   TYR A O   1 
ATOM   603  C  CB  . TYR A 1 75  ? -14.355 5.893   1.111   1.00 24.32 ? 77   TYR A CB  1 
ATOM   604  C  CG  . TYR A 1 75  ? -14.944 5.306   2.391   1.00 23.13 ? 77   TYR A CG  1 
ATOM   605  C  CD1 . TYR A 1 75  ? -15.837 4.238   2.338   1.00 24.19 ? 77   TYR A CD1 1 
ATOM   606  C  CD2 . TYR A 1 75  ? -14.642 5.855   3.627   1.00 23.70 ? 77   TYR A CD2 1 
ATOM   607  C  CE1 . TYR A 1 75  ? -16.410 3.735   3.475   1.00 23.42 ? 77   TYR A CE1 1 
ATOM   608  C  CE2 . TYR A 1 75  ? -15.226 5.364   4.794   1.00 23.84 ? 77   TYR A CE2 1 
ATOM   609  C  CZ  . TYR A 1 75  ? -16.098 4.301   4.705   1.00 22.98 ? 77   TYR A CZ  1 
ATOM   610  O  OH  . TYR A 1 75  ? -16.660 3.799   5.826   1.00 22.37 ? 77   TYR A OH  1 
ATOM   611  N  N   . THR A 1 76  ? -13.482 8.456   -0.252  1.00 24.36 ? 78   THR A N   1 
ATOM   612  C  CA  . THR A 1 76  ? -12.421 8.937   -1.123  1.00 23.91 ? 78   THR A CA  1 
ATOM   613  C  C   . THR A 1 76  ? -11.091 8.354   -0.674  1.00 24.23 ? 78   THR A C   1 
ATOM   614  O  O   . THR A 1 76  ? -10.708 8.486   0.496   1.00 23.51 ? 78   THR A O   1 
ATOM   615  C  CB  . THR A 1 76  ? -12.390 10.480  -1.072  1.00 24.36 ? 78   THR A CB  1 
ATOM   616  O  OG1 . THR A 1 76  ? -13.633 10.989  -1.575  1.00 26.65 ? 78   THR A OG1 1 
ATOM   617  C  CG2 . THR A 1 76  ? -11.373 11.055  -2.065  1.00 25.95 ? 78   THR A CG2 1 
ATOM   618  N  N   . ILE A 1 77  ? -10.356 7.762   -1.623  1.00 23.69 ? 79   ILE A N   1 
ATOM   619  C  CA  . ILE A 1 77  ? -9.012  7.250   -1.409  1.00 23.41 ? 79   ILE A CA  1 
ATOM   620  C  C   . ILE A 1 77  ? -8.031  8.206   -2.076  1.00 23.70 ? 79   ILE A C   1 
ATOM   621  O  O   . ILE A 1 77  ? -8.147  8.442   -3.291  1.00 24.07 ? 79   ILE A O   1 
ATOM   622  C  CB  . ILE A 1 77  ? -8.873  5.858   -2.047  1.00 23.86 ? 79   ILE A CB  1 
ATOM   623  C  CG1 . ILE A 1 77  ? -9.874  4.872   -1.442  1.00 25.15 ? 79   ILE A CG1 1 
ATOM   624  C  CG2 . ILE A 1 77  ? -7.441  5.339   -1.877  1.00 24.77 ? 79   ILE A CG2 1 
ATOM   625  C  CD1 . ILE A 1 77  ? -10.025 3.545   -2.212  1.00 27.17 ? 79   ILE A CD1 1 
ATOM   626  N  N   . SER A 1 78  ? -7.045  8.712   -1.323  1.00 22.59 ? 80   SER A N   1 
ATOM   627  C  CA  . SER A 1 78  ? -6.060  9.648   -1.892  1.00 23.02 ? 80   SER A CA  1 
ATOM   628  C  C   . SER A 1 78  ? -4.663  9.364   -1.382  1.00 23.19 ? 80   SER A C   1 
ATOM   629  O  O   . SER A 1 78  ? -4.483  8.956   -0.234  1.00 23.38 ? 80   SER A O   1 
ATOM   630  C  CB  . SER A 1 78  ? -6.440  11.120  -1.614  1.00 23.69 ? 80   SER A CB  1 
ATOM   631  O  OG  . SER A 1 78  ? -5.583  12.088  -2.241  1.00 23.12 ? 80   SER A OG  1 
ATOM   632  N  N   . PHE A 1 79  ? -3.667  9.615   -2.234  1.00 22.55 ? 81   PHE A N   1 
ATOM   633  C  CA  . PHE A 1 79  ? -2.268  9.504   -1.858  1.00 22.60 ? 81   PHE A CA  1 
ATOM   634  C  C   . PHE A 1 79  ? -1.340  10.262  -2.816  1.00 22.83 ? 81   PHE A C   1 
ATOM   635  O  O   . PHE A 1 79  ? -1.704  10.519  -3.953  1.00 23.94 ? 81   PHE A O   1 
ATOM   636  C  CB  . PHE A 1 79  ? -1.839  8.025   -1.744  1.00 22.42 ? 81   PHE A CB  1 
ATOM   637  C  CG  . PHE A 1 79  ? -1.954  7.257   -3.023  1.00 21.94 ? 81   PHE A CG  1 
ATOM   638  C  CD1 . PHE A 1 79  ? -3.171  6.743   -3.424  1.00 21.84 ? 81   PHE A CD1 1 
ATOM   639  C  CD2 . PHE A 1 79  ? -0.839  7.075   -3.862  1.00 23.90 ? 81   PHE A CD2 1 
ATOM   640  C  CE1 . PHE A 1 79  ? -3.309  6.042   -4.606  1.00 23.95 ? 81   PHE A CE1 1 
ATOM   641  C  CE2 . PHE A 1 79  ? -0.994  6.347   -5.080  1.00 23.81 ? 81   PHE A CE2 1 
ATOM   642  C  CZ  . PHE A 1 79  ? -2.233  5.848   -5.428  1.00 25.24 ? 81   PHE A CZ  1 
ATOM   643  N  N   . LYS A 1 80  ? -0.158  10.617  -2.322  1.00 23.47 ? 82   LYS A N   1 
ATOM   644  C  CA  . LYS A 1 80  ? 0.940   11.165  -3.107  1.00 24.22 ? 82   LYS A CA  1 
ATOM   645  C  C   . LYS A 1 80  ? 2.037   10.104  -3.250  1.00 25.22 ? 82   LYS A C   1 
ATOM   646  O  O   . LYS A 1 80  ? 2.301   9.358   -2.317  1.00 24.98 ? 82   LYS A O   1 
ATOM   647  C  CB  . LYS A 1 80  ? 1.535   12.401  -2.458  1.00 24.51 ? 82   LYS A CB  1 
ATOM   648  C  CG  . LYS A 1 80  ? 0.582   13.587  -2.324  1.00 26.22 ? 82   LYS A CG  1 
ATOM   649  C  CD  . LYS A 1 80  ? 1.282   14.808  -1.688  1.00 27.24 ? 82   LYS A CD  1 
ATOM   650  C  CE  . LYS A 1 80  ? 0.354   15.980  -1.642  1.00 30.64 ? 82   LYS A CE  1 
ATOM   651  N  NZ  . LYS A 1 80  ? 0.710   16.928  -0.553  1.00 33.84 ? 82   LYS A NZ  1 
ATOM   652  N  N   . ALA A 1 81  ? 2.666   10.049  -4.432  1.00 24.89 ? 83   ALA A N   1 
ATOM   653  C  CA  . ALA A 1 81  ? 3.725   9.077   -4.698  1.00 24.33 ? 83   ALA A CA  1 
ATOM   654  C  C   . ALA A 1 81  ? 4.646   9.453   -5.854  1.00 24.17 ? 83   ALA A C   1 
ATOM   655  O  O   . ALA A 1 81  ? 4.253   10.154  -6.804  1.00 23.41 ? 83   ALA A O   1 
ATOM   656  C  CB  . ALA A 1 81  ? 3.135   7.702   -4.969  1.00 24.77 ? 83   ALA A CB  1 
ATOM   657  N  N   . LYS A 1 82  ? 5.868   8.945   -5.746  1.00 23.71 ? 84   LYS A N   1 
ATOM   658  C  CA  . LYS A 1 82  ? 6.893   9.057   -6.780  1.00 23.90 ? 84   LYS A CA  1 
ATOM   659  C  C   . LYS A 1 82  ? 7.926   7.911   -6.691  1.00 23.99 ? 84   LYS A C   1 
ATOM   660  O  O   . LYS A 1 82  ? 7.870   7.071   -5.782  1.00 24.13 ? 84   LYS A O   1 
ATOM   661  C  CB  . LYS A 1 82  ? 7.603   10.417  -6.704  1.00 23.77 ? 84   LYS A CB  1 
ATOM   662  C  CG  . LYS A 1 82  ? 8.470   10.641  -5.502  1.00 24.87 ? 84   LYS A CG  1 
ATOM   663  C  CD  . LYS A 1 82  ? 9.288   11.903  -5.715  1.00 24.85 ? 84   LYS A CD  1 
ATOM   664  C  CE  . LYS A 1 82  ? 10.676  11.743  -5.293  1.00 29.22 ? 84   LYS A CE  1 
ATOM   665  N  NZ  . LYS A 1 82  ? 11.727  12.541  -6.113  1.00 30.92 ? 84   LYS A NZ  1 
ATOM   666  N  N   . ALA A 1 83  ? 8.879   7.885   -7.627  1.00 23.14 ? 85   ALA A N   1 
ATOM   667  C  CA  . ALA A 1 83  ? 9.912   6.848   -7.641  1.00 23.36 ? 85   ALA A CA  1 
ATOM   668  C  C   . ALA A 1 83  ? 11.162  7.381   -8.304  1.00 23.34 ? 85   ALA A C   1 
ATOM   669  O  O   . ALA A 1 83  ? 11.054  8.238   -9.163  1.00 23.26 ? 85   ALA A O   1 
ATOM   670  C  CB  . ALA A 1 83  ? 9.381   5.561   -8.377  1.00 23.47 ? 85   ALA A CB  1 
ATOM   671  N  N   . ASP A 1 84  ? 12.339  6.891   -7.927  1.00 23.98 ? 86   ASP A N   1 
ATOM   672  C  CA  . ASP A 1 84  ? 13.582  7.380   -8.544  1.00 24.75 ? 86   ASP A CA  1 
ATOM   673  C  C   . ASP A 1 84  ? 13.638  7.127   -10.059 1.00 24.69 ? 86   ASP A C   1 
ATOM   674  O  O   . ASP A 1 84  ? 14.292  7.868   -10.787 1.00 23.60 ? 86   ASP A O   1 
ATOM   675  C  CB  . ASP A 1 84  ? 14.817  6.745   -7.897  1.00 25.18 ? 86   ASP A CB  1 
ATOM   676  C  CG  . ASP A 1 84  ? 15.097  7.276   -6.486  1.00 27.94 ? 86   ASP A CG  1 
ATOM   677  O  OD1 . ASP A 1 84  ? 14.519  8.309   -6.087  1.00 28.04 ? 86   ASP A OD1 1 
ATOM   678  O  OD2 . ASP A 1 84  ? 15.916  6.719   -5.719  1.00 33.03 ? 86   ASP A OD2 1 
ATOM   679  N  N   . THR A 1 85  ? 13.020  6.040   -10.512 1.00 24.15 ? 87   THR A N   1 
ATOM   680  C  CA  . THR A 1 85  ? 12.909  5.739   -11.934 1.00 25.67 ? 87   THR A CA  1 
ATOM   681  C  C   . THR A 1 85  ? 11.460  5.435   -12.256 1.00 23.86 ? 87   THR A C   1 
ATOM   682  O  O   . THR A 1 85  ? 10.801  4.796   -11.448 1.00 23.20 ? 87   THR A O   1 
ATOM   683  C  CB  . THR A 1 85  ? 13.718  4.511   -12.320 1.00 26.22 ? 87   THR A CB  1 
ATOM   684  O  OG1 . THR A 1 85  ? 15.059  4.672   -11.851 1.00 31.64 ? 87   THR A OG1 1 
ATOM   685  C  CG2 . THR A 1 85  ? 13.906  4.479   -13.852 1.00 27.34 ? 87   THR A CG2 1 
ATOM   686  N  N   . PRO A 1 86  ? 10.967  5.899   -13.402 1.00 23.97 ? 88   PRO A N   1 
ATOM   687  C  CA  . PRO A 1 86  ? 9.546   5.686   -13.739 1.00 24.12 ? 88   PRO A CA  1 
ATOM   688  C  C   . PRO A 1 86  ? 9.119   4.214   -13.809 1.00 23.32 ? 88   PRO A C   1 
ATOM   689  O  O   . PRO A 1 86  ? 9.816   3.408   -14.397 1.00 22.39 ? 88   PRO A O   1 
ATOM   690  C  CB  . PRO A 1 86  ? 9.389   6.374   -15.103 1.00 24.09 ? 88   PRO A CB  1 
ATOM   691  C  CG  . PRO A 1 86  ? 10.483  7.388   -15.155 1.00 26.11 ? 88   PRO A CG  1 
ATOM   692  C  CD  . PRO A 1 86  ? 11.644  6.749   -14.406 1.00 24.91 ? 88   PRO A CD  1 
ATOM   693  N  N   . ARG A 1 87  ? 7.975   3.905   -13.201 1.00 23.55 ? 89   ARG A N   1 
ATOM   694  C  CA  . ARG A 1 87  ? 7.419   2.556   -13.134 1.00 23.86 ? 89   ARG A CA  1 
ATOM   695  C  C   . ARG A 1 87  ? 5.995   2.562   -12.553 1.00 24.06 ? 89   ARG A C   1 
ATOM   696  O  O   . ARG A 1 87  ? 5.616   3.524   -11.891 1.00 23.22 ? 89   ARG A O   1 
ATOM   697  C  CB  . ARG A 1 87  ? 8.301   1.678   -12.245 1.00 24.37 ? 89   ARG A CB  1 
ATOM   698  C  CG  . ARG A 1 87  ? 8.368   2.083   -10.758 1.00 24.85 ? 89   ARG A CG  1 
ATOM   699  C  CD  . ARG A 1 87  ? 8.755   0.937   -9.840  1.00 24.52 ? 89   ARG A CD  1 
ATOM   700  N  NE  . ARG A 1 87  ? 7.645   0.008   -9.740  1.00 25.59 ? 89   ARG A NE  1 
ATOM   701  C  CZ  . ARG A 1 87  ? 7.657   -1.185  -9.157  1.00 28.84 ? 89   ARG A CZ  1 
ATOM   702  N  NH1 . ARG A 1 87  ? 8.753   -1.666  -8.592  1.00 29.60 ? 89   ARG A NH1 1 
ATOM   703  N  NH2 . ARG A 1 87  ? 6.547   -1.912  -9.136  1.00 29.49 ? 89   ARG A NH2 1 
ATOM   704  N  N   . PRO A 1 88  ? 5.208   1.502   -12.755 1.00 24.18 ? 90   PRO A N   1 
ATOM   705  C  CA  . PRO A 1 88  ? 3.884   1.405   -12.124 1.00 24.32 ? 90   PRO A CA  1 
ATOM   706  C  C   . PRO A 1 88  ? 3.853   0.762   -10.714 1.00 24.74 ? 90   PRO A C   1 
ATOM   707  O  O   . PRO A 1 88  ? 4.783   -0.007  -10.356 1.00 23.93 ? 90   PRO A O   1 
ATOM   708  C  CB  . PRO A 1 88  ? 3.110   0.507   -13.101 1.00 24.70 ? 90   PRO A CB  1 
ATOM   709  C  CG  . PRO A 1 88  ? 4.178   -0.438  -13.640 1.00 25.53 ? 90   PRO A CG  1 
ATOM   710  C  CD  . PRO A 1 88  ? 5.472   0.362   -13.659 1.00 24.69 ? 90   PRO A CD  1 
ATOM   711  N  N   . ILE A 1 89  ? 2.814   1.115   -9.935  1.00 23.82 ? 91   ILE A N   1 
ATOM   712  C  CA  . ILE A 1 89  ? 2.402   0.363   -8.730  1.00 23.47 ? 91   ILE A CA  1 
ATOM   713  C  C   . ILE A 1 89  ? 0.898   0.163   -8.770  1.00 24.01 ? 91   ILE A C   1 
ATOM   714  O  O   . ILE A 1 89  ? 0.191   0.863   -9.547  1.00 24.36 ? 91   ILE A O   1 
ATOM   715  C  CB  . ILE A 1 89  ? 2.798   1.094   -7.422  1.00 23.71 ? 91   ILE A CB  1 
ATOM   716  C  CG1 . ILE A 1 89  ? 2.123   2.476   -7.316  1.00 25.22 ? 91   ILE A CG1 1 
ATOM   717  C  CG2 . ILE A 1 89  ? 4.306   1.239   -7.314  1.00 24.36 ? 91   ILE A CG2 1 
ATOM   718  C  CD1 . ILE A 1 89  ? 2.258   3.111   -5.949  1.00 28.30 ? 91   ILE A CD1 1 
ATOM   719  N  N   . ASN A 1 90  ? 0.379   -0.769  -7.953  1.00 23.13 ? 92   ASN A N   1 
ATOM   720  C  CA  . ASN A 1 90  ? -1.066  -0.911  -7.776  1.00 23.85 ? 92   ASN A CA  1 
ATOM   721  C  C   . ASN A 1 90  ? -1.509  -0.369  -6.408  1.00 23.84 ? 92   ASN A C   1 
ATOM   722  O  O   . ASN A 1 90  ? -0.732  -0.379  -5.430  1.00 23.52 ? 92   ASN A O   1 
ATOM   723  C  CB  . ASN A 1 90  ? -1.502  -2.380  -7.902  1.00 25.11 ? 92   ASN A CB  1 
ATOM   724  C  CG  . ASN A 1 90  ? -1.234  -2.991  -9.306  1.00 26.91 ? 92   ASN A CG  1 
ATOM   725  O  OD1 . ASN A 1 90  ? -1.075  -2.260  -10.291 1.00 26.56 ? 92   ASN A OD1 1 
ATOM   726  N  ND2 . ASN A 1 90  ? -1.214  -4.369  -9.389  1.00 24.61 ? 92   ASN A ND2 1 
ATOM   727  N  N   . VAL A 1 91  ? -2.770  0.072   -6.338  1.00 24.25 ? 93   VAL A N   1 
ATOM   728  C  CA  . VAL A 1 91  ? -3.408  0.448   -5.080  1.00 23.45 ? 93   VAL A CA  1 
ATOM   729  C  C   . VAL A 1 91  ? -4.713  -0.330  -5.003  1.00 23.98 ? 93   VAL A C   1 
ATOM   730  O  O   . VAL A 1 91  ? -5.500  -0.359  -5.954  1.00 23.02 ? 93   VAL A O   1 
ATOM   731  C  CB  . VAL A 1 91  ? -3.639  1.982   -4.961  1.00 23.57 ? 93   VAL A CB  1 
ATOM   732  C  CG1 . VAL A 1 91  ? -4.364  2.583   -6.188  1.00 23.98 ? 93   VAL A CG1 1 
ATOM   733  C  CG2 . VAL A 1 91  ? -4.396  2.322   -3.693  1.00 23.62 ? 93   VAL A CG2 1 
ATOM   734  N  N   . LYS A 1 92  ? -4.952  -0.962  -3.845  1.00 23.20 ? 94   LYS A N   1 
ATOM   735  C  CA  . LYS A 1 92  ? -6.105  -1.823  -3.662  1.00 23.36 ? 94   LYS A CA  1 
ATOM   736  C  C   . LYS A 1 92  ? -6.778  -1.675  -2.279  1.00 22.78 ? 94   LYS A C   1 
ATOM   737  O  O   . LYS A 1 92  ? -6.116  -1.322  -1.293  1.00 23.33 ? 94   LYS A O   1 
ATOM   738  C  CB  . LYS A 1 92  ? -5.664  -3.300  -3.806  1.00 24.20 ? 94   LYS A CB  1 
ATOM   739  C  CG  . LYS A 1 92  ? -5.151  -3.699  -5.211  1.00 24.73 ? 94   LYS A CG  1 
ATOM   740  C  CD  . LYS A 1 92  ? -4.817  -5.197  -5.322  1.00 26.41 ? 94   LYS A CD  1 
ATOM   741  C  CE  . LYS A 1 92  ? -4.520  -5.605  -6.779  1.00 25.98 ? 94   LYS A CE  1 
ATOM   742  N  NZ  . LYS A 1 92  ? -4.134  -7.070  -6.891  1.00 25.93 ? 94   LYS A NZ  1 
ATOM   743  N  N   . ILE A 1 93  ? -8.072  -1.973  -2.252  1.00 23.80 ? 95   ILE A N   1 
ATOM   744  C  CA  . ILE A 1 93  ? -8.807  -2.343  -1.012  1.00 23.65 ? 95   ILE A CA  1 
ATOM   745  C  C   . ILE A 1 93  ? -9.193  -3.819  -1.174  1.00 22.99 ? 95   ILE A C   1 
ATOM   746  O  O   . ILE A 1 93  ? -9.874  -4.189  -2.128  1.00 23.42 ? 95   ILE A O   1 
ATOM   747  C  CB  . ILE A 1 93  ? -10.091 -1.489  -0.785  1.00 22.31 ? 95   ILE A CB  1 
ATOM   748  C  CG1 . ILE A 1 93  ? -9.821  0.032   -0.765  1.00 22.88 ? 95   ILE A CG1 1 
ATOM   749  C  CG2 . ILE A 1 93  ? -10.799 -1.920  0.537   1.00 23.97 ? 95   ILE A CG2 1 
ATOM   750  C  CD1 . ILE A 1 93  ? -8.798  0.528   0.341   1.00 25.12 ? 95   ILE A CD1 1 
ATOM   751  N  N   . LEU A 1 94  ? -8.763  -4.672  -0.237  1.00 23.12 ? 96   LEU A N   1 
ATOM   752  C  CA  . LEU A 1 94  ? -8.978  -6.118  -0.348  1.00 23.11 ? 96   LEU A CA  1 
ATOM   753  C  C   . LEU A 1 94  ? -9.152  -6.769  1.013   1.00 22.93 ? 96   LEU A C   1 
ATOM   754  O  O   . LEU A 1 94  ? -8.796  -6.206  2.032   1.00 22.30 ? 96   LEU A O   1 
ATOM   755  C  CB  . LEU A 1 94  ? -7.830  -6.828  -1.108  1.00 22.58 ? 96   LEU A CB  1 
ATOM   756  C  CG  . LEU A 1 94  ? -6.451  -6.988  -0.426  1.00 23.67 ? 96   LEU A CG  1 
ATOM   757  C  CD1 . LEU A 1 94  ? -5.753  -8.175  -1.124  1.00 27.40 ? 96   LEU A CD1 1 
ATOM   758  C  CD2 . LEU A 1 94  ? -5.629  -5.757  -0.511  1.00 25.57 ? 96   LEU A CD2 1 
ATOM   759  N  N   . GLN A 1 95  ? -9.712  -7.967  1.021   1.00 22.67 ? 97   GLN A N   1 
ATOM   760  C  CA  . GLN A 1 95  ? -9.797  -8.738  2.262   1.00 22.00 ? 97   GLN A CA  1 
ATOM   761  C  C   . GLN A 1 95  ? -8.431  -8.915  2.939   1.00 22.16 ? 97   GLN A C   1 
ATOM   762  O  O   . GLN A 1 95  ? -7.382  -8.963  2.255   1.00 23.03 ? 97   GLN A O   1 
ATOM   763  C  CB  . GLN A 1 95  ? -10.437 -10.097 2.027   1.00 21.64 ? 97   GLN A CB  1 
ATOM   764  C  CG  . GLN A 1 95  ? -11.915 -10.099 1.621   1.00 21.47 ? 97   GLN A CG  1 
ATOM   765  C  CD  . GLN A 1 95  ? -12.454 -11.522 1.420   1.00 25.01 ? 97   GLN A CD  1 
ATOM   766  O  OE1 . GLN A 1 95  ? -11.929 -12.258 0.576   1.00 25.09 ? 97   GLN A OE1 1 
ATOM   767  N  NE2 . GLN A 1 95  ? -13.516 -11.905 2.166   1.00 22.19 ? 97   GLN A NE2 1 
ATOM   768  N  N   . ASN A 1 96  ? -8.437  -9.008  4.279   1.00 22.05 ? 98   ASN A N   1 
ATOM   769  C  CA  . ASN A 1 96  ? -7.202  -9.281  5.069   1.00 22.49 ? 98   ASN A CA  1 
ATOM   770  C  C   . ASN A 1 96  ? -6.976  -10.766 5.395   1.00 23.31 ? 98   ASN A C   1 
ATOM   771  O  O   . ASN A 1 96  ? -6.225  -11.110 6.317   1.00 24.06 ? 98   ASN A O   1 
ATOM   772  C  CB  . ASN A 1 96  ? -7.154  -8.446  6.353   1.00 22.21 ? 98   ASN A CB  1 
ATOM   773  C  CG  . ASN A 1 96  ? -8.244  -8.776  7.323   1.00 22.65 ? 98   ASN A CG  1 
ATOM   774  O  OD1 . ASN A 1 96  ? -8.913  -9.809  7.216   1.00 21.57 ? 98   ASN A OD1 1 
ATOM   775  N  ND2 . ASN A 1 96  ? -8.434  -7.880  8.333   1.00 22.30 ? 98   ASN A ND2 1 
ATOM   776  N  N   . HIS A 1 97  ? -7.644  -11.627 4.642   1.00 22.88 ? 99   HIS A N   1 
ATOM   777  C  CA  . HIS A 1 97  ? -7.525  -13.077 4.791   1.00 23.81 ? 99   HIS A CA  1 
ATOM   778  C  C   . HIS A 1 97  ? -7.947  -13.739 3.465   1.00 23.58 ? 99   HIS A C   1 
ATOM   779  O  O   . HIS A 1 97  ? -8.605  -13.120 2.616   1.00 21.74 ? 99   HIS A O   1 
ATOM   780  C  CB  . HIS A 1 97  ? -8.422  -13.583 5.935   1.00 23.57 ? 99   HIS A CB  1 
ATOM   781  C  CG  . HIS A 1 97  ? -9.867  -13.296 5.704   1.00 22.69 ? 99   HIS A CG  1 
ATOM   782  N  ND1 . HIS A 1 97  ? -10.742 -14.255 5.246   1.00 23.07 ? 99   HIS A ND1 1 
ATOM   783  C  CD2 . HIS A 1 97  ? -10.584 -12.150 5.814   1.00 21.40 ? 99   HIS A CD2 1 
ATOM   784  C  CE1 . HIS A 1 97  ? -11.947 -13.716 5.090   1.00 25.45 ? 99   HIS A CE1 1 
ATOM   785  N  NE2 . HIS A 1 97  ? -11.877 -12.436 5.418   1.00 22.13 ? 99   HIS A NE2 1 
ATOM   786  N  N   . ASP A 1 98  ? -7.583  -15.009 3.305   1.00 25.04 ? 100  ASP A N   1 
ATOM   787  C  CA  . ASP A 1 98  ? -7.990  -15.820 2.135   1.00 25.58 ? 100  ASP A CA  1 
ATOM   788  C  C   . ASP A 1 98  ? -9.490  -15.835 1.989   1.00 25.18 ? 100  ASP A C   1 
ATOM   789  O  O   . ASP A 1 98  ? -10.165 -16.127 2.988   1.00 25.11 ? 100  ASP A O   1 
ATOM   790  C  CB  . ASP A 1 98  ? -7.467  -17.262 2.314   1.00 26.08 ? 100  ASP A CB  1 
ATOM   791  C  CG  . ASP A 1 98  ? -7.819  -18.148 1.132   1.00 30.27 ? 100  ASP A CG  1 
ATOM   792  O  OD1 . ASP A 1 98  ? -8.943  -18.678 1.083   1.00 33.68 ? 100  ASP A OD1 1 
ATOM   793  O  OD2 . ASP A 1 98  ? -7.053  -18.329 0.175   1.00 36.17 ? 100  ASP A OD2 1 
ATOM   794  N  N   . PRO A 1 99  ? -10.068 -15.639 0.802   1.00 25.75 ? 101  PRO A N   1 
ATOM   795  C  CA  . PRO A 1 99  ? -9.399  -15.616 -0.516  1.00 25.96 ? 101  PRO A CA  1 
ATOM   796  C  C   . PRO A 1 99  ? -8.936  -14.285 -1.088  1.00 25.62 ? 101  PRO A C   1 
ATOM   797  O  O   . PRO A 1 99  ? -8.754  -14.169 -2.321  1.00 25.63 ? 101  PRO A O   1 
ATOM   798  C  CB  . PRO A 1 99  ? -10.474 -16.248 -1.422  1.00 26.34 ? 101  PRO A CB  1 
ATOM   799  C  CG  . PRO A 1 99  ? -11.778 -15.672 -0.893  1.00 26.91 ? 101  PRO A CG  1 
ATOM   800  C  CD  . PRO A 1 99  ? -11.536 -15.605 0.640   1.00 26.99 ? 101  PRO A CD  1 
ATOM   801  N  N   . TRP A 1 100 ? -8.714  -13.284 -0.244  1.00 24.15 ? 102  TRP A N   1 
ATOM   802  C  CA  . TRP A 1 100 ? -8.103  -12.036 -0.681  1.00 24.14 ? 102  TRP A CA  1 
ATOM   803  C  C   . TRP A 1 100 ? -8.916  -11.272 -1.749  1.00 23.89 ? 102  TRP A C   1 
ATOM   804  O  O   . TRP A 1 100 ? -8.330  -10.656 -2.640  1.00 24.87 ? 102  TRP A O   1 
ATOM   805  C  CB  . TRP A 1 100 ? -6.641  -12.251 -1.167  1.00 24.25 ? 102  TRP A CB  1 
ATOM   806  C  CG  . TRP A 1 100 ? -5.849  -13.188 -0.321  1.00 24.97 ? 102  TRP A CG  1 
ATOM   807  C  CD1 . TRP A 1 100 ? -5.538  -14.511 -0.605  1.00 27.22 ? 102  TRP A CD1 1 
ATOM   808  C  CD2 . TRP A 1 100 ? -5.330  -12.937 0.984   1.00 24.35 ? 102  TRP A CD2 1 
ATOM   809  N  NE1 . TRP A 1 100 ? -4.825  -15.062 0.437   1.00 26.42 ? 102  TRP A NE1 1 
ATOM   810  C  CE2 . TRP A 1 100 ? -4.676  -14.123 1.420   1.00 24.79 ? 102  TRP A CE2 1 
ATOM   811  C  CE3 . TRP A 1 100 ? -5.302  -11.812 1.817   1.00 24.92 ? 102  TRP A CE3 1 
ATOM   812  C  CZ2 . TRP A 1 100 ? -4.065  -14.229 2.665   1.00 23.66 ? 102  TRP A CZ2 1 
ATOM   813  C  CZ3 . TRP A 1 100 ? -4.680  -11.919 3.055   1.00 23.64 ? 102  TRP A CZ3 1 
ATOM   814  C  CH2 . TRP A 1 100 ? -4.077  -13.114 3.464   1.00 25.65 ? 102  TRP A CH2 1 
ATOM   815  N  N   . THR A 1 101 ? -10.241 -11.295 -1.663  1.00 24.61 ? 103  THR A N   1 
ATOM   816  C  CA  . THR A 1 101 ? -11.086 -10.622 -2.669  1.00 24.82 ? 103  THR A CA  1 
ATOM   817  C  C   . THR A 1 101 ? -10.735 -9.135  -2.811  1.00 26.04 ? 103  THR A C   1 
ATOM   818  O  O   . THR A 1 101 ? -10.667 -8.404  -1.810  1.00 24.26 ? 103  THR A O   1 
ATOM   819  C  CB  . THR A 1 101 ? -12.574 -10.773 -2.326  1.00 26.08 ? 103  THR A CB  1 
ATOM   820  O  OG1 . THR A 1 101 ? -12.921 -12.157 -2.285  1.00 24.84 ? 103  THR A OG1 1 
ATOM   821  C  CG2 . THR A 1 101 ? -13.455 -10.161 -3.395  1.00 27.11 ? 103  THR A CG2 1 
ATOM   822  N  N   . ASN A 1 102 ? -10.505 -8.686  -4.056  1.00 25.45 ? 104  ASN A N   1 
ATOM   823  C  CA  . ASN A 1 102 ? -10.161 -7.297  -4.327  1.00 25.34 ? 104  ASN A CA  1 
ATOM   824  C  C   . ASN A 1 102 ? -11.470 -6.508  -4.493  1.00 25.83 ? 104  ASN A C   1 
ATOM   825  O  O   . ASN A 1 102 ? -12.241 -6.746  -5.460  1.00 26.35 ? 104  ASN A O   1 
ATOM   826  C  CB  . ASN A 1 102 ? -9.339  -7.132  -5.622  1.00 25.72 ? 104  ASN A CB  1 
ATOM   827  C  CG  . ASN A 1 102 ? -7.903  -7.737  -5.588  1.00 28.83 ? 104  ASN A CG  1 
ATOM   828  O  OD1 . ASN A 1 102 ? -7.101  -7.416  -6.488  1.00 27.58 ? 104  ASN A OD1 1 
ATOM   829  N  ND2 . ASN A 1 102 ? -7.563  -8.578  -4.577  1.00 25.27 ? 104  ASN A ND2 1 
ATOM   830  N  N   . TYR A 1 103 ? -11.770 -5.602  -3.565  1.00 24.42 ? 105  TYR A N   1 
ATOM   831  C  CA  . TYR A 1 103 ? -12.979 -4.781  -3.645  1.00 24.72 ? 105  TYR A CA  1 
ATOM   832  C  C   . TYR A 1 103 ? -12.759 -3.524  -4.530  1.00 23.63 ? 105  TYR A C   1 
ATOM   833  O  O   . TYR A 1 103 ? -13.690 -3.034  -5.180  1.00 22.95 ? 105  TYR A O   1 
ATOM   834  C  CB  . TYR A 1 103 ? -13.451 -4.373  -2.244  1.00 24.64 ? 105  TYR A CB  1 
ATOM   835  C  CG  . TYR A 1 103 ? -13.807 -5.520  -1.316  1.00 23.79 ? 105  TYR A CG  1 
ATOM   836  C  CD1 . TYR A 1 103 ? -14.801 -6.427  -1.649  1.00 24.23 ? 105  TYR A CD1 1 
ATOM   837  C  CD2 . TYR A 1 103 ? -13.171 -5.672  -0.094  1.00 21.96 ? 105  TYR A CD2 1 
ATOM   838  C  CE1 . TYR A 1 103 ? -15.174 -7.462  -0.767  1.00 25.50 ? 105  TYR A CE1 1 
ATOM   839  C  CE2 . TYR A 1 103 ? -13.523 -6.686  0.782   1.00 21.80 ? 105  TYR A CE2 1 
ATOM   840  C  CZ  . TYR A 1 103 ? -14.479 -7.596  0.445   1.00 22.10 ? 105  TYR A CZ  1 
ATOM   841  O  OH  . TYR A 1 103 ? -14.844 -8.611  1.324   1.00 23.11 ? 105  TYR A OH  1 
ATOM   842  N  N   . PHE A 1 104 ? -11.526 -3.045  -4.538  1.00 24.07 ? 106  PHE A N   1 
ATOM   843  C  CA  . PHE A 1 104 ? -11.073 -1.879  -5.314  1.00 23.82 ? 106  PHE A CA  1 
ATOM   844  C  C   . PHE A 1 104 ? -9.665  -2.177  -5.833  1.00 23.32 ? 106  PHE A C   1 
ATOM   845  O  O   . PHE A 1 104 ? -8.801  -2.620  -5.085  1.00 21.83 ? 106  PHE A O   1 
ATOM   846  C  CB  . PHE A 1 104 ? -11.002 -0.631  -4.405  1.00 24.27 ? 106  PHE A CB  1 
ATOM   847  C  CG  . PHE A 1 104 ? -10.391 0.598   -5.061  1.00 23.52 ? 106  PHE A CG  1 
ATOM   848  C  CD1 . PHE A 1 104 ? -11.186 1.468   -5.819  1.00 25.00 ? 106  PHE A CD1 1 
ATOM   849  C  CD2 . PHE A 1 104 ? -9.053  0.889   -4.905  1.00 24.11 ? 106  PHE A CD2 1 
ATOM   850  C  CE1 . PHE A 1 104 ? -10.626 2.621   -6.386  1.00 23.43 ? 106  PHE A CE1 1 
ATOM   851  C  CE2 . PHE A 1 104 ? -8.471  2.023   -5.496  1.00 26.02 ? 106  PHE A CE2 1 
ATOM   852  C  CZ  . PHE A 1 104 ? -9.291  2.903   -6.229  1.00 24.32 ? 106  PHE A CZ  1 
ATOM   853  N  N   . ALA A 1 105 ? -9.406  -1.864  -7.114  1.00 22.94 ? 107  ALA A N   1 
ATOM   854  C  CA  . ALA A 1 105 ? -8.059  -2.041  -7.684  1.00 23.34 ? 107  ALA A CA  1 
ATOM   855  C  C   . ALA A 1 105 ? -7.791  -1.081  -8.877  1.00 22.90 ? 107  ALA A C   1 
ATOM   856  O  O   . ALA A 1 105 ? -8.589  -1.048  -9.825  1.00 23.83 ? 107  ALA A O   1 
ATOM   857  C  CB  . ALA A 1 105 ? -7.885  -3.480  -8.136  1.00 24.94 ? 107  ALA A CB  1 
ATOM   858  N  N   . GLN A 1 106 ? -6.689  -0.340  -8.791  1.00 23.76 ? 108  GLN A N   1 
ATOM   859  C  CA  . GLN A 1 106 ? -6.185  0.521   -9.857  1.00 24.09 ? 108  GLN A CA  1 
ATOM   860  C  C   . GLN A 1 106 ? -4.629  0.470   -9.925  1.00 23.88 ? 108  GLN A C   1 
ATOM   861  O  O   . GLN A 1 106 ? -3.927  0.143   -8.954  1.00 25.11 ? 108  GLN A O   1 
ATOM   862  C  CB  . GLN A 1 106 ? -6.664  1.985   -9.637  1.00 24.17 ? 108  GLN A CB  1 
ATOM   863  C  CG  . GLN A 1 106 ? -8.190  2.196   -9.564  1.00 24.05 ? 108  GLN A CG  1 
ATOM   864  C  CD  . GLN A 1 106 ? -8.965  1.969   -10.851 1.00 24.12 ? 108  GLN A CD  1 
ATOM   865  O  OE1 . GLN A 1 106 ? -8.393  1.780   -11.913 1.00 23.64 ? 108  GLN A OE1 1 
ATOM   866  N  NE2 . GLN A 1 106 ? -10.291 2.008   -10.758 1.00 22.13 ? 108  GLN A NE2 1 
ATOM   867  N  N   . THR A 1 107 ? -4.094  0.745   -11.108 1.00 23.72 ? 109  THR A N   1 
ATOM   868  C  CA  . THR A 1 107 ? -2.657  0.852   -11.319 1.00 22.82 ? 109  THR A CA  1 
ATOM   869  C  C   . THR A 1 107 ? -2.347  2.328   -11.622 1.00 22.97 ? 109  THR A C   1 
ATOM   870  O  O   . THR A 1 107 ? -3.089  2.973   -12.384 1.00 24.37 ? 109  THR A O   1 
ATOM   871  C  CB  . THR A 1 107 ? -2.327  -0.014  -12.555 1.00 23.98 ? 109  THR A CB  1 
ATOM   872  O  OG1 . THR A 1 107 ? -2.648  -1.398  -12.311 1.00 22.84 ? 109  THR A OG1 1 
ATOM   873  C  CG2 . THR A 1 107 ? -0.830  0.059   -12.933 1.00 23.12 ? 109  THR A CG2 1 
ATOM   874  N  N   . VAL A 1 108 ? -1.267  2.854   -11.078 1.00 23.91 ? 110  VAL A N   1 
ATOM   875  C  CA  . VAL A 1 108 ? -0.834  4.226   -11.393 1.00 23.81 ? 110  VAL A CA  1 
ATOM   876  C  C   . VAL A 1 108 ? 0.646   4.225   -11.852 1.00 23.99 ? 110  VAL A C   1 
ATOM   877  O  O   . VAL A 1 108 ? 1.471   3.508   -11.278 1.00 24.39 ? 110  VAL A O   1 
ATOM   878  C  CB  . VAL A 1 108 ? -1.067  5.192   -10.197 1.00 23.45 ? 110  VAL A CB  1 
ATOM   879  C  CG1 . VAL A 1 108 ? -2.572  5.364   -9.905  1.00 23.40 ? 110  VAL A CG1 1 
ATOM   880  C  CG2 . VAL A 1 108 ? -0.297  4.730   -8.932  1.00 24.74 ? 110  VAL A CG2 1 
ATOM   881  N  N   . ASN A 1 109 ? 0.953   5.020   -12.884 1.00 23.07 ? 111  ASN A N   1 
ATOM   882  C  CA  . ASN A 1 109 ? 2.318   5.215   -13.380 1.00 22.08 ? 111  ASN A CA  1 
ATOM   883  C  C   . ASN A 1 109 ? 2.989   6.322   -12.548 1.00 23.23 ? 111  ASN A C   1 
ATOM   884  O  O   . ASN A 1 109 ? 2.477   7.455   -12.505 1.00 22.19 ? 111  ASN A O   1 
ATOM   885  C  CB  . ASN A 1 109 ? 2.295   5.617   -14.875 1.00 22.15 ? 111  ASN A CB  1 
ATOM   886  C  CG  . ASN A 1 109 ? 1.654   4.520   -15.771 1.00 23.46 ? 111  ASN A CG  1 
ATOM   887  O  OD1 . ASN A 1 109 ? 0.741   4.780   -16.588 1.00 23.57 ? 111  ASN A OD1 1 
ATOM   888  N  ND2 . ASN A 1 109 ? 2.130   3.306   -15.600 1.00 19.50 ? 111  ASN A ND2 1 
ATOM   889  N  N   . LEU A 1 110 ? 4.128   5.997   -11.911 1.00 22.41 ? 112  LEU A N   1 
ATOM   890  C  CA  . LEU A 1 110 ? 4.920   6.955   -11.162 1.00 23.18 ? 112  LEU A CA  1 
ATOM   891  C  C   . LEU A 1 110 ? 6.102   7.501   -11.987 1.00 23.60 ? 112  LEU A C   1 
ATOM   892  O  O   . LEU A 1 110 ? 6.654   6.810   -12.860 1.00 22.42 ? 112  LEU A O   1 
ATOM   893  C  CB  . LEU A 1 110 ? 5.460   6.325   -9.872  1.00 23.37 ? 112  LEU A CB  1 
ATOM   894  C  CG  . LEU A 1 110 ? 4.461   5.639   -8.925  1.00 22.92 ? 112  LEU A CG  1 
ATOM   895  C  CD1 . LEU A 1 110 ? 5.197   5.096   -7.718  1.00 22.66 ? 112  LEU A CD1 1 
ATOM   896  C  CD2 . LEU A 1 110 ? 3.329   6.551   -8.497  1.00 24.72 ? 112  LEU A CD2 1 
ATOM   897  N  N   . THR A 1 111 ? 6.470   8.751   -11.700 1.00 24.57 ? 113  THR A N   1 
ATOM   898  C  CA  . THR A 1 111 ? 7.659   9.418   -12.233 1.00 24.75 ? 113  THR A CA  1 
ATOM   899  C  C   . THR A 1 111 ? 8.537   9.898   -11.074 1.00 24.77 ? 113  THR A C   1 
ATOM   900  O  O   . THR A 1 111 ? 8.186   9.686   -9.919  1.00 23.92 ? 113  THR A O   1 
ATOM   901  C  CB  . THR A 1 111 ? 7.271   10.668  -13.062 1.00 26.10 ? 113  THR A CB  1 
ATOM   902  O  OG1 . THR A 1 111 ? 6.786   11.694  -12.180 1.00 25.14 ? 113  THR A OG1 1 
ATOM   903  C  CG2 . THR A 1 111 ? 6.081   10.405  -14.030 1.00 26.86 ? 113  THR A CG2 1 
ATOM   904  N  N   . ALA A 1 112 ? 9.650   10.558  -11.392 1.00 24.09 ? 114  ALA A N   1 
ATOM   905  C  CA  . ALA A 1 112 ? 10.540  11.175  -10.374 1.00 24.56 ? 114  ALA A CA  1 
ATOM   906  C  C   . ALA A 1 112 ? 9.992   12.464  -9.701  1.00 24.24 ? 114  ALA A C   1 
ATOM   907  O  O   . ALA A 1 112 ? 10.653  13.027  -8.805  1.00 23.37 ? 114  ALA A O   1 
ATOM   908  C  CB  . ALA A 1 112 ? 11.939  11.445  -10.969 1.00 25.45 ? 114  ALA A CB  1 
ATOM   909  N  N   . ASP A 1 113 ? 8.804   12.914  -10.127 1.00 23.42 ? 115  ASP A N   1 
ATOM   910  C  CA  . ASP A 1 113 ? 8.139   14.103  -9.575  1.00 23.51 ? 115  ASP A CA  1 
ATOM   911  C  C   . ASP A 1 113 ? 6.974   13.665  -8.704  1.00 22.92 ? 115  ASP A C   1 
ATOM   912  O  O   . ASP A 1 113 ? 6.207   12.768  -9.086  1.00 21.50 ? 115  ASP A O   1 
ATOM   913  C  CB  . ASP A 1 113 ? 7.578   15.020  -10.694 1.00 23.92 ? 115  ASP A CB  1 
ATOM   914  C  CG  . ASP A 1 113 ? 8.627   15.457  -11.725 1.00 26.84 ? 115  ASP A CG  1 
ATOM   915  O  OD1 . ASP A 1 113 ? 9.780   15.784  -11.346 1.00 26.52 ? 115  ASP A OD1 1 
ATOM   916  O  OD2 . ASP A 1 113 ? 8.340   15.570  -12.955 1.00 28.81 ? 115  ASP A OD2 1 
ATOM   917  N  N   . TRP A 1 114 ? 6.842   14.255  -7.519  1.00 21.31 ? 116  TRP A N   1 
ATOM   918  C  CA  . TRP A 1 114 ? 5.655   13.999  -6.702  1.00 21.59 ? 116  TRP A CA  1 
ATOM   919  C  C   . TRP A 1 114 ? 4.372   14.293  -7.497  1.00 21.48 ? 116  TRP A C   1 
ATOM   920  O  O   . TRP A 1 114 ? 4.255   15.357  -8.106  1.00 21.56 ? 116  TRP A O   1 
ATOM   921  C  CB  . TRP A 1 114 ? 5.638   14.897  -5.461  1.00 21.83 ? 116  TRP A CB  1 
ATOM   922  C  CG  . TRP A 1 114 ? 6.607   14.503  -4.344  1.00 21.49 ? 116  TRP A CG  1 
ATOM   923  C  CD1 . TRP A 1 114 ? 7.769   15.126  -3.996  1.00 24.03 ? 116  TRP A CD1 1 
ATOM   924  C  CD2 . TRP A 1 114 ? 6.446   13.408  -3.441  1.00 21.95 ? 116  TRP A CD2 1 
ATOM   925  N  NE1 . TRP A 1 114 ? 8.353   14.474  -2.930  1.00 22.32 ? 116  TRP A NE1 1 
ATOM   926  C  CE2 . TRP A 1 114 ? 7.562   13.404  -2.581  1.00 22.70 ? 116  TRP A CE2 1 
ATOM   927  C  CE3 . TRP A 1 114 ? 5.471   12.400  -3.285  1.00 22.05 ? 116  TRP A CE3 1 
ATOM   928  C  CZ2 . TRP A 1 114 ? 7.712   12.454  -1.556  1.00 22.68 ? 116  TRP A CZ2 1 
ATOM   929  C  CZ3 . TRP A 1 114 ? 5.630   11.451  -2.284  1.00 22.77 ? 116  TRP A CZ3 1 
ATOM   930  C  CH2 . TRP A 1 114 ? 6.741   11.501  -1.422  1.00 24.17 ? 116  TRP A CH2 1 
ATOM   931  N  N   . GLN A 1 115 ? 3.418   13.376  -7.441  1.00 22.05 ? 117  GLN A N   1 
ATOM   932  C  CA  . GLN A 1 115 ? 2.046   13.603  -7.938  1.00 22.61 ? 117  GLN A CA  1 
ATOM   933  C  C   . GLN A 1 115 ? 0.983   13.026  -6.985  1.00 22.94 ? 117  GLN A C   1 
ATOM   934  O  O   . GLN A 1 115 ? 1.274   12.142  -6.172  1.00 22.61 ? 117  GLN A O   1 
ATOM   935  C  CB  . GLN A 1 115 ? 1.851   13.034  -9.353  1.00 22.09 ? 117  GLN A CB  1 
ATOM   936  C  CG  . GLN A 1 115 ? 2.880   13.602  -10.429 1.00 24.16 ? 117  GLN A CG  1 
ATOM   937  C  CD  . GLN A 1 115 ? 2.708   15.074  -10.805 1.00 21.26 ? 117  GLN A CD  1 
ATOM   938  O  OE1 . GLN A 1 115 ? 3.543   15.630  -11.543 1.00 25.60 ? 117  GLN A OE1 1 
ATOM   939  N  NE2 . GLN A 1 115 ? 1.665   15.721  -10.302 1.00 19.96 ? 117  GLN A NE2 1 
ATOM   940  N  N   . THR A 1 116 ? -0.246  13.535  -7.111  1.00 23.69 ? 118  THR A N   1 
ATOM   941  C  CA  . THR A 1 116 ? -1.388  13.130  -6.292  1.00 23.34 ? 118  THR A CA  1 
ATOM   942  C  C   . THR A 1 116 ? -2.395  12.346  -7.133  1.00 23.16 ? 118  THR A C   1 
ATOM   943  O  O   . THR A 1 116 ? -2.650  12.695  -8.284  1.00 23.73 ? 118  THR A O   1 
ATOM   944  C  CB  . THR A 1 116 ? -2.080  14.381  -5.686  1.00 23.20 ? 118  THR A CB  1 
ATOM   945  O  OG1 . THR A 1 116 ? -1.103  15.220  -5.068  1.00 23.73 ? 118  THR A OG1 1 
ATOM   946  C  CG2 . THR A 1 116 ? -3.007  14.010  -4.561  1.00 23.81 ? 118  THR A CG2 1 
ATOM   947  N  N   . PHE A 1 117 ? -2.968  11.322  -6.519  1.00 22.93 ? 119  PHE A N   1 
ATOM   948  C  CA  . PHE A 1 117 ? -3.931  10.392  -7.120  1.00 22.89 ? 119  PHE A CA  1 
ATOM   949  C  C   . PHE A 1 117 ? -5.144  10.268  -6.185  1.00 23.76 ? 119  PHE A C   1 
ATOM   950  O  O   . PHE A 1 117 ? -4.958  9.951   -4.969  1.00 23.61 ? 119  PHE A O   1 
ATOM   951  C  CB  . PHE A 1 117 ? -3.280  8.997   -7.275  1.00 23.53 ? 119  PHE A CB  1 
ATOM   952  C  CG  . PHE A 1 117 ? -1.964  9.003   -8.017  1.00 23.64 ? 119  PHE A CG  1 
ATOM   953  C  CD1 . PHE A 1 117 ? -1.923  8.865   -9.400  1.00 25.25 ? 119  PHE A CD1 1 
ATOM   954  C  CD2 . PHE A 1 117 ? -0.765  9.209   -7.345  1.00 24.58 ? 119  PHE A CD2 1 
ATOM   955  C  CE1 . PHE A 1 117 ? -0.708  8.914   -10.095 1.00 22.13 ? 119  PHE A CE1 1 
ATOM   956  C  CE2 . PHE A 1 117 ? 0.436   9.229   -8.028  1.00 23.73 ? 119  PHE A CE2 1 
ATOM   957  C  CZ  . PHE A 1 117 ? 0.464   9.094   -9.416  1.00 24.01 ? 119  PHE A CZ  1 
ATOM   958  N  N   . THR A 1 118 ? -6.365  10.486  -6.704  1.00 22.28 ? 120  THR A N   1 
ATOM   959  C  CA  . THR A 1 118 ? -7.589  10.486  -5.888  1.00 22.95 ? 120  THR A CA  1 
ATOM   960  C  C   . THR A 1 118 ? -8.745  9.757   -6.604  1.00 23.45 ? 120  THR A C   1 
ATOM   961  O  O   . THR A 1 118 ? -9.063  10.095  -7.749  1.00 23.86 ? 120  THR A O   1 
ATOM   962  C  CB  . THR A 1 118 ? -7.998  11.926  -5.556  1.00 23.65 ? 120  THR A CB  1 
ATOM   963  O  OG1 . THR A 1 118 ? -6.911  12.599  -4.888  1.00 23.99 ? 120  THR A OG1 1 
ATOM   964  C  CG2 . THR A 1 118 ? -9.182  11.999  -4.586  1.00 24.82 ? 120  THR A CG2 1 
ATOM   965  N  N   . PHE A 1 119 ? -9.377  8.814   -5.903  1.00 22.72 ? 121  PHE A N   1 
ATOM   966  C  CA  . PHE A 1 119 ? -10.416 7.914   -6.446  1.00 22.72 ? 121  PHE A CA  1 
ATOM   967  C  C   . PHE A 1 119 ? -11.639 7.813   -5.506  1.00 23.69 ? 121  PHE A C   1 
ATOM   968  O  O   . PHE A 1 119 ? -11.466 7.703   -4.305  1.00 25.25 ? 121  PHE A O   1 
ATOM   969  C  CB  . PHE A 1 119 ? -9.845  6.507   -6.548  1.00 22.63 ? 121  PHE A CB  1 
ATOM   970  C  CG  . PHE A 1 119 ? -8.600  6.371   -7.427  1.00 22.97 ? 121  PHE A CG  1 
ATOM   971  C  CD1 . PHE A 1 119 ? -8.721  6.210   -8.803  1.00 27.32 ? 121  PHE A CD1 1 
ATOM   972  C  CD2 . PHE A 1 119 ? -7.346  6.361   -6.875  1.00 23.64 ? 121  PHE A CD2 1 
ATOM   973  C  CE1 . PHE A 1 119 ? -7.580  6.060   -9.626  1.00 25.92 ? 121  PHE A CE1 1 
ATOM   974  C  CE2 . PHE A 1 119 ? -6.202  6.199   -7.653  1.00 24.41 ? 121  PHE A CE2 1 
ATOM   975  C  CZ  . PHE A 1 119 ? -6.311  6.060   -9.050  1.00 25.82 ? 121  PHE A CZ  1 
ATOM   976  N  N   . THR A 1 120 ? -12.866 7.833   -6.017  1.00 23.92 ? 122  THR A N   1 
ATOM   977  C  CA  . THR A 1 120 ? -14.028 7.454   -5.200  1.00 23.84 ? 122  THR A CA  1 
ATOM   978  C  C   . THR A 1 120 ? -14.177 5.931   -5.128  1.00 24.02 ? 122  THR A C   1 
ATOM   979  O  O   . THR A 1 120 ? -13.758 5.222   -6.032  1.00 23.51 ? 122  THR A O   1 
ATOM   980  C  CB  . THR A 1 120 ? -15.356 8.072   -5.708  1.00 24.95 ? 122  THR A CB  1 
ATOM   981  O  OG1 . THR A 1 120 ? -15.625 7.690   -7.075  1.00 24.56 ? 122  THR A OG1 1 
ATOM   982  C  CG2 . THR A 1 120 ? -15.310 9.593   -5.693  1.00 24.37 ? 122  THR A CG2 1 
ATOM   983  N  N   . TYR A 1 121 ? -14.818 5.450   -4.056  1.00 24.11 ? 123  TYR A N   1 
ATOM   984  C  CA  . TYR A 1 121 ? -14.930 4.018   -3.752  1.00 23.95 ? 123  TYR A CA  1 
ATOM   985  C  C   . TYR A 1 121 ? -16.164 3.789   -2.893  1.00 24.16 ? 123  TYR A C   1 
ATOM   986  O  O   . TYR A 1 121 ? -16.324 4.454   -1.868  1.00 23.59 ? 123  TYR A O   1 
ATOM   987  C  CB  . TYR A 1 121 ? -13.657 3.500   -3.023  1.00 23.63 ? 123  TYR A CB  1 
ATOM   988  C  CG  . TYR A 1 121 ? -13.834 2.118   -2.373  1.00 25.02 ? 123  TYR A CG  1 
ATOM   989  C  CD1 . TYR A 1 121 ? -14.022 0.969   -3.160  1.00 25.38 ? 123  TYR A CD1 1 
ATOM   990  C  CD2 . TYR A 1 121 ? -13.873 1.965   -0.988  1.00 27.63 ? 123  TYR A CD2 1 
ATOM   991  C  CE1 . TYR A 1 121 ? -14.207 -0.299  -2.578  1.00 25.24 ? 123  TYR A CE1 1 
ATOM   992  C  CE2 . TYR A 1 121 ? -14.040 0.688   -0.388  1.00 27.00 ? 123  TYR A CE2 1 
ATOM   993  C  CZ  . TYR A 1 121 ? -14.223 -0.435  -1.188  1.00 27.71 ? 123  TYR A CZ  1 
ATOM   994  O  OH  . TYR A 1 121 ? -14.422 -1.696  -0.619  1.00 26.25 ? 123  TYR A OH  1 
ATOM   995  N  N   . THR A 1 122 ? -17.053 2.881   -3.312  1.00 24.26 ? 124  THR A N   1 
ATOM   996  C  CA  . THR A 1 122 ? -18.208 2.488   -2.504  1.00 24.09 ? 124  THR A CA  1 
ATOM   997  C  C   . THR A 1 122 ? -17.994 1.071   -1.925  1.00 24.65 ? 124  THR A C   1 
ATOM   998  O  O   . THR A 1 122 ? -17.786 0.104   -2.664  1.00 23.49 ? 124  THR A O   1 
ATOM   999  C  CB  . THR A 1 122 ? -19.524 2.541   -3.350  1.00 24.72 ? 124  THR A CB  1 
ATOM   1000 O  OG1 . THR A 1 122 ? -19.754 3.876   -3.838  1.00 24.30 ? 124  THR A OG1 1 
ATOM   1001 C  CG2 . THR A 1 122 ? -20.742 2.282   -2.484  1.00 25.27 ? 124  THR A CG2 1 
ATOM   1002 N  N   . HIS A 1 123 ? -18.027 0.945   -0.599  1.00 25.59 ? 125  HIS A N   1 
ATOM   1003 C  CA  . HIS A 1 123 ? -17.819 -0.366  0.057   1.00 25.77 ? 125  HIS A CA  1 
ATOM   1004 C  C   . HIS A 1 123 ? -19.048 -1.227  -0.204  1.00 26.12 ? 125  HIS A C   1 
ATOM   1005 O  O   . HIS A 1 123 ? -20.171 -0.812  0.113   1.00 26.01 ? 125  HIS A O   1 
ATOM   1006 C  CB  . HIS A 1 123 ? -17.543 -0.182  1.560   1.00 25.80 ? 125  HIS A CB  1 
ATOM   1007 C  CG  . HIS A 1 123 ? -16.844 -1.338  2.227   1.00 24.32 ? 125  HIS A CG  1 
ATOM   1008 N  ND1 . HIS A 1 123 ? -15.640 -1.846  1.784   1.00 22.24 ? 125  HIS A ND1 1 
ATOM   1009 C  CD2 . HIS A 1 123 ? -17.159 -2.038  3.344   1.00 24.43 ? 125  HIS A CD2 1 
ATOM   1010 C  CE1 . HIS A 1 123 ? -15.243 -2.809  2.598   1.00 23.79 ? 125  HIS A CE1 1 
ATOM   1011 N  NE2 . HIS A 1 123 ? -16.153 -2.951  3.551   1.00 23.89 ? 125  HIS A NE2 1 
ATOM   1012 N  N   . PRO A 1 124 ? -18.867 -2.393  -0.820  1.00 26.85 ? 126  PRO A N   1 
ATOM   1013 C  CA  . PRO A 1 124 ? -20.003 -3.260  -1.181  1.00 27.57 ? 126  PRO A CA  1 
ATOM   1014 C  C   . PRO A 1 124 ? -20.913 -3.654  0.009   1.00 27.72 ? 126  PRO A C   1 
ATOM   1015 O  O   . PRO A 1 124 ? -20.441 -3.750  1.158   1.00 26.87 ? 126  PRO A O   1 
ATOM   1016 C  CB  . PRO A 1 124 ? -19.321 -4.495  -1.807  1.00 27.82 ? 126  PRO A CB  1 
ATOM   1017 C  CG  . PRO A 1 124 ? -17.965 -4.044  -2.211  1.00 27.91 ? 126  PRO A CG  1 
ATOM   1018 C  CD  . PRO A 1 124 ? -17.577 -2.955  -1.268  1.00 27.67 ? 126  PRO A CD  1 
ATOM   1019 N  N   . ASP A 1 125 ? -22.197 -3.869  -0.264  1.00 27.37 ? 127  ASP A N   1 
ATOM   1020 C  CA  . ASP A 1 125 ? -23.177 -4.160  0.779   1.00 28.43 ? 127  ASP A CA  1 
ATOM   1021 C  C   . ASP A 1 125 ? -22.807 -5.391  1.617   1.00 28.29 ? 127  ASP A C   1 
ATOM   1022 O  O   . ASP A 1 125 ? -23.157 -5.476  2.791   1.00 28.33 ? 127  ASP A O   1 
ATOM   1023 C  CB  . ASP A 1 125 ? -24.601 -4.352  0.173   1.00 28.94 ? 127  ASP A CB  1 
ATOM   1024 C  CG  . ASP A 1 125 ? -25.145 -3.075  -0.461  1.00 31.04 ? 127  ASP A CG  1 
ATOM   1025 O  OD1 . ASP A 1 125 ? -24.561 -1.997  -0.208  1.00 31.23 ? 127  ASP A OD1 1 
ATOM   1026 O  OD2 . ASP A 1 125 ? -26.131 -3.051  -1.235  1.00 32.05 ? 127  ASP A OD2 1 
ATOM   1027 N  N   . ASP A 1 126 ? -22.090 -6.329  1.006   1.00 28.39 ? 128  ASP A N   1 
ATOM   1028 C  CA  . ASP A 1 126 ? -21.744 -7.597  1.658   1.00 28.91 ? 128  ASP A CA  1 
ATOM   1029 C  C   . ASP A 1 126 ? -20.233 -7.804  1.852   1.00 27.55 ? 128  ASP A C   1 
ATOM   1030 O  O   . ASP A 1 126 ? -19.787 -8.918  2.104   1.00 27.59 ? 128  ASP A O   1 
ATOM   1031 C  CB  . ASP A 1 126 ? -22.328 -8.766  0.862   1.00 30.16 ? 128  ASP A CB  1 
ATOM   1032 C  CG  . ASP A 1 126 ? -21.729 -8.875  -0.530  1.00 33.51 ? 128  ASP A CG  1 
ATOM   1033 O  OD1 . ASP A 1 126 ? -21.066 -7.918  -0.983  1.00 34.60 ? 128  ASP A OD1 1 
ATOM   1034 O  OD2 . ASP A 1 126 ? -21.924 -9.867  -1.264  1.00 40.85 ? 128  ASP A OD2 1 
ATOM   1035 N  N   . ALA A 1 127 ? -19.452 -6.741  1.729   1.00 25.58 ? 129  ALA A N   1 
ATOM   1036 C  CA  . ALA A 1 127 ? -18.027 -6.823  2.000   1.00 24.49 ? 129  ALA A CA  1 
ATOM   1037 C  C   . ALA A 1 127 ? -17.742 -6.990  3.515   1.00 23.92 ? 129  ALA A C   1 
ATOM   1038 O  O   . ALA A 1 127 ? -18.587 -6.690  4.360   1.00 23.00 ? 129  ALA A O   1 
ATOM   1039 C  CB  . ALA A 1 127 ? -17.332 -5.598  1.449   1.00 25.13 ? 129  ALA A CB  1 
ATOM   1040 N  N   . ASP A 1 128 ? -16.560 -7.501  3.839   1.00 22.82 ? 130  ASP A N   1 
ATOM   1041 C  CA  . ASP A 1 128 ? -16.111 -7.581  5.238   1.00 23.25 ? 130  ASP A CA  1 
ATOM   1042 C  C   . ASP A 1 128 ? -15.987 -6.153  5.864   1.00 23.16 ? 130  ASP A C   1 
ATOM   1043 O  O   . ASP A 1 128 ? -15.632 -5.204  5.182   1.00 22.89 ? 130  ASP A O   1 
ATOM   1044 C  CB  . ASP A 1 128 ? -14.710 -8.218  5.305   1.00 22.80 ? 130  ASP A CB  1 
ATOM   1045 C  CG  . ASP A 1 128 ? -14.679 -9.719  4.934   1.00 23.62 ? 130  ASP A CG  1 
ATOM   1046 O  OD1 . ASP A 1 128 ? -15.744 -10.391 4.887   1.00 21.69 ? 130  ASP A OD1 1 
ATOM   1047 O  OD2 . ASP A 1 128 ? -13.566 -10.281 4.720   1.00 22.67 ? 130  ASP A OD2 1 
ATOM   1048 N  N   . GLU A 1 129 ? -16.216 -6.042  7.168   1.00 23.53 ? 131  GLU A N   1 
ATOM   1049 C  CA  . GLU A 1 129 ? -16.148 -4.753  7.883   1.00 24.24 ? 131  GLU A CA  1 
ATOM   1050 C  C   . GLU A 1 129 ? -14.711 -4.341  8.230   1.00 23.11 ? 131  GLU A C   1 
ATOM   1051 O  O   . GLU A 1 129 ? -14.435 -3.151  8.466   1.00 22.47 ? 131  GLU A O   1 
ATOM   1052 C  CB  . GLU A 1 129 ? -17.021 -4.795  9.145   1.00 25.22 ? 131  GLU A CB  1 
ATOM   1053 C  CG  . GLU A 1 129 ? -18.488 -4.937  8.812   1.00 28.91 ? 131  GLU A CG  1 
ATOM   1054 C  CD  . GLU A 1 129 ? -19.446 -4.590  9.941   1.00 33.58 ? 131  GLU A CD  1 
ATOM   1055 O  OE1 . GLU A 1 129 ? -19.166 -4.878  11.135  1.00 35.39 ? 131  GLU A OE1 1 
ATOM   1056 O  OE2 . GLU A 1 129 ? -20.525 -4.068  9.605   1.00 36.91 ? 131  GLU A OE2 1 
ATOM   1057 N  N   . VAL A 1 130 ? -13.805 -5.314  8.281   1.00 21.19 ? 132  VAL A N   1 
ATOM   1058 C  CA  . VAL A 1 130 ? -12.383 -5.017  8.475   1.00 20.80 ? 132  VAL A CA  1 
ATOM   1059 C  C   . VAL A 1 130 ? -11.646 -5.599  7.265   1.00 21.52 ? 132  VAL A C   1 
ATOM   1060 O  O   . VAL A 1 130 ? -11.737 -6.807  6.997   1.00 20.98 ? 132  VAL A O   1 
ATOM   1061 C  CB  . VAL A 1 130 ? -11.826 -5.596  9.801   1.00 20.93 ? 132  VAL A CB  1 
ATOM   1062 C  CG1 . VAL A 1 130 ? -10.347 -5.228  9.959   1.00 21.79 ? 132  VAL A CG1 1 
ATOM   1063 C  CG2 . VAL A 1 130 ? -12.652 -5.091  11.032  1.00 21.43 ? 132  VAL A CG2 1 
ATOM   1064 N  N   . VAL A 1 131 ? -10.932 -4.719  6.562   1.00 20.78 ? 133  VAL A N   1 
ATOM   1065 C  CA  . VAL A 1 131 ? -10.232 -5.015  5.306   1.00 21.18 ? 133  VAL A CA  1 
ATOM   1066 C  C   . VAL A 1 131 ? -8.813  -4.418  5.388   1.00 21.75 ? 133  VAL A C   1 
ATOM   1067 O  O   . VAL A 1 131 ? -8.351  -4.060  6.499   1.00 21.72 ? 133  VAL A O   1 
ATOM   1068 C  CB  . VAL A 1 131 ? -11.024 -4.477  4.089   1.00 21.14 ? 133  VAL A CB  1 
ATOM   1069 C  CG1 . VAL A 1 131 ? -12.336 -5.208  3.921   1.00 22.01 ? 133  VAL A CG1 1 
ATOM   1070 C  CG2 . VAL A 1 131 ? -11.304 -2.974  4.155   1.00 21.12 ? 133  VAL A CG2 1 
ATOM   1071 N  N   . GLN A 1 132 ? -8.093  -4.346  4.268   1.00 21.51 ? 134  GLN A N   1 
ATOM   1072 C  CA  . GLN A 1 132 ? -6.830  -3.637  4.258   1.00 21.73 ? 134  GLN A CA  1 
ATOM   1073 C  C   . GLN A 1 132 ? -6.658  -2.797  3.002   1.00 22.79 ? 134  GLN A C   1 
ATOM   1074 O  O   . GLN A 1 132 ? -7.178  -3.169  1.932   1.00 22.83 ? 134  GLN A O   1 
ATOM   1075 C  CB  . GLN A 1 132 ? -5.652  -4.609  4.460   1.00 22.69 ? 134  GLN A CB  1 
ATOM   1076 C  CG  . GLN A 1 132 ? -5.528  -5.717  3.407   1.00 23.59 ? 134  GLN A CG  1 
ATOM   1077 C  CD  . GLN A 1 132 ? -4.337  -6.689  3.604   1.00 22.83 ? 134  GLN A CD  1 
ATOM   1078 O  OE1 . GLN A 1 132 ? -3.361  -6.376  4.315   1.00 24.75 ? 134  GLN A OE1 1 
ATOM   1079 N  NE2 . GLN A 1 132 ? -4.392  -7.851  2.891   1.00 22.12 ? 134  GLN A NE2 1 
ATOM   1080 N  N   . ILE A 1 133 ? -5.959  -1.665  3.143   1.00 22.64 ? 135  ILE A N   1 
ATOM   1081 C  CA  . ILE A 1 133 ? -5.378  -0.958  1.996   1.00 24.06 ? 135  ILE A CA  1 
ATOM   1082 C  C   . ILE A 1 133 ? -3.998  -1.546  1.691   1.00 23.72 ? 135  ILE A C   1 
ATOM   1083 O  O   . ILE A 1 133 ? -3.265  -1.943  2.626   1.00 24.09 ? 135  ILE A O   1 
ATOM   1084 C  CB  . ILE A 1 133 ? -5.315  0.574   2.181   1.00 23.47 ? 135  ILE A CB  1 
ATOM   1085 C  CG1 . ILE A 1 133 ? -4.837  1.241   0.864   1.00 26.12 ? 135  ILE A CG1 1 
ATOM   1086 C  CG2 . ILE A 1 133 ? -4.396  0.949   3.341   1.00 25.45 ? 135  ILE A CG2 1 
ATOM   1087 C  CD1 . ILE A 1 133 ? -4.944  2.786   0.851   1.00 27.73 ? 135  ILE A CD1 1 
ATOM   1088 N  N   . SER A 1 134 ? -3.707  -1.718  0.392   1.00 23.97 ? 136  SER A N   1 
ATOM   1089 C  CA  . SER A 1 134 ? -2.447  -2.319  -0.080  1.00 24.67 ? 136  SER A CA  1 
ATOM   1090 C  C   . SER A 1 134 ? -1.847  -1.576  -1.258  1.00 24.15 ? 136  SER A C   1 
ATOM   1091 O  O   . SER A 1 134 ? -2.522  -1.406  -2.283  1.00 24.93 ? 136  SER A O   1 
ATOM   1092 C  CB  . SER A 1 134 ? -2.675  -3.819  -0.482  1.00 25.62 ? 136  SER A CB  1 
ATOM   1093 O  OG  . SER A 1 134 ? -1.450  -4.443  -0.907  1.00 25.84 ? 136  SER A OG  1 
ATOM   1094 N  N   . PHE A 1 135 ? -0.579  -1.155  -1.139  1.00 23.51 ? 137  PHE A N   1 
ATOM   1095 C  CA  . PHE A 1 135 ? 0.196   -0.725  -2.291  1.00 23.71 ? 137  PHE A CA  1 
ATOM   1096 C  C   . PHE A 1 135 ? 1.125   -1.882  -2.736  1.00 24.03 ? 137  PHE A C   1 
ATOM   1097 O  O   . PHE A 1 135 ? 1.943   -2.355  -1.938  1.00 23.78 ? 137  PHE A O   1 
ATOM   1098 C  CB  . PHE A 1 135 ? 1.024   0.512   -1.955  1.00 23.13 ? 137  PHE A CB  1 
ATOM   1099 C  CG  . PHE A 1 135 ? 0.183   1.741   -1.641  1.00 24.10 ? 137  PHE A CG  1 
ATOM   1100 C  CD1 . PHE A 1 135 ? -0.431  2.480   -2.671  1.00 23.60 ? 137  PHE A CD1 1 
ATOM   1101 C  CD2 . PHE A 1 135 ? 0.011   2.166   -0.331  1.00 27.71 ? 137  PHE A CD2 1 
ATOM   1102 C  CE1 . PHE A 1 135 ? -1.200  3.616   -2.381  1.00 24.60 ? 137  PHE A CE1 1 
ATOM   1103 C  CE2 . PHE A 1 135 ? -0.773  3.296   -0.043  1.00 30.25 ? 137  PHE A CE2 1 
ATOM   1104 C  CZ  . PHE A 1 135 ? -1.385  4.014   -1.082  1.00 27.47 ? 137  PHE A CZ  1 
ATOM   1105 N  N   . GLU A 1 136 ? 0.943   -2.350  -3.971  1.00 24.31 ? 138  GLU A N   1 
ATOM   1106 C  CA  . GLU A 1 136 ? 1.699   -3.478  -4.521  1.00 24.99 ? 138  GLU A CA  1 
ATOM   1107 C  C   . GLU A 1 136 ? 2.890   -2.936  -5.296  1.00 25.24 ? 138  GLU A C   1 
ATOM   1108 O  O   . GLU A 1 136 ? 2.716   -2.207  -6.286  1.00 25.46 ? 138  GLU A O   1 
ATOM   1109 C  CB  . GLU A 1 136 ? 0.834   -4.358  -5.423  1.00 24.79 ? 138  GLU A CB  1 
ATOM   1110 C  CG  . GLU A 1 136 ? -0.353  -4.998  -4.748  1.00 25.52 ? 138  GLU A CG  1 
ATOM   1111 C  CD  . GLU A 1 136 ? -1.152  -5.960  -5.622  1.00 26.19 ? 138  GLU A CD  1 
ATOM   1112 O  OE1 . GLU A 1 136 ? -1.079  -5.877  -6.859  1.00 27.26 ? 138  GLU A OE1 1 
ATOM   1113 O  OE2 . GLU A 1 136 ? -1.894  -6.819  -5.070  1.00 25.47 ? 138  GLU A OE2 1 
ATOM   1114 N  N   . LEU A 1 137 ? 4.093   -3.296  -4.838  1.00 23.87 ? 139  LEU A N   1 
ATOM   1115 C  CA  . LEU A 1 137 ? 5.353   -2.763  -5.327  1.00 24.12 ? 139  LEU A CA  1 
ATOM   1116 C  C   . LEU A 1 137 ? 6.223   -3.770  -6.094  1.00 24.98 ? 139  LEU A C   1 
ATOM   1117 O  O   . LEU A 1 137 ? 7.362   -3.445  -6.530  1.00 24.90 ? 139  LEU A O   1 
ATOM   1118 C  CB  . LEU A 1 137 ? 6.160   -2.212  -4.153  1.00 25.11 ? 139  LEU A CB  1 
ATOM   1119 C  CG  . LEU A 1 137 ? 5.381   -1.372  -3.122  1.00 23.90 ? 139  LEU A CG  1 
ATOM   1120 C  CD1 . LEU A 1 137 ? 6.316   -0.896  -2.082  1.00 25.20 ? 139  LEU A CD1 1 
ATOM   1121 C  CD2 . LEU A 1 137 ? 4.660   -0.183  -3.779  1.00 25.32 ? 139  LEU A CD2 1 
ATOM   1122 N  N   . GLY A 1 138 ? 5.718   -4.987  -6.265  1.00 25.24 ? 140  GLY A N   1 
ATOM   1123 C  CA  . GLY A 1 138 ? 6.452   -6.046  -6.955  1.00 25.34 ? 140  GLY A CA  1 
ATOM   1124 C  C   . GLY A 1 138 ? 6.461   -5.939  -8.483  1.00 25.13 ? 140  GLY A C   1 
ATOM   1125 O  O   . GLY A 1 138 ? 5.782   -5.075  -9.052  1.00 23.64 ? 140  GLY A O   1 
ATOM   1126 N  N   . GLU A 1 139 ? 7.291   -6.787  -9.090  1.00 24.99 ? 141  GLU A N   1 
ATOM   1127 C  CA  . GLU A 1 139 ? 7.403   -7.062  -10.532 1.00 27.24 ? 141  GLU A CA  1 
ATOM   1128 C  C   . GLU A 1 139 ? 8.133   -5.987  -11.328 1.00 28.22 ? 141  GLU A C   1 
ATOM   1129 O  O   . GLU A 1 139 ? 9.031   -6.290  -12.148 1.00 29.19 ? 141  GLU A O   1 
ATOM   1130 C  CB  . GLU A 1 139 ? 6.023   -7.339  -11.136 1.00 28.25 ? 141  GLU A CB  1 
ATOM   1131 C  CG  . GLU A 1 139 ? 6.022   -7.930  -12.528 1.00 32.60 ? 141  GLU A CG  1 
ATOM   1132 C  CD  . GLU A 1 139 ? 4.605   -8.069  -13.049 1.00 40.35 ? 141  GLU A CD  1 
ATOM   1133 O  OE1 . GLU A 1 139 ? 3.993   -7.050  -13.486 1.00 43.09 ? 141  GLU A OE1 1 
ATOM   1134 O  OE2 . GLU A 1 139 ? 4.083   -9.197  -12.986 1.00 46.24 ? 141  GLU A OE2 1 
ATOM   1135 N  N   . GLY A 1 140 ? 7.765   -4.732  -11.115 1.00 28.89 ? 142  GLY A N   1 
ATOM   1136 C  CA  . GLY A 1 140 ? 8.343   -3.632  -11.873 1.00 29.99 ? 142  GLY A CA  1 
ATOM   1137 C  C   . GLY A 1 140 ? 9.759   -3.347  -11.396 1.00 29.81 ? 142  GLY A C   1 
ATOM   1138 O  O   . GLY A 1 140 ? 10.240  -4.007  -10.466 1.00 30.87 ? 142  GLY A O   1 
ATOM   1139 N  N   . THR A 1 141 ? 10.389  -2.342  -11.993 1.00 29.30 ? 143  THR A N   1 
ATOM   1140 C  CA  . THR A 1 141 ? 11.813  -2.048  -11.786 1.00 28.51 ? 143  THR A CA  1 
ATOM   1141 C  C   . THR A 1 141 ? 12.204  -1.896  -10.318 1.00 27.80 ? 143  THR A C   1 
ATOM   1142 O  O   . THR A 1 141 ? 11.514  -1.246  -9.539  1.00 26.90 ? 143  THR A O   1 
ATOM   1143 C  CB  . THR A 1 141 ? 12.192  -0.733  -12.520 1.00 29.48 ? 143  THR A CB  1 
ATOM   1144 O  OG1 . THR A 1 141 ? 11.694  -0.768  -13.859 1.00 30.07 ? 143  THR A OG1 1 
ATOM   1145 C  CG2 . THR A 1 141 ? 13.704  -0.587  -12.669 1.00 29.93 ? 143  THR A CG2 1 
ATOM   1146 N  N   . ALA A 1 142 ? 13.338  -2.485  -9.963  1.00 26.75 ? 144  ALA A N   1 
ATOM   1147 C  CA  . ALA A 1 142 ? 13.908  -2.327  -8.631  1.00 26.90 ? 144  ALA A CA  1 
ATOM   1148 C  C   . ALA A 1 142 ? 14.430  -0.898  -8.472  1.00 26.38 ? 144  ALA A C   1 
ATOM   1149 O  O   . ALA A 1 142 ? 15.317  -0.478  -9.180  1.00 26.27 ? 144  ALA A O   1 
ATOM   1150 C  CB  . ALA A 1 142 ? 15.023  -3.323  -8.415  1.00 27.68 ? 144  ALA A CB  1 
ATOM   1151 N  N   . THR A 1 143 ? 13.822  -0.154  -7.566  1.00 26.41 ? 145  THR A N   1 
ATOM   1152 C  CA  . THR A 1 143 ? 14.128  1.263   -7.335  1.00 25.91 ? 145  THR A CA  1 
ATOM   1153 C  C   . THR A 1 143 ? 13.631  1.692   -5.931  1.00 25.96 ? 145  THR A C   1 
ATOM   1154 O  O   . THR A 1 143 ? 13.140  0.848   -5.155  1.00 25.05 ? 145  THR A O   1 
ATOM   1155 C  CB  . THR A 1 143 ? 13.438  2.118   -8.453  1.00 25.98 ? 145  THR A CB  1 
ATOM   1156 O  OG1 . THR A 1 143 ? 13.906  3.467   -8.412  1.00 24.45 ? 145  THR A OG1 1 
ATOM   1157 C  CG2 . THR A 1 143 ? 11.926  2.231   -8.263  1.00 26.41 ? 145  THR A CG2 1 
ATOM   1158 N  N   . THR A 1 144 ? 13.754  2.980   -5.595  1.00 24.72 ? 146  THR A N   1 
ATOM   1159 C  CA  . THR A 1 144 ? 13.101  3.514   -4.404  1.00 23.84 ? 146  THR A CA  1 
ATOM   1160 C  C   . THR A 1 144 ? 11.775  4.181   -4.779  1.00 24.27 ? 146  THR A C   1 
ATOM   1161 O  O   . THR A 1 144 ? 11.704  4.941   -5.756  1.00 24.29 ? 146  THR A O   1 
ATOM   1162 C  CB  . THR A 1 144 ? 14.012  4.472   -3.653  1.00 24.29 ? 146  THR A CB  1 
ATOM   1163 O  OG1 . THR A 1 144 ? 15.179  3.778   -3.173  1.00 23.14 ? 146  THR A OG1 1 
ATOM   1164 C  CG2 . THR A 1 144 ? 13.349  5.018   -2.377  1.00 22.47 ? 146  THR A CG2 1 
ATOM   1165 N  N   . ILE A 1 145 ? 10.747  3.863   -3.986  1.00 24.05 ? 147  ILE A N   1 
ATOM   1166 C  CA  . ILE A 1 145 ? 9.380   4.374   -4.122  1.00 24.25 ? 147  ILE A CA  1 
ATOM   1167 C  C   . ILE A 1 145 ? 9.061   5.197   -2.861  1.00 24.75 ? 147  ILE A C   1 
ATOM   1168 O  O   . ILE A 1 145 ? 9.456   4.811   -1.758  1.00 25.46 ? 147  ILE A O   1 
ATOM   1169 C  CB  . ILE A 1 145 ? 8.402   3.204   -4.304  1.00 23.74 ? 147  ILE A CB  1 
ATOM   1170 C  CG1 . ILE A 1 145 ? 8.846   2.357   -5.518  1.00 24.29 ? 147  ILE A CG1 1 
ATOM   1171 C  CG2 . ILE A 1 145 ? 6.959   3.701   -4.465  1.00 24.29 ? 147  ILE A CG2 1 
ATOM   1172 C  CD1 . ILE A 1 145 ? 7.970   1.196   -5.860  1.00 25.97 ? 147  ILE A CD1 1 
ATOM   1173 N  N   . TYR A 1 146 ? 8.346   6.315   -3.032  1.00 24.79 ? 148  TYR A N   1 
ATOM   1174 C  CA  . TYR A 1 146 ? 8.050   7.286   -1.956  1.00 24.48 ? 148  TYR A CA  1 
ATOM   1175 C  C   . TYR A 1 146 ? 6.539   7.548   -1.833  1.00 24.92 ? 148  TYR A C   1 
ATOM   1176 O  O   . TYR A 1 146 ? 5.795   7.593   -2.858  1.00 23.46 ? 148  TYR A O   1 
ATOM   1177 C  CB  . TYR A 1 146 ? 8.763   8.631   -2.196  1.00 24.42 ? 148  TYR A CB  1 
ATOM   1178 C  CG  . TYR A 1 146 ? 10.259  8.589   -2.452  1.00 23.96 ? 148  TYR A CG  1 
ATOM   1179 C  CD1 . TYR A 1 146 ? 10.771  8.275   -3.711  1.00 23.97 ? 148  TYR A CD1 1 
ATOM   1180 C  CD2 . TYR A 1 146 ? 11.171  8.876   -1.445  1.00 23.37 ? 148  TYR A CD2 1 
ATOM   1181 C  CE1 . TYR A 1 146 ? 12.167  8.253   -3.957  1.00 21.04 ? 148  TYR A CE1 1 
ATOM   1182 C  CE2 . TYR A 1 146 ? 12.547  8.861   -1.692  1.00 24.65 ? 148  TYR A CE2 1 
ATOM   1183 C  CZ  . TYR A 1 146 ? 13.035  8.527   -2.956  1.00 23.74 ? 148  TYR A CZ  1 
ATOM   1184 O  OH  . TYR A 1 146 ? 14.408  8.506   -3.203  1.00 23.27 ? 148  TYR A OH  1 
ATOM   1185 N  N   . PHE A 1 147 ? 6.074   7.743   -0.587  1.00 24.16 ? 149  PHE A N   1 
ATOM   1186 C  CA  . PHE A 1 147 ? 4.649   8.000   -0.313  1.00 23.20 ? 149  PHE A CA  1 
ATOM   1187 C  C   . PHE A 1 147 ? 4.440   9.157   0.665   1.00 22.68 ? 149  PHE A C   1 
ATOM   1188 O  O   . PHE A 1 147 ? 5.287   9.413   1.547   1.00 21.49 ? 149  PHE A O   1 
ATOM   1189 C  CB  . PHE A 1 147 ? 3.952   6.756   0.285   1.00 24.14 ? 149  PHE A CB  1 
ATOM   1190 C  CG  . PHE A 1 147 ? 3.859   5.583   -0.654  1.00 25.96 ? 149  PHE A CG  1 
ATOM   1191 C  CD1 . PHE A 1 147 ? 2.811   5.494   -1.539  1.00 26.09 ? 149  PHE A CD1 1 
ATOM   1192 C  CD2 . PHE A 1 147 ? 4.803   4.544   -0.621  1.00 28.47 ? 149  PHE A CD2 1 
ATOM   1193 C  CE1 . PHE A 1 147 ? 2.684   4.413   -2.427  1.00 26.78 ? 149  PHE A CE1 1 
ATOM   1194 C  CE2 . PHE A 1 147 ? 4.678   3.445   -1.502  1.00 27.06 ? 149  PHE A CE2 1 
ATOM   1195 C  CZ  . PHE A 1 147 ? 3.620   3.397   -2.407  1.00 25.38 ? 149  PHE A CZ  1 
ATOM   1196 N  N   . ASP A 1 148 ? 3.311   9.859   0.509   1.00 22.61 ? 150  ASP A N   1 
ATOM   1197 C  CA  . ASP A 1 148 ? 2.896   10.886  1.479   1.00 22.72 ? 150  ASP A CA  1 
ATOM   1198 C  C   . ASP A 1 148 ? 1.357   11.103  1.431   1.00 22.97 ? 150  ASP A C   1 
ATOM   1199 O  O   . ASP A 1 148 ? 0.722   10.748  0.480   1.00 22.03 ? 150  ASP A O   1 
ATOM   1200 C  CB  . ASP A 1 148 ? 3.627   12.193  1.209   1.00 23.46 ? 150  ASP A CB  1 
ATOM   1201 C  CG  . ASP A 1 148 ? 3.708   13.115  2.443   1.00 24.53 ? 150  ASP A CG  1 
ATOM   1202 O  OD1 . ASP A 1 148 ? 3.287   12.723  3.561   1.00 23.23 ? 150  ASP A OD1 1 
ATOM   1203 O  OD2 . ASP A 1 148 ? 4.198   14.255  2.382   1.00 23.93 ? 150  ASP A OD2 1 
ATOM   1204 N  N   . ASP A 1 149 ? 0.793   11.678  2.492   1.00 22.88 ? 151  ASP A N   1 
ATOM   1205 C  CA  . ASP A 1 149 ? -0.596  12.132  2.548   1.00 23.64 ? 151  ASP A CA  1 
ATOM   1206 C  C   . ASP A 1 149 ? -1.603  11.075  2.087   1.00 23.74 ? 151  ASP A C   1 
ATOM   1207 O  O   . ASP A 1 149 ? -2.421  11.317  1.204   1.00 23.51 ? 151  ASP A O   1 
ATOM   1208 C  CB  . ASP A 1 149 ? -0.751  13.471  1.800   1.00 23.77 ? 151  ASP A CB  1 
ATOM   1209 C  CG  . ASP A 1 149 ? 0.064   14.588  2.429   1.00 25.75 ? 151  ASP A CG  1 
ATOM   1210 O  OD1 . ASP A 1 149 ? -0.028  14.790  3.664   1.00 25.61 ? 151  ASP A OD1 1 
ATOM   1211 O  OD2 . ASP A 1 149 ? 0.815   15.334  1.768   1.00 26.60 ? 151  ASP A OD2 1 
ATOM   1212 N  N   . VAL A 1 150 ? -1.498  9.874   2.669   1.00 23.47 ? 152  VAL A N   1 
ATOM   1213 C  CA  . VAL A 1 150 ? -2.471  8.790   2.426   1.00 23.10 ? 152  VAL A CA  1 
ATOM   1214 C  C   . VAL A 1 150 ? -3.709  8.968   3.296   1.00 23.91 ? 152  VAL A C   1 
ATOM   1215 O  O   . VAL A 1 150 ? -3.596  9.043   4.556   1.00 22.14 ? 152  VAL A O   1 
ATOM   1216 C  CB  . VAL A 1 150 ? -1.867  7.400   2.731   1.00 23.80 ? 152  VAL A CB  1 
ATOM   1217 C  CG1 . VAL A 1 150 ? -2.861  6.279   2.378   1.00 23.15 ? 152  VAL A CG1 1 
ATOM   1218 C  CG2 . VAL A 1 150 ? -0.541  7.197   1.977   1.00 24.55 ? 152  VAL A CG2 1 
ATOM   1219 N  N   . THR A 1 151 ? -4.882  9.060   2.662   1.00 24.03 ? 153  THR A N   1 
ATOM   1220 C  CA  . THR A 1 151 ? -6.153  9.151   3.373   1.00 24.70 ? 153  THR A CA  1 
ATOM   1221 C  C   . THR A 1 151 ? -7.236  8.247   2.783   1.00 24.88 ? 153  THR A C   1 
ATOM   1222 O  O   . THR A 1 151 ? -7.282  7.991   1.571   1.00 24.20 ? 153  THR A O   1 
ATOM   1223 C  CB  . THR A 1 151 ? -6.706  10.621  3.419   1.00 25.23 ? 153  THR A CB  1 
ATOM   1224 O  OG1 . THR A 1 151 ? -6.853  11.152  2.089   1.00 25.80 ? 153  THR A OG1 1 
ATOM   1225 C  CG2 . THR A 1 151 ? -5.744  11.605  4.145   1.00 26.17 ? 153  THR A CG2 1 
ATOM   1226 N  N   . VAL A 1 152 ? -8.102  7.743   3.656   1.00 24.90 ? 154  VAL A N   1 
ATOM   1227 C  CA  . VAL A 1 152 ? -9.338  7.089   3.244   1.00 25.04 ? 154  VAL A CA  1 
ATOM   1228 C  C   . VAL A 1 152 ? -10.439 7.724   4.091   1.00 25.98 ? 154  VAL A C   1 
ATOM   1229 O  O   . VAL A 1 152 ? -10.528 7.422   5.299   1.00 25.75 ? 154  VAL A O   1 
ATOM   1230 C  CB  . VAL A 1 152 ? -9.304  5.569   3.429   1.00 25.02 ? 154  VAL A CB  1 
ATOM   1231 C  CG1 . VAL A 1 152 ? -10.650 4.940   3.028   1.00 26.56 ? 154  VAL A CG1 1 
ATOM   1232 C  CG2 . VAL A 1 152 ? -8.228  4.950   2.639   1.00 25.94 ? 154  VAL A CG2 1 
ATOM   1233 N  N   . SER A 1 153 ? -11.246 8.602   3.479   1.00 25.29 ? 155  SER A N   1 
ATOM   1234 C  CA  . SER A 1 153 ? -12.219 9.453   4.183   1.00 27.05 ? 155  SER A CA  1 
ATOM   1235 C  C   . SER A 1 153 ? -13.644 9.365   3.631   1.00 26.74 ? 155  SER A C   1 
ATOM   1236 O  O   . SER A 1 153 ? -13.814 9.254   2.417   1.00 24.39 ? 155  SER A O   1 
ATOM   1237 C  CB  . SER A 1 153 ? -11.819 10.925  4.028   1.00 27.81 ? 155  SER A CB  1 
ATOM   1238 O  OG  . SER A 1 153 ? -10.544 11.164  4.587   1.00 31.95 ? 155  SER A OG  1 
ATOM   1239 N  N   . PRO A 1 154 ? -14.658 9.467   4.492   1.00 27.45 ? 156  PRO A N   1 
ATOM   1240 C  CA  . PRO A 1 154 ? -16.040 9.439   4.021   1.00 29.02 ? 156  PRO A CA  1 
ATOM   1241 C  C   . PRO A 1 154 ? -16.284 10.576  3.061   1.00 30.70 ? 156  PRO A C   1 
ATOM   1242 O  O   . PRO A 1 154 ? -15.739 11.667  3.242   1.00 30.80 ? 156  PRO A O   1 
ATOM   1243 C  CB  . PRO A 1 154 ? -16.870 9.581   5.311   1.00 29.36 ? 156  PRO A CB  1 
ATOM   1244 C  CG  . PRO A 1 154 ? -15.970 9.128   6.383   1.00 28.69 ? 156  PRO A CG  1 
ATOM   1245 C  CD  . PRO A 1 154 ? -14.592 9.558   5.959   1.00 28.02 ? 156  PRO A CD  1 
ATOM   1246 N  N   . GLN A 1 155 ? -17.060 10.311  2.021   1.00 32.76 ? 157  GLN A N   1 
ATOM   1247 C  CA  . GLN A 1 155 ? -17.387 11.342  1.038   1.00 34.80 ? 157  GLN A CA  1 
ATOM   1248 C  C   . GLN A 1 155 ? -18.441 12.285  1.617   1.00 35.27 ? 157  GLN A C   1 
ATOM   1249 O  O   . GLN A 1 155 ? -19.220 11.960  2.537   1.00 35.99 ? 157  GLN A O   1 
ATOM   1250 C  CB  . GLN A 1 155 ? -17.871 10.731  -0.291  1.00 35.12 ? 157  GLN A CB  1 
ATOM   1251 C  CG  . GLN A 1 155 ? -17.873 11.728  -1.491  1.00 37.66 ? 157  GLN A CG  1 
ATOM   1252 C  CD  . GLN A 1 155 ? -18.609 11.175  -2.724  1.00 37.55 ? 157  GLN A CD  1 
ATOM   1253 O  OE1 . GLN A 1 155 ? -18.059 11.155  -3.825  1.00 38.16 ? 157  GLN A OE1 1 
ATOM   1254 N  NE2 . GLN A 1 155 ? -19.839 10.713  -2.526  1.00 35.34 ? 157  GLN A NE2 1 
ATOM   1255 O  OXT . GLN A 1 155 ? -18.518 13.430  1.176   1.00 36.29 ? 157  GLN A OXT 1 
HETATM 1256 C  C2  . BGC B 2 .   ? -6.544  -19.326 -8.040  1.00 71.15 ? 1    BGC B C2  1 
HETATM 1257 C  C3  . BGC B 2 .   ? -6.933  -18.358 -6.937  1.00 71.15 ? 1    BGC B C3  1 
HETATM 1258 C  C4  . BGC B 2 .   ? -8.295  -17.748 -7.259  1.00 70.68 ? 1    BGC B C4  1 
HETATM 1259 C  C5  . BGC B 2 .   ? -9.267  -18.924 -7.412  1.00 71.89 ? 1    BGC B C5  1 
HETATM 1260 C  C6  . BGC B 2 .   ? -10.637 -18.486 -7.911  1.00 72.46 ? 1    BGC B C6  1 
HETATM 1261 C  C1  . BGC B 2 .   ? -7.559  -20.449 -8.040  1.00 72.72 ? 1    BGC B C1  1 
HETATM 1262 O  O1  . BGC B 2 .   ? -7.191  -21.383 -9.034  1.00 74.46 ? 1    BGC B O1  1 
HETATM 1263 O  O2  . BGC B 2 .   ? -5.221  -19.785 -7.860  1.00 72.12 ? 1    BGC B O2  1 
HETATM 1264 O  O3  . BGC B 2 .   ? -5.890  -17.424 -6.759  1.00 67.73 ? 1    BGC B O3  1 
HETATM 1265 O  O4  . BGC B 2 .   ? -8.639  -16.920 -6.169  1.00 70.65 ? 1    BGC B O4  1 
HETATM 1266 O  O5  . BGC B 2 .   ? -8.785  -19.843 -8.386  1.00 71.97 ? 1    BGC B O5  1 
HETATM 1267 O  O6  . BGC B 2 .   ? -11.661 -19.210 -7.257  1.00 74.85 ? 1    BGC B O6  1 
HETATM 1268 C  C2  . BGC B 2 .   ? -4.701  -15.775 -5.507  1.00 46.21 ? 2    BGC B C2  1 
HETATM 1269 C  C3  . BGC B 2 .   ? -4.169  -14.374 -5.620  1.00 44.89 ? 2    BGC B C3  1 
HETATM 1270 C  C4  . BGC B 2 .   ? -3.528  -14.178 -6.990  1.00 47.87 ? 2    BGC B C4  1 
HETATM 1271 C  C5  . BGC B 2 .   ? -4.487  -14.602 -8.109  1.00 51.06 ? 2    BGC B C5  1 
HETATM 1272 C  C6  . BGC B 2 .   ? -3.683  -14.734 -9.405  1.00 53.11 ? 2    BGC B C6  1 
HETATM 1273 C  C1  . BGC B 2 .   ? -5.772  -15.896 -6.597  1.00 49.46 ? 2    BGC B C1  1 
HETATM 1274 O  O2  . BGC B 2 .   ? -5.229  -16.032 -4.231  1.00 47.55 ? 2    BGC B O2  1 
HETATM 1275 O  O3  . BGC B 2 .   ? -3.157  -14.240 -4.638  1.00 37.62 ? 2    BGC B O3  1 
HETATM 1276 O  O4  . BGC B 2 .   ? -3.235  -12.810 -7.115  1.00 48.58 ? 2    BGC B O4  1 
HETATM 1277 O  O5  . BGC B 2 .   ? -5.068  -15.856 -7.819  1.00 48.93 ? 2    BGC B O5  1 
HETATM 1278 O  O6  . BGC B 2 .   ? -4.374  -13.952 -10.339 1.00 59.75 ? 2    BGC B O6  1 
HETATM 1279 C  C2  . BGC B 2 .   ? -2.122  -13.295 -2.655  1.00 33.09 ? 3    BGC B C2  1 
HETATM 1280 C  C3  . BGC B 2 .   ? -2.266  -12.112 -1.730  1.00 32.08 ? 3    BGC B C3  1 
HETATM 1281 C  C4  . BGC B 2 .   ? -2.426  -10.788 -2.408  1.00 31.90 ? 3    BGC B C4  1 
HETATM 1282 C  C5  . BGC B 2 .   ? -3.570  -10.878 -3.439  1.00 32.21 ? 3    BGC B C5  1 
HETATM 1283 C  C6  . BGC B 2 .   ? -3.666  -9.598  -4.266  1.00 34.73 ? 3    BGC B C6  1 
HETATM 1284 C  C1  . BGC B 2 .   ? -3.320  -13.218 -3.612  1.00 35.45 ? 3    BGC B C1  1 
HETATM 1285 O  O2  . BGC B 2 .   ? -2.096  -14.522 -1.903  1.00 33.60 ? 3    BGC B O2  1 
HETATM 1286 O  O3  . BGC B 2 .   ? -1.045  -12.065 -1.066  1.00 33.06 ? 3    BGC B O3  1 
HETATM 1287 O  O4  . BGC B 2 .   ? -2.627  -9.795  -1.433  1.00 31.30 ? 3    BGC B O4  1 
HETATM 1288 O  O5  . BGC B 2 .   ? -3.321  -11.984 -4.302  1.00 31.87 ? 3    BGC B O5  1 
HETATM 1289 O  O6  . BGC B 2 .   ? -4.811  -9.626  -5.112  1.00 32.73 ? 3    BGC B O6  1 
HETATM 1290 C  C2  . BGC B 2 .   ? -0.222  -13.419 0.883   1.00 33.87 ? 4    BGC B C2  1 
HETATM 1291 C  C3  . BGC B 2 .   ? -0.253  -13.404 2.405   1.00 35.48 ? 4    BGC B C3  1 
HETATM 1292 C  C4  . BGC B 2 .   ? 0.210   -12.118 2.961   1.00 34.81 ? 4    BGC B C4  1 
HETATM 1293 C  C5  . BGC B 2 .   ? -0.773  -11.072 2.454   1.00 33.12 ? 4    BGC B C5  1 
HETATM 1294 C  C6  . BGC B 2 .   ? -0.654  -9.665  3.090   1.00 32.74 ? 4    BGC B C6  1 
HETATM 1295 C  C1  . BGC B 2 .   ? -1.156  -12.265 0.553   1.00 30.19 ? 4    BGC B C1  1 
HETATM 1296 O  O2  . BGC B 2 .   ? -0.629  -14.650 0.323   1.00 31.98 ? 4    BGC B O2  1 
HETATM 1297 O  O3  . BGC B 2 .   ? 0.775   -14.315 2.653   1.00 38.00 ? 4    BGC B O3  1 
HETATM 1298 O  O4  . BGC B 2 .   ? 0.132   -12.149 4.372   1.00 34.18 ? 4    BGC B O4  1 
HETATM 1299 O  O5  . BGC B 2 .   ? -0.609  -11.066 1.055   1.00 33.66 ? 4    BGC B O5  1 
HETATM 1300 O  O6  . BGC B 2 .   ? -1.690  -8.844  2.596   1.00 30.71 ? 4    BGC B O6  1 
HETATM 1301 C  C2  . BGC B 2 .   ? 1.467   -16.809 3.426   1.00 55.71 ? 5    BGC B C2  1 
HETATM 1302 C  C3  . BGC B 2 .   ? 1.573   -17.645 4.690   1.00 57.56 ? 5    BGC B C3  1 
HETATM 1303 C  C4  . BGC B 2 .   ? 1.834   -16.807 5.957   1.00 60.05 ? 5    BGC B C4  1 
HETATM 1304 C  C5  . BGC B 2 .   ? 1.193   -15.412 6.038   1.00 60.75 ? 5    BGC B C5  1 
HETATM 1305 C  C6  . BGC B 2 .   ? 1.881   -14.539 7.086   1.00 61.46 ? 5    BGC B C6  1 
HETATM 1306 C  C1  . BGC B 2 .   ? 0.637   -15.560 3.801   1.00 53.99 ? 5    BGC B C1  1 
HETATM 1307 O  O2  . BGC B 2 .   ? 0.844   -17.564 2.406   1.00 59.06 ? 5    BGC B O2  1 
HETATM 1308 O  O3  . BGC B 2 .   ? 2.627   -18.572 4.515   1.00 53.17 ? 5    BGC B O3  1 
HETATM 1309 O  O4  . BGC B 2 .   ? 1.332   -17.459 7.102   1.00 65.51 ? 5    BGC B O4  1 
HETATM 1310 O  O5  . BGC B 2 .   ? 1.235   -14.755 4.800   1.00 57.54 ? 5    BGC B O5  1 
HETATM 1311 O  O6  . BGC B 2 .   ? 1.944   -13.223 6.586   1.00 58.05 ? 5    BGC B O6  1 
HETATM 1312 C  C2  . BGC B 2 .   ? 4.455   -20.423 3.213   1.00 63.11 ? 6    BGC B C2  1 
HETATM 1313 C  C3  . BGC B 2 .   ? 4.441   -21.813 2.566   1.00 63.52 ? 6    BGC B C3  1 
HETATM 1314 C  C4  . BGC B 2 .   ? 3.452   -22.746 3.274   1.00 66.64 ? 6    BGC B C4  1 
HETATM 1315 C  C5  . BGC B 2 .   ? 2.097   -22.051 3.598   1.00 66.82 ? 6    BGC B C5  1 
HETATM 1316 C  C6  . BGC B 2 .   ? 1.224   -22.991 4.427   1.00 67.11 ? 6    BGC B C6  1 
HETATM 1317 C  C1  . BGC B 2 .   ? 3.033   -19.867 3.477   1.00 64.40 ? 6    BGC B C1  1 
HETATM 1318 O  O2  . BGC B 2 .   ? 5.130   -19.567 2.324   1.00 61.68 ? 6    BGC B O2  1 
HETATM 1319 O  O3  . BGC B 2 .   ? 5.717   -22.425 2.573   1.00 55.25 ? 6    BGC B O3  1 
HETATM 1320 O  O4  . BGC B 2 .   ? 3.344   -23.978 2.534   1.00 69.09 ? 6    BGC B O4  1 
HETATM 1321 O  O5  . BGC B 2 .   ? 2.212   -20.754 4.231   1.00 65.33 ? 6    BGC B O5  1 
HETATM 1322 O  O6  . BGC B 2 .   ? 1.206   -22.541 5.758   1.00 68.06 ? 6    BGC B O6  1 
HETATM 1323 CA CA  . CA  C 3 .   ? 3.927   14.134  5.391   1.00 52.10 ? 200  CA  A CA  1 
HETATM 1324 C  C1  . GOL D 4 .   ? -1.965  9.416   12.773  1.00 61.32 ? 300  GOL A C1  1 
HETATM 1325 O  O1  . GOL D 4 .   ? -3.221  8.947   13.227  1.00 64.79 ? 300  GOL A O1  1 
HETATM 1326 C  C2  . GOL D 4 .   ? -1.982  10.904  12.329  1.00 63.03 ? 300  GOL A C2  1 
HETATM 1327 O  O2  . GOL D 4 .   ? -3.198  11.340  11.753  1.00 64.44 ? 300  GOL A O2  1 
HETATM 1328 C  C3  . GOL D 4 .   ? -0.955  11.215  11.260  1.00 60.89 ? 300  GOL A C3  1 
HETATM 1329 O  O3  . GOL D 4 .   ? -1.572  11.008  10.034  1.00 63.79 ? 300  GOL A O3  1 
HETATM 1330 C  C1  . GOL E 4 .   ? 13.467  12.783  -2.307  1.00 65.75 ? 301  GOL A C1  1 
HETATM 1331 O  O1  . GOL E 4 .   ? 14.125  12.334  -3.488  1.00 67.21 ? 301  GOL A O1  1 
HETATM 1332 C  C2  . GOL E 4 .   ? 12.064  13.203  -2.688  1.00 64.94 ? 301  GOL A C2  1 
HETATM 1333 O  O2  . GOL E 4 .   ? 12.068  13.898  -3.918  1.00 66.07 ? 301  GOL A O2  1 
HETATM 1334 C  C3  . GOL E 4 .   ? 11.329  13.922  -1.563  1.00 64.38 ? 301  GOL A C3  1 
HETATM 1335 O  O3  . GOL E 4 .   ? 11.053  15.305  -1.724  1.00 66.32 ? 301  GOL A O3  1 
HETATM 1336 C  C1  . GOL F 4 .   ? 4.510   15.731  -0.106  1.00 63.60 ? 302  GOL A C1  1 
HETATM 1337 O  O1  . GOL F 4 .   ? 3.736   16.351  -1.091  1.00 66.03 ? 302  GOL A O1  1 
HETATM 1338 C  C2  . GOL F 4 .   ? 5.812   16.527  -0.023  1.00 66.81 ? 302  GOL A C2  1 
HETATM 1339 O  O2  . GOL F 4 .   ? 6.035   17.208  -1.245  1.00 67.30 ? 302  GOL A O2  1 
HETATM 1340 C  C3  . GOL F 4 .   ? 7.016   15.645  0.306   1.00 66.10 ? 302  GOL A C3  1 
HETATM 1341 O  O3  . GOL F 4 .   ? 8.154   16.459  0.535   1.00 66.06 ? 302  GOL A O3  1 
HETATM 1342 C  C1  . GOL G 4 .   ? -4.241  -3.714  -9.975  1.00 57.90 ? 303  GOL A C1  1 
HETATM 1343 O  O1  . GOL G 4 .   ? -4.616  -2.940  -8.851  1.00 60.33 ? 303  GOL A O1  1 
HETATM 1344 C  C2  . GOL G 4 .   ? -5.399  -3.820  -10.950 1.00 58.23 ? 303  GOL A C2  1 
HETATM 1345 O  O2  . GOL G 4 .   ? -5.198  -4.940  -11.801 1.00 62.14 ? 303  GOL A O2  1 
HETATM 1346 C  C3  . GOL G 4 .   ? -5.480  -2.495  -11.697 1.00 51.03 ? 303  GOL A C3  1 
HETATM 1347 O  O3  . GOL G 4 .   ? -4.673  -2.585  -12.800 1.00 58.89 ? 303  GOL A O3  1 
HETATM 1348 C  C1  . GOL H 4 .   ? -12.686 -1.293  -9.150  1.00 63.63 ? 304  GOL A C1  1 
HETATM 1349 O  O1  . GOL H 4 .   ? -11.903 -0.197  -8.760  1.00 62.47 ? 304  GOL A O1  1 
HETATM 1350 C  C2  . GOL H 4 .   ? -11.812 -2.534  -9.183  1.00 63.62 ? 304  GOL A C2  1 
HETATM 1351 O  O2  . GOL H 4 .   ? -11.326 -2.716  -10.521 1.00 64.07 ? 304  GOL A O2  1 
HETATM 1352 C  C3  . GOL H 4 .   ? -12.572 -3.725  -8.610  1.00 64.50 ? 304  GOL A C3  1 
HETATM 1353 O  O3  . GOL H 4 .   ? -11.747 -4.866  -8.577  1.00 65.37 ? 304  GOL A O3  1 
HETATM 1354 O  O   . HOH I 5 .   ? 0.771   -18.047 -2.248  1.00 55.06 ? 2001 HOH A O   1 
HETATM 1355 O  O   . HOH I 5 .   ? -1.071  -17.522 -6.059  1.00 52.82 ? 2002 HOH A O   1 
HETATM 1356 O  O   . HOH I 5 .   ? 11.826  1.915   11.042  1.00 54.00 ? 2003 HOH A O   1 
HETATM 1357 O  O   . HOH I 5 .   ? 4.162   15.411  7.290   1.00 44.66 ? 2004 HOH A O   1 
HETATM 1358 O  O   . HOH I 5 .   ? 3.547   3.566   10.905  1.00 38.56 ? 2005 HOH A O   1 
HETATM 1359 O  O   . HOH I 5 .   ? 5.057   4.909   14.505  1.00 55.84 ? 2006 HOH A O   1 
HETATM 1360 O  O   . HOH I 5 .   ? 10.719  4.036   9.856   1.00 43.57 ? 2007 HOH A O   1 
HETATM 1361 O  O   . HOH I 5 .   ? 5.235   -0.301  -17.367 1.00 67.07 ? 2008 HOH A O   1 
HETATM 1362 O  O   . HOH I 5 .   ? 5.674   -6.967  9.617   1.00 32.26 ? 2009 HOH A O   1 
HETATM 1363 O  O   . HOH I 5 .   ? 9.962   -4.396  12.736  1.00 64.72 ? 2010 HOH A O   1 
HETATM 1364 O  O   . HOH I 5 .   ? 2.591   -2.726  11.715  1.00 33.87 ? 2011 HOH A O   1 
HETATM 1365 O  O   . HOH I 5 .   ? -2.028  -10.270 11.675  1.00 50.66 ? 2012 HOH A O   1 
HETATM 1366 O  O   . HOH I 5 .   ? 5.053   -8.572  7.357   1.00 34.33 ? 2013 HOH A O   1 
HETATM 1367 O  O   . HOH I 5 .   ? 5.465   -9.112  11.822  1.00 56.20 ? 2014 HOH A O   1 
HETATM 1368 O  O   . HOH I 5 .   ? 18.594  -1.656  -7.641  1.00 64.35 ? 2015 HOH A O   1 
HETATM 1369 O  O   . HOH I 5 .   ? 1.933   -18.207 -5.154  1.00 62.08 ? 2016 HOH A O   1 
HETATM 1370 O  O   . HOH I 5 .   ? 0.971   3.366   10.866  1.00 39.82 ? 2017 HOH A O   1 
HETATM 1371 O  O   . HOH I 5 .   ? 13.010  -16.621 3.673   1.00 34.36 ? 2018 HOH A O   1 
HETATM 1372 O  O   . HOH I 5 .   ? 12.089  -17.216 -0.778  1.00 33.97 ? 2019 HOH A O   1 
HETATM 1373 O  O   . HOH I 5 .   ? 8.928   -11.671 8.100   1.00 49.84 ? 2020 HOH A O   1 
HETATM 1374 O  O   . HOH I 5 .   ? 7.624   -10.276 4.933   1.00 34.76 ? 2021 HOH A O   1 
HETATM 1375 O  O   . HOH I 5 .   ? 12.005  -9.743  6.745   1.00 49.46 ? 2022 HOH A O   1 
HETATM 1376 O  O   . HOH I 5 .   ? 6.796   1.840   -16.996 1.00 49.08 ? 2023 HOH A O   1 
HETATM 1377 O  O   . HOH I 5 .   ? 6.463   -11.131 7.193   1.00 40.03 ? 2024 HOH A O   1 
HETATM 1378 O  O   . HOH I 5 .   ? 2.136   -3.300  -13.371 1.00 43.29 ? 2025 HOH A O   1 
HETATM 1379 O  O   . HOH I 5 .   ? -2.613  -15.906 5.793   1.00 52.18 ? 2026 HOH A O   1 
HETATM 1380 O  O   . HOH I 5 .   ? -7.862  -11.752 -7.220  0.50 38.42 ? 2027 HOH A O   1 
HETATM 1381 O  O   . HOH I 5 .   ? 15.261  -7.858  3.265   1.00 53.04 ? 2028 HOH A O   1 
HETATM 1382 O  O   . HOH I 5 .   ? 19.009  -2.114  -3.082  1.00 61.66 ? 2029 HOH A O   1 
HETATM 1383 O  O   . HOH I 5 .   ? 1.522   -1.772  -15.734 1.00 43.37 ? 2030 HOH A O   1 
HETATM 1384 O  O   . HOH I 5 .   ? 6.676   7.785   -17.439 1.00 50.40 ? 2031 HOH A O   1 
HETATM 1385 O  O   . HOH I 5 .   ? 10.272  -0.566  11.566  1.00 41.47 ? 2032 HOH A O   1 
HETATM 1386 O  O   . HOH I 5 .   ? 12.739  5.747   9.758   1.00 49.73 ? 2033 HOH A O   1 
HETATM 1387 O  O   . HOH I 5 .   ? 13.622  13.625  9.243   1.00 56.83 ? 2034 HOH A O   1 
HETATM 1388 O  O   . HOH I 5 .   ? 6.242   -3.211  -14.824 0.50 34.33 ? 2035 HOH A O   1 
HETATM 1389 O  O   . HOH I 5 .   ? 19.448  2.583   -3.390  1.00 58.58 ? 2036 HOH A O   1 
HETATM 1390 O  O   . HOH I 5 .   ? 16.904  -0.539  -5.698  1.00 54.12 ? 2037 HOH A O   1 
HETATM 1391 O  O   . HOH I 5 .   ? -4.447  15.004  3.083   1.00 54.55 ? 2038 HOH A O   1 
HETATM 1392 O  O   . HOH I 5 .   ? 12.458  -12.948 -7.459  0.50 28.64 ? 2039 HOH A O   1 
HETATM 1393 O  O   . HOH I 5 .   ? 14.674  -13.875 -8.172  0.50 47.93 ? 2040 HOH A O   1 
HETATM 1394 O  O   . HOH I 5 .   ? 3.439   -16.101 -7.275  1.00 43.41 ? 2041 HOH A O   1 
HETATM 1395 O  O   . HOH I 5 .   ? -2.799  -8.629  6.405   1.00 37.59 ? 2042 HOH A O   1 
HETATM 1396 O  O   . HOH I 5 .   ? -5.916  1.618   10.727  1.00 38.74 ? 2043 HOH A O   1 
HETATM 1397 O  O   . HOH I 5 .   ? -16.045 1.467   10.637  1.00 61.50 ? 2044 HOH A O   1 
HETATM 1398 O  O   . HOH I 5 .   ? -19.280 10.454  7.802   1.00 64.28 ? 2045 HOH A O   1 
HETATM 1399 O  O   . HOH I 5 .   ? -22.237 7.241   1.513   1.00 57.76 ? 2046 HOH A O   1 
HETATM 1400 O  O   . HOH I 5 .   ? -16.178 4.969   8.107   1.00 51.54 ? 2047 HOH A O   1 
HETATM 1401 O  O   . HOH I 5 .   ? -8.075  14.349  -1.304  0.50 49.73 ? 2048 HOH A O   1 
HETATM 1402 O  O   . HOH I 5 .   ? 9.121   0.896   -15.782 1.00 48.61 ? 2049 HOH A O   1 
HETATM 1403 O  O   . HOH I 5 .   ? -1.164  -5.345  -12.163 1.00 45.02 ? 2050 HOH A O   1 
HETATM 1404 O  O   . HOH I 5 .   ? 1.787   -2.211  -10.988 1.00 35.18 ? 2051 HOH A O   1 
HETATM 1405 O  O   . HOH I 5 .   ? -3.779  -7.473  -9.550  1.00 43.38 ? 2052 HOH A O   1 
HETATM 1406 O  O   . HOH I 5 .   ? -14.853 -14.425 1.374   1.00 54.27 ? 2053 HOH A O   1 
HETATM 1407 O  O   . HOH I 5 .   ? -3.484  -11.174 6.784   1.00 44.24 ? 2054 HOH A O   1 
HETATM 1408 O  O   . HOH I 5 .   ? -10.226 -17.234 5.884   1.00 52.55 ? 2055 HOH A O   1 
HETATM 1409 O  O   . HOH I 5 .   ? -4.473  -18.115 0.264   1.00 53.10 ? 2056 HOH A O   1 
HETATM 1410 O  O   . HOH I 5 .   ? -6.009  -16.184 5.538   1.00 44.73 ? 2057 HOH A O   1 
HETATM 1411 O  O   . HOH I 5 .   ? -7.871  -18.952 -2.630  1.00 60.51 ? 2058 HOH A O   1 
HETATM 1412 O  O   . HOH I 5 .   ? -13.117 -16.516 3.770   1.00 55.26 ? 2059 HOH A O   1 
HETATM 1413 O  O   . HOH I 5 .   ? -7.344  -12.188 -5.259  0.50 40.07 ? 2060 HOH A O   1 
HETATM 1414 O  O   . HOH I 5 .   ? -15.273 -12.721 -1.112  1.00 53.84 ? 2061 HOH A O   1 
HETATM 1415 O  O   . HOH I 5 .   ? -7.676  -6.947  -9.113  1.00 38.00 ? 2062 HOH A O   1 
HETATM 1416 O  O   . HOH I 5 .   ? -10.675 -10.368 -6.398  1.00 40.23 ? 2063 HOH A O   1 
HETATM 1417 O  O   . HOH I 5 .   ? -14.527 -0.843  -6.669  1.00 55.21 ? 2064 HOH A O   1 
HETATM 1418 O  O   . HOH I 5 .   ? -16.547 -10.624 0.444   1.00 44.88 ? 2065 HOH A O   1 
HETATM 1419 O  O   . HOH I 5 .   ? -2.640  -1.006  -16.084 0.50 41.23 ? 2066 HOH A O   1 
HETATM 1420 O  O   . HOH I 5 .   ? -12.715 2.966   -9.339  1.00 34.45 ? 2067 HOH A O   1 
HETATM 1421 O  O   . HOH I 5 .   ? -5.397  4.706   -12.220 0.50 27.67 ? 2068 HOH A O   1 
HETATM 1422 O  O   . HOH I 5 .   ? -2.483  3.666   -14.823 1.00 31.41 ? 2069 HOH A O   1 
HETATM 1423 O  O   . HOH I 5 .   ? 5.116   3.267   -15.480 1.00 41.66 ? 2070 HOH A O   1 
HETATM 1424 O  O   . HOH I 5 .   ? 1.373   0.759   -16.431 1.00 41.44 ? 2071 HOH A O   1 
HETATM 1425 O  O   . HOH I 5 .   ? 2.982   10.168  -11.944 1.00 34.54 ? 2072 HOH A O   1 
HETATM 1426 O  O   . HOH I 5 .   ? 5.660   6.070   -15.246 1.00 39.26 ? 2073 HOH A O   1 
HETATM 1427 O  O   . HOH I 5 .   ? 10.556  11.232  -14.058 1.00 53.52 ? 2074 HOH A O   1 
HETATM 1428 O  O   . HOH I 5 .   ? 4.819   10.375  -9.639  1.00 33.64 ? 2075 HOH A O   1 
HETATM 1429 O  O   . HOH I 5 .   ? 5.469   17.627  -8.449  1.00 47.39 ? 2076 HOH A O   1 
HETATM 1430 O  O   . HOH I 5 .   ? 8.855   17.054  -6.880  1.00 51.61 ? 2077 HOH A O   1 
HETATM 1431 O  O   . HOH I 5 .   ? 1.298   16.337  -5.782  1.00 49.31 ? 2078 HOH A O   1 
HETATM 1432 O  O   . HOH I 5 .   ? -11.688 11.538  -7.538  1.00 39.14 ? 2079 HOH A O   1 
HETATM 1433 O  O   . HOH I 5 .   ? -7.358  14.870  -3.002  0.50 44.56 ? 2080 HOH A O   1 
HETATM 1434 O  O   . HOH I 5 .   ? -12.551 5.754   -8.561  1.00 36.74 ? 2081 HOH A O   1 
HETATM 1435 O  O   . HOH I 5 .   ? -14.343 2.624   -7.024  1.00 36.62 ? 2082 HOH A O   1 
HETATM 1436 O  O   . HOH I 5 .   ? -16.438 1.239   -5.832  1.00 43.22 ? 2083 HOH A O   1 
HETATM 1437 O  O   . HOH I 5 .   ? -18.427 -7.431  11.266  1.00 54.44 ? 2084 HOH A O   1 
HETATM 1438 O  O   . HOH I 5 .   ? -17.530 -8.384  8.309   1.00 42.25 ? 2085 HOH A O   1 
HETATM 1439 O  O   . HOH I 5 .   ? -20.972 -1.981  7.981   1.00 49.15 ? 2086 HOH A O   1 
HETATM 1440 O  O   . HOH I 5 .   ? -11.168 -8.759  5.155   1.00 31.50 ? 2087 HOH A O   1 
HETATM 1441 O  O   . HOH I 5 .   ? -1.998  -7.136  -2.358  1.00 31.16 ? 2088 HOH A O   1 
HETATM 1442 O  O   . HOH I 5 .   ? 3.500   -3.229  -8.767  1.00 32.12 ? 2089 HOH A O   1 
HETATM 1443 O  O   . HOH I 5 .   ? 11.490  -5.592  -12.965 1.00 57.21 ? 2090 HOH A O   1 
HETATM 1444 O  O   . HOH I 5 .   ? 4.595   -4.208  -13.342 0.50 38.88 ? 2091 HOH A O   1 
HETATM 1445 O  O   . HOH I 5 .   ? 8.768   -1.352  -14.226 1.00 40.61 ? 2092 HOH A O   1 
HETATM 1446 O  O   . HOH I 5 .   ? 14.596  -4.706  -11.649 1.00 57.45 ? 2093 HOH A O   1 
HETATM 1447 O  O   . HOH I 5 .   ? 16.309  3.708   -9.517  1.00 44.33 ? 2094 HOH A O   1 
HETATM 1448 O  O   . HOH I 5 .   ? 17.150  2.579   -4.931  1.00 52.26 ? 2095 HOH A O   1 
HETATM 1449 O  O   . HOH I 5 .   ? 4.786   15.979  4.266   1.00 52.41 ? 2096 HOH A O   1 
HETATM 1450 O  O   . HOH I 5 .   ? -3.305  12.933  -0.791  1.00 39.36 ? 2097 HOH A O   1 
HETATM 1451 O  O   . HOH I 5 .   ? -2.357  14.180  4.692   1.00 48.00 ? 2098 HOH A O   1 
HETATM 1452 O  O   . HOH I 5 .   ? 2.059   14.764  5.454   1.00 45.88 ? 2099 HOH A O   1 
HETATM 1453 O  O   . HOH I 5 .   ? -9.360  10.866  1.330   1.00 39.68 ? 2100 HOH A O   1 
HETATM 1454 O  O   . HOH I 5 .   ? -5.492  13.204  1.310   1.00 56.93 ? 2101 HOH A O   1 
HETATM 1455 O  O   . HOH I 5 .   ? -7.807  8.414   6.624   1.00 42.48 ? 2102 HOH A O   1 
HETATM 1456 O  O   . HOH I 5 .   ? -3.320  9.400   9.254   1.00 50.62 ? 2103 HOH A O   1 
HETATM 1457 O  O   . HOH I 5 .   ? -4.999  -1.105  -14.891 1.00 40.93 ? 2104 HOH A O   1 
HETATM 1458 O  O   . HOH I 5 .   ? -9.029  -5.786  -13.145 1.00 61.97 ? 2105 HOH A O   1 
HETATM 1459 O  O   . HOH I 5 .   ? 2.414   -11.911 9.854   1.00 61.52 ? 2106 HOH A O   1 
HETATM 1460 O  O   . HOH I 5 .   ? -1.856  -13.273 6.490   1.00 46.22 ? 2107 HOH A O   1 
HETATM 1461 O  O   . HOH I 5 .   ? 1.346   -16.356 -0.092  1.00 46.40 ? 2108 HOH A O   1 
HETATM 1462 O  O   . HOH I 5 .   ? -1.385  -16.869 -3.546  1.00 50.04 ? 2109 HOH A O   1 
HETATM 1463 O  O   . HOH I 5 .   ? -3.961  -10.362 -7.600  1.00 49.74 ? 2110 HOH A O   1 
HETATM 1464 O  O   . HOH I 5 .   ? -7.670  -16.710 -3.693  1.00 50.03 ? 2111 HOH A O   1 
# 
loop_
_pdbx_poly_seq_scheme.asym_id 
_pdbx_poly_seq_scheme.entity_id 
_pdbx_poly_seq_scheme.seq_id 
_pdbx_poly_seq_scheme.mon_id 
_pdbx_poly_seq_scheme.ndb_seq_num 
_pdbx_poly_seq_scheme.pdb_seq_num 
_pdbx_poly_seq_scheme.auth_seq_num 
_pdbx_poly_seq_scheme.pdb_mon_id 
_pdbx_poly_seq_scheme.auth_mon_id 
_pdbx_poly_seq_scheme.pdb_strand_id 
_pdbx_poly_seq_scheme.pdb_ins_code 
_pdbx_poly_seq_scheme.hetero 
A 1 1   SER 1   3   3   SER SER A . n 
A 1 2   ILE 2   4   4   ILE ILE A . n 
A 1 3   ASN 3   5   5   ASN ASN A . n 
A 1 4   ASN 4   6   6   ASN ASN A . n 
A 1 5   GLY 5   7   7   GLY GLY A . n 
A 1 6   THR 6   8   8   THR THR A . n 
A 1 7   PHE 7   9   9   PHE PHE A . n 
A 1 8   ASP 8   10  10  ASP ASP A . n 
A 1 9   GLU 9   11  11  GLU GLU A . n 
A 1 10  PRO 10  12  12  PRO PRO A . n 
A 1 11  ILE 11  13  13  ILE ILE A . n 
A 1 12  VAL 12  14  14  VAL VAL A . n 
A 1 13  ASN 13  15  15  ASN ASN A . n 
A 1 14  ASP 14  16  16  ASP ASP A . n 
A 1 15  GLN 15  17  17  GLN GLN A . n 
A 1 16  ALA 16  18  18  ALA ALA A . n 
A 1 17  ASN 17  19  19  ASN ASN A . n 
A 1 18  ASN 18  20  20  ASN ASN A . n 
A 1 19  PRO 19  21  21  PRO PRO A . n 
A 1 20  ASP 20  22  22  ASP ASP A . n 
A 1 21  GLU 21  23  23  GLU GLU A . n 
A 1 22  TRP 22  24  24  TRP TRP A . n 
A 1 23  PHE 23  25  25  PHE PHE A . n 
A 1 24  ILE 24  26  26  ILE ILE A . n 
A 1 25  TRP 25  27  27  TRP TRP A . n 
A 1 26  GLN 26  28  28  GLN GLN A . n 
A 1 27  ALA 27  29  29  ALA ALA A . n 
A 1 28  GLY 28  30  30  GLY GLY A . n 
A 1 29  ASP 29  31  31  ASP ASP A . n 
A 1 30  TYR 30  32  32  TYR TYR A . n 
A 1 31  GLY 31  33  33  GLY GLY A . n 
A 1 32  ILE 32  34  34  ILE ILE A . n 
A 1 33  SER 33  35  35  SER SER A . n 
A 1 34  GLY 34  36  36  GLY GLY A . n 
A 1 35  ALA 35  37  37  ALA ALA A . n 
A 1 36  ARG 36  38  38  ARG ARG A . n 
A 1 37  VAL 37  39  39  VAL VAL A . n 
A 1 38  SER 38  40  40  SER SER A . n 
A 1 39  ASP 39  41  41  ASP ASP A . n 
A 1 40  TYR 40  42  42  TYR TYR A . n 
A 1 41  GLY 41  43  43  GLY GLY A . n 
A 1 42  VAL 42  44  44  VAL VAL A . n 
A 1 43  ARG 43  45  45  ARG ARG A . n 
A 1 44  ASP 44  46  46  ASP ASP A . n 
A 1 45  GLY 45  47  47  GLY GLY A . n 
A 1 46  TYR 46  48  48  TYR TYR A . n 
A 1 47  ALA 47  49  49  ALA ALA A . n 
A 1 48  TYR 48  50  50  TYR TYR A . n 
A 1 49  ILE 49  51  51  ILE ILE A . n 
A 1 50  THR 50  52  52  THR THR A . n 
A 1 51  ILE 51  53  53  ILE ILE A . n 
A 1 52  ALA 52  54  54  ALA ALA A . n 
A 1 53  ASP 53  55  55  ASP ASP A . n 
A 1 54  PRO 54  56  56  PRO PRO A . n 
A 1 55  GLY 55  57  57  GLY GLY A . n 
A 1 56  THR 56  58  58  THR THR A . n 
A 1 57  ASP 57  59  59  ASP ASP A . n 
A 1 58  THR 58  60  60  THR THR A . n 
A 1 59  TRP 59  61  61  TRP TRP A . n 
A 1 60  HIS 60  62  62  HIS HIS A . n 
A 1 61  ILE 61  63  63  ILE ILE A . n 
A 1 62  GLN 62  64  64  GLN GLN A . n 
A 1 63  PHE 63  65  65  PHE PHE A . n 
A 1 64  ASN 64  66  66  ASN ASN A . n 
A 1 65  GLN 65  67  67  GLN GLN A . n 
A 1 66  TRP 66  68  68  TRP TRP A . n 
A 1 67  ILE 67  69  69  ILE ILE A . n 
A 1 68  GLY 68  70  70  GLY GLY A . n 
A 1 69  LEU 69  71  71  LEU LEU A . n 
A 1 70  TYR 70  72  72  TYR TYR A . n 
A 1 71  ARG 71  73  73  ARG ARG A . n 
A 1 72  GLY 72  74  74  GLY GLY A . n 
A 1 73  LYS 73  75  75  LYS LYS A . n 
A 1 74  THR 74  76  76  THR THR A . n 
A 1 75  TYR 75  77  77  TYR TYR A . n 
A 1 76  THR 76  78  78  THR THR A . n 
A 1 77  ILE 77  79  79  ILE ILE A . n 
A 1 78  SER 78  80  80  SER SER A . n 
A 1 79  PHE 79  81  81  PHE PHE A . n 
A 1 80  LYS 80  82  82  LYS LYS A . n 
A 1 81  ALA 81  83  83  ALA ALA A . n 
A 1 82  LYS 82  84  84  LYS LYS A . n 
A 1 83  ALA 83  85  85  ALA ALA A . n 
A 1 84  ASP 84  86  86  ASP ASP A . n 
A 1 85  THR 85  87  87  THR THR A . n 
A 1 86  PRO 86  88  88  PRO PRO A . n 
A 1 87  ARG 87  89  89  ARG ARG A . n 
A 1 88  PRO 88  90  90  PRO PRO A . n 
A 1 89  ILE 89  91  91  ILE ILE A . n 
A 1 90  ASN 90  92  92  ASN ASN A . n 
A 1 91  VAL 91  93  93  VAL VAL A . n 
A 1 92  LYS 92  94  94  LYS LYS A . n 
A 1 93  ILE 93  95  95  ILE ILE A . n 
A 1 94  LEU 94  96  96  LEU LEU A . n 
A 1 95  GLN 95  97  97  GLN GLN A . n 
A 1 96  ASN 96  98  98  ASN ASN A . n 
A 1 97  HIS 97  99  99  HIS HIS A . n 
A 1 98  ASP 98  100 100 ASP ASP A . n 
A 1 99  PRO 99  101 101 PRO PRO A . n 
A 1 100 TRP 100 102 102 TRP TRP A . n 
A 1 101 THR 101 103 103 THR THR A . n 
A 1 102 ASN 102 104 104 ASN ASN A . n 
A 1 103 TYR 103 105 105 TYR TYR A . n 
A 1 104 PHE 104 106 106 PHE PHE A . n 
A 1 105 ALA 105 107 107 ALA ALA A . n 
A 1 106 GLN 106 108 108 GLN GLN A . n 
A 1 107 THR 107 109 109 THR THR A . n 
A 1 108 VAL 108 110 110 VAL VAL A . n 
A 1 109 ASN 109 111 111 ASN ASN A . n 
A 1 110 LEU 110 112 112 LEU LEU A . n 
A 1 111 THR 111 113 113 THR THR A . n 
A 1 112 ALA 112 114 114 ALA ALA A . n 
A 1 113 ASP 113 115 115 ASP ASP A . n 
A 1 114 TRP 114 116 116 TRP TRP A . n 
A 1 115 GLN 115 117 117 GLN GLN A . n 
A 1 116 THR 116 118 118 THR THR A . n 
A 1 117 PHE 117 119 119 PHE PHE A . n 
A 1 118 THR 118 120 120 THR THR A . n 
A 1 119 PHE 119 121 121 PHE PHE A . n 
A 1 120 THR 120 122 122 THR THR A . n 
A 1 121 TYR 121 123 123 TYR TYR A . n 
A 1 122 THR 122 124 124 THR THR A . n 
A 1 123 HIS 123 125 125 HIS HIS A . n 
A 1 124 PRO 124 126 126 PRO PRO A . n 
A 1 125 ASP 125 127 127 ASP ASP A . n 
A 1 126 ASP 126 128 128 ASP ASP A . n 
A 1 127 ALA 127 129 129 ALA ALA A . n 
A 1 128 ASP 128 130 130 ASP ASP A . n 
A 1 129 GLU 129 131 131 GLU GLU A . n 
A 1 130 VAL 130 132 132 VAL VAL A . n 
A 1 131 VAL 131 133 133 VAL VAL A . n 
A 1 132 GLN 132 134 134 GLN GLN A . n 
A 1 133 ILE 133 135 135 ILE ILE A . n 
A 1 134 SER 134 136 136 SER SER A . n 
A 1 135 PHE 135 137 137 PHE PHE A . n 
A 1 136 GLU 136 138 138 GLU GLU A . n 
A 1 137 LEU 137 139 139 LEU LEU A . n 
A 1 138 GLY 138 140 140 GLY GLY A . n 
A 1 139 GLU 139 141 141 GLU GLU A . n 
A 1 140 GLY 140 142 142 GLY GLY A . n 
A 1 141 THR 141 143 143 THR THR A . n 
A 1 142 ALA 142 144 144 ALA ALA A . n 
A 1 143 THR 143 145 145 THR THR A . n 
A 1 144 THR 144 146 146 THR THR A . n 
A 1 145 ILE 145 147 147 ILE ILE A . n 
A 1 146 TYR 146 148 148 TYR TYR A . n 
A 1 147 PHE 147 149 149 PHE PHE A . n 
A 1 148 ASP 148 150 150 ASP ASP A . n 
A 1 149 ASP 149 151 151 ASP ASP A . n 
A 1 150 VAL 150 152 152 VAL VAL A . n 
A 1 151 THR 151 153 153 THR THR A . n 
A 1 152 VAL 152 154 154 VAL VAL A . n 
A 1 153 SER 153 155 155 SER SER A . n 
A 1 154 PRO 154 156 156 PRO PRO A . n 
A 1 155 GLN 155 157 157 GLN GLN A . n 
# 
loop_
_pdbx_nonpoly_scheme.asym_id 
_pdbx_nonpoly_scheme.entity_id 
_pdbx_nonpoly_scheme.mon_id 
_pdbx_nonpoly_scheme.ndb_seq_num 
_pdbx_nonpoly_scheme.pdb_seq_num 
_pdbx_nonpoly_scheme.auth_seq_num 
_pdbx_nonpoly_scheme.pdb_mon_id 
_pdbx_nonpoly_scheme.auth_mon_id 
_pdbx_nonpoly_scheme.pdb_strand_id 
_pdbx_nonpoly_scheme.pdb_ins_code 
C 3 CA  1   200  200  CA  CA  A . 
D 4 GOL 1   300  300  GOL GOL A . 
E 4 GOL 1   301  301  GOL GOL A . 
F 4 GOL 1   302  302  GOL GOL A . 
G 4 GOL 1   303  303  GOL GOL A . 
H 4 GOL 1   304  304  GOL GOL A . 
I 5 HOH 1   2001 2001 HOH HOH A . 
I 5 HOH 2   2002 2002 HOH HOH A . 
I 5 HOH 3   2003 2003 HOH HOH A . 
I 5 HOH 4   2004 2004 HOH HOH A . 
I 5 HOH 5   2005 2005 HOH HOH A . 
I 5 HOH 6   2006 2006 HOH HOH A . 
I 5 HOH 7   2007 2007 HOH HOH A . 
I 5 HOH 8   2008 2008 HOH HOH A . 
I 5 HOH 9   2009 2009 HOH HOH A . 
I 5 HOH 10  2010 2010 HOH HOH A . 
I 5 HOH 11  2011 2011 HOH HOH A . 
I 5 HOH 12  2012 2012 HOH HOH A . 
I 5 HOH 13  2013 2013 HOH HOH A . 
I 5 HOH 14  2014 2014 HOH HOH A . 
I 5 HOH 15  2015 2015 HOH HOH A . 
I 5 HOH 16  2016 2016 HOH HOH A . 
I 5 HOH 17  2017 2017 HOH HOH A . 
I 5 HOH 18  2018 2018 HOH HOH A . 
I 5 HOH 19  2019 2019 HOH HOH A . 
I 5 HOH 20  2020 2020 HOH HOH A . 
I 5 HOH 21  2021 2021 HOH HOH A . 
I 5 HOH 22  2022 2022 HOH HOH A . 
I 5 HOH 23  2023 2023 HOH HOH A . 
I 5 HOH 24  2024 2024 HOH HOH A . 
I 5 HOH 25  2025 2025 HOH HOH A . 
I 5 HOH 26  2026 2026 HOH HOH A . 
I 5 HOH 27  2027 2027 HOH HOH A . 
I 5 HOH 28  2028 2028 HOH HOH A . 
I 5 HOH 29  2029 2029 HOH HOH A . 
I 5 HOH 30  2030 2030 HOH HOH A . 
I 5 HOH 31  2031 2031 HOH HOH A . 
I 5 HOH 32  2032 2032 HOH HOH A . 
I 5 HOH 33  2033 2033 HOH HOH A . 
I 5 HOH 34  2034 2034 HOH HOH A . 
I 5 HOH 35  2035 2035 HOH HOH A . 
I 5 HOH 36  2036 2036 HOH HOH A . 
I 5 HOH 37  2037 2037 HOH HOH A . 
I 5 HOH 38  2038 2038 HOH HOH A . 
I 5 HOH 39  2039 2039 HOH HOH A . 
I 5 HOH 40  2040 2040 HOH HOH A . 
I 5 HOH 41  2041 2041 HOH HOH A . 
I 5 HOH 42  2042 2042 HOH HOH A . 
I 5 HOH 43  2043 2043 HOH HOH A . 
I 5 HOH 44  2044 2044 HOH HOH A . 
I 5 HOH 45  2045 2045 HOH HOH A . 
I 5 HOH 46  2046 2046 HOH HOH A . 
I 5 HOH 47  2047 2047 HOH HOH A . 
I 5 HOH 48  2048 2048 HOH HOH A . 
I 5 HOH 49  2049 2049 HOH HOH A . 
I 5 HOH 50  2050 2050 HOH HOH A . 
I 5 HOH 51  2051 2051 HOH HOH A . 
I 5 HOH 52  2052 2052 HOH HOH A . 
I 5 HOH 53  2053 2053 HOH HOH A . 
I 5 HOH 54  2054 2054 HOH HOH A . 
I 5 HOH 55  2055 2055 HOH HOH A . 
I 5 HOH 56  2056 2056 HOH HOH A . 
I 5 HOH 57  2057 2057 HOH HOH A . 
I 5 HOH 58  2058 2058 HOH HOH A . 
I 5 HOH 59  2059 2059 HOH HOH A . 
I 5 HOH 60  2060 2060 HOH HOH A . 
I 5 HOH 61  2061 2061 HOH HOH A . 
I 5 HOH 62  2062 2062 HOH HOH A . 
I 5 HOH 63  2063 2063 HOH HOH A . 
I 5 HOH 64  2064 2064 HOH HOH A . 
I 5 HOH 65  2065 2065 HOH HOH A . 
I 5 HOH 66  2066 2066 HOH HOH A . 
I 5 HOH 67  2067 2067 HOH HOH A . 
I 5 HOH 68  2068 2068 HOH HOH A . 
I 5 HOH 69  2069 2069 HOH HOH A . 
I 5 HOH 70  2070 2070 HOH HOH A . 
I 5 HOH 71  2071 2071 HOH HOH A . 
I 5 HOH 72  2072 2072 HOH HOH A . 
I 5 HOH 73  2073 2073 HOH HOH A . 
I 5 HOH 74  2074 2074 HOH HOH A . 
I 5 HOH 75  2075 2075 HOH HOH A . 
I 5 HOH 76  2076 2076 HOH HOH A . 
I 5 HOH 77  2077 2077 HOH HOH A . 
I 5 HOH 78  2078 2078 HOH HOH A . 
I 5 HOH 79  2079 2079 HOH HOH A . 
I 5 HOH 80  2080 2080 HOH HOH A . 
I 5 HOH 81  2081 2081 HOH HOH A . 
I 5 HOH 82  2082 2082 HOH HOH A . 
I 5 HOH 83  2083 2083 HOH HOH A . 
I 5 HOH 84  2084 2084 HOH HOH A . 
I 5 HOH 85  2085 2085 HOH HOH A . 
I 5 HOH 86  2086 2086 HOH HOH A . 
I 5 HOH 87  2087 2087 HOH HOH A . 
I 5 HOH 88  2088 2088 HOH HOH A . 
I 5 HOH 89  2089 2089 HOH HOH A . 
I 5 HOH 90  2090 2090 HOH HOH A . 
I 5 HOH 91  2091 2091 HOH HOH A . 
I 5 HOH 92  2092 2092 HOH HOH A . 
I 5 HOH 93  2093 2093 HOH HOH A . 
I 5 HOH 94  2094 2094 HOH HOH A . 
I 5 HOH 95  2095 2095 HOH HOH A . 
I 5 HOH 96  2096 2096 HOH HOH A . 
I 5 HOH 97  2097 2097 HOH HOH A . 
I 5 HOH 98  2098 2098 HOH HOH A . 
I 5 HOH 99  2099 2099 HOH HOH A . 
I 5 HOH 100 2100 2100 HOH HOH A . 
I 5 HOH 101 2101 2101 HOH HOH A . 
I 5 HOH 102 2102 2102 HOH HOH A . 
I 5 HOH 103 2103 2103 HOH HOH A . 
I 5 HOH 104 2104 2104 HOH HOH A . 
I 5 HOH 105 2105 2105 HOH HOH A . 
I 5 HOH 106 2106 2106 HOH HOH A . 
I 5 HOH 107 2107 2107 HOH HOH A . 
I 5 HOH 108 2108 2108 HOH HOH A . 
I 5 HOH 109 2109 2109 HOH HOH A . 
I 5 HOH 110 2110 2110 HOH HOH A . 
I 5 HOH 111 2111 2111 HOH HOH A . 
# 
_pdbx_struct_assembly.id                   1 
_pdbx_struct_assembly.details              author_and_software_defined_assembly 
_pdbx_struct_assembly.method_details       PQS 
_pdbx_struct_assembly.oligomeric_details   monomeric 
_pdbx_struct_assembly.oligomeric_count     1 
# 
_pdbx_struct_assembly_gen.assembly_id       1 
_pdbx_struct_assembly_gen.oper_expression   1 
_pdbx_struct_assembly_gen.asym_id_list      A,B,C,D,E,F,G,H,I 
# 
_pdbx_struct_oper_list.id                   1 
_pdbx_struct_oper_list.type                 'identity operation' 
_pdbx_struct_oper_list.name                 1_555 
_pdbx_struct_oper_list.symmetry_operation   x,y,z 
_pdbx_struct_oper_list.matrix[1][1]         1.0000000000 
_pdbx_struct_oper_list.matrix[1][2]         0.0000000000 
_pdbx_struct_oper_list.matrix[1][3]         0.0000000000 
_pdbx_struct_oper_list.vector[1]            0.0000000000 
_pdbx_struct_oper_list.matrix[2][1]         0.0000000000 
_pdbx_struct_oper_list.matrix[2][2]         1.0000000000 
_pdbx_struct_oper_list.matrix[2][3]         0.0000000000 
_pdbx_struct_oper_list.vector[2]            0.0000000000 
_pdbx_struct_oper_list.matrix[3][1]         0.0000000000 
_pdbx_struct_oper_list.matrix[3][2]         0.0000000000 
_pdbx_struct_oper_list.matrix[3][3]         1.0000000000 
_pdbx_struct_oper_list.vector[3]            0.0000000000 
# 
loop_
_pdbx_struct_conn_angle.id 
_pdbx_struct_conn_angle.ptnr1_label_atom_id 
_pdbx_struct_conn_angle.ptnr1_label_alt_id 
_pdbx_struct_conn_angle.ptnr1_label_asym_id 
_pdbx_struct_conn_angle.ptnr1_label_comp_id 
_pdbx_struct_conn_angle.ptnr1_label_seq_id 
_pdbx_struct_conn_angle.ptnr1_auth_atom_id 
_pdbx_struct_conn_angle.ptnr1_auth_asym_id 
_pdbx_struct_conn_angle.ptnr1_auth_comp_id 
_pdbx_struct_conn_angle.ptnr1_auth_seq_id 
_pdbx_struct_conn_angle.ptnr1_PDB_ins_code 
_pdbx_struct_conn_angle.ptnr1_symmetry 
_pdbx_struct_conn_angle.ptnr2_label_atom_id 
_pdbx_struct_conn_angle.ptnr2_label_alt_id 
_pdbx_struct_conn_angle.ptnr2_label_asym_id 
_pdbx_struct_conn_angle.ptnr2_label_comp_id 
_pdbx_struct_conn_angle.ptnr2_label_seq_id 
_pdbx_struct_conn_angle.ptnr2_auth_atom_id 
_pdbx_struct_conn_angle.ptnr2_auth_asym_id 
_pdbx_struct_conn_angle.ptnr2_auth_comp_id 
_pdbx_struct_conn_angle.ptnr2_auth_seq_id 
_pdbx_struct_conn_angle.ptnr2_PDB_ins_code 
_pdbx_struct_conn_angle.ptnr2_symmetry 
_pdbx_struct_conn_angle.ptnr3_label_atom_id 
_pdbx_struct_conn_angle.ptnr3_label_alt_id 
_pdbx_struct_conn_angle.ptnr3_label_asym_id 
_pdbx_struct_conn_angle.ptnr3_label_comp_id 
_pdbx_struct_conn_angle.ptnr3_label_seq_id 
_pdbx_struct_conn_angle.ptnr3_auth_atom_id 
_pdbx_struct_conn_angle.ptnr3_auth_asym_id 
_pdbx_struct_conn_angle.ptnr3_auth_comp_id 
_pdbx_struct_conn_angle.ptnr3_auth_seq_id 
_pdbx_struct_conn_angle.ptnr3_PDB_ins_code 
_pdbx_struct_conn_angle.ptnr3_symmetry 
_pdbx_struct_conn_angle.value 
_pdbx_struct_conn_angle.value_esd 
1  O   ? A THR 6   ? A THR 8    ? 1_555 CA ? C CA . ? A CA 200 ? 1_555 O   ? A GLY 45  ? A GLY 47   ? 1_555 80.8  ? 
2  O   ? A THR 6   ? A THR 8    ? 1_555 CA ? C CA . ? A CA 200 ? 1_555 OD1 ? A ASP 148 ? A ASP 150  ? 1_555 88.1  ? 
3  O   ? A GLY 45  ? A GLY 47   ? 1_555 CA ? C CA . ? A CA 200 ? 1_555 OD1 ? A ASP 148 ? A ASP 150  ? 1_555 79.6  ? 
4  O   ? A THR 6   ? A THR 8    ? 1_555 CA ? C CA . ? A CA 200 ? 1_555 OD2 ? A ASP 148 ? A ASP 150  ? 1_555 129.8 ? 
5  O   ? A GLY 45  ? A GLY 47   ? 1_555 CA ? C CA . ? A CA 200 ? 1_555 OD2 ? A ASP 148 ? A ASP 150  ? 1_555 75.5  ? 
6  OD1 ? A ASP 148 ? A ASP 150  ? 1_555 CA ? C CA . ? A CA 200 ? 1_555 OD2 ? A ASP 148 ? A ASP 150  ? 1_555 44.6  ? 
7  O   ? A THR 6   ? A THR 8    ? 1_555 CA ? C CA . ? A CA 200 ? 1_555 O   ? I HOH .   ? A HOH 2004 ? 1_555 87.3  ? 
8  O   ? A GLY 45  ? A GLY 47   ? 1_555 CA ? C CA . ? A CA 200 ? 1_555 O   ? I HOH .   ? A HOH 2004 ? 1_555 108.7 ? 
9  OD1 ? A ASP 148 ? A ASP 150  ? 1_555 CA ? C CA . ? A CA 200 ? 1_555 O   ? I HOH .   ? A HOH 2004 ? 1_555 169.7 ? 
10 OD2 ? A ASP 148 ? A ASP 150  ? 1_555 CA ? C CA . ? A CA 200 ? 1_555 O   ? I HOH .   ? A HOH 2004 ? 1_555 142.2 ? 
11 O   ? A THR 6   ? A THR 8    ? 1_555 CA ? C CA . ? A CA 200 ? 1_555 O   ? I HOH .   ? A HOH 2096 ? 1_555 163.0 ? 
12 O   ? A GLY 45  ? A GLY 47   ? 1_555 CA ? C CA . ? A CA 200 ? 1_555 O   ? I HOH .   ? A HOH 2096 ? 1_555 86.9  ? 
13 OD1 ? A ASP 148 ? A ASP 150  ? 1_555 CA ? C CA . ? A CA 200 ? 1_555 O   ? I HOH .   ? A HOH 2096 ? 1_555 101.3 ? 
14 OD2 ? A ASP 148 ? A ASP 150  ? 1_555 CA ? C CA . ? A CA 200 ? 1_555 O   ? I HOH .   ? A HOH 2096 ? 1_555 56.9  ? 
15 O   ? I HOH .   ? A HOH 2004 ? 1_555 CA ? C CA . ? A CA 200 ? 1_555 O   ? I HOH .   ? A HOH 2096 ? 1_555 85.5  ? 
16 O   ? A THR 6   ? A THR 8    ? 1_555 CA ? C CA . ? A CA 200 ? 1_555 O   ? I HOH .   ? A HOH 2099 ? 1_555 98.1  ? 
17 O   ? A GLY 45  ? A GLY 47   ? 1_555 CA ? C CA . ? A CA 200 ? 1_555 O   ? I HOH .   ? A HOH 2099 ? 1_555 167.3 ? 
18 OD1 ? A ASP 148 ? A ASP 150  ? 1_555 CA ? C CA . ? A CA 200 ? 1_555 O   ? I HOH .   ? A HOH 2099 ? 1_555 87.7  ? 
19 OD2 ? A ASP 148 ? A ASP 150  ? 1_555 CA ? C CA . ? A CA 200 ? 1_555 O   ? I HOH .   ? A HOH 2099 ? 1_555 96.0  ? 
20 O   ? I HOH .   ? A HOH 2004 ? 1_555 CA ? C CA . ? A CA 200 ? 1_555 O   ? I HOH .   ? A HOH 2099 ? 1_555 83.9  ? 
21 O   ? I HOH .   ? A HOH 2096 ? 1_555 CA ? C CA . ? A CA 200 ? 1_555 O   ? I HOH .   ? A HOH 2099 ? 1_555 96.4  ? 
# 
loop_
_pdbx_audit_revision_history.ordinal 
_pdbx_audit_revision_history.data_content_type 
_pdbx_audit_revision_history.major_revision 
_pdbx_audit_revision_history.minor_revision 
_pdbx_audit_revision_history.revision_date 
1 'Structure model' 1 0 2002-09-26 
2 'Structure model' 1 1 2011-07-13 
3 'Structure model' 2 0 2020-07-29 
4 'Structure model' 2 1 2023-12-13 
# 
loop_
_pdbx_audit_revision_details.ordinal 
_pdbx_audit_revision_details.revision_ordinal 
_pdbx_audit_revision_details.data_content_type 
_pdbx_audit_revision_details.provider 
_pdbx_audit_revision_details.type 
_pdbx_audit_revision_details.description 
_pdbx_audit_revision_details.details 
1 1 'Structure model' repository 'Initial release' ?                          ? 
2 3 'Structure model' repository Remediation       'Carbohydrate remediation' ? 
# 
loop_
_pdbx_audit_revision_group.ordinal 
_pdbx_audit_revision_group.revision_ordinal 
_pdbx_audit_revision_group.data_content_type 
_pdbx_audit_revision_group.group 
1  2 'Structure model' Advisory                    
2  2 'Structure model' 'Version format compliance' 
3  3 'Structure model' Advisory                    
4  3 'Structure model' 'Atomic model'              
5  3 'Structure model' 'Data collection'           
6  3 'Structure model' 'Derived calculations'      
7  3 'Structure model' Other                       
8  3 'Structure model' 'Structure summary'         
9  4 'Structure model' 'Data collection'           
10 4 'Structure model' 'Database references'       
11 4 'Structure model' 'Refinement description'    
12 4 'Structure model' 'Structure summary'         
# 
loop_
_pdbx_audit_revision_category.ordinal 
_pdbx_audit_revision_category.revision_ordinal 
_pdbx_audit_revision_category.data_content_type 
_pdbx_audit_revision_category.category 
1  3 'Structure model' atom_site                     
2  3 'Structure model' chem_comp                     
3  3 'Structure model' entity                        
4  3 'Structure model' pdbx_branch_scheme            
5  3 'Structure model' pdbx_chem_comp_identifier     
6  3 'Structure model' pdbx_database_status          
7  3 'Structure model' pdbx_entity_branch            
8  3 'Structure model' pdbx_entity_branch_descriptor 
9  3 'Structure model' pdbx_entity_branch_link       
10 3 'Structure model' pdbx_entity_branch_list       
11 3 'Structure model' pdbx_entity_nonpoly           
12 3 'Structure model' pdbx_nonpoly_scheme           
13 3 'Structure model' pdbx_struct_assembly_gen      
14 3 'Structure model' pdbx_struct_conn_angle        
15 3 'Structure model' pdbx_validate_close_contact   
16 3 'Structure model' struct_asym                   
17 3 'Structure model' struct_conn                   
18 3 'Structure model' struct_conn_type              
19 3 'Structure model' struct_site                   
20 3 'Structure model' struct_site_gen               
21 4 'Structure model' chem_comp                     
22 4 'Structure model' chem_comp_atom                
23 4 'Structure model' chem_comp_bond                
24 4 'Structure model' database_2                    
25 4 'Structure model' pdbx_initial_refinement_model 
# 
loop_
_pdbx_audit_revision_item.ordinal 
_pdbx_audit_revision_item.revision_ordinal 
_pdbx_audit_revision_item.data_content_type 
_pdbx_audit_revision_item.item 
1  3 'Structure model' '_atom_site.B_iso_or_equiv'                   
2  3 'Structure model' '_atom_site.Cartn_x'                          
3  3 'Structure model' '_atom_site.Cartn_y'                          
4  3 'Structure model' '_atom_site.Cartn_z'                          
5  3 'Structure model' '_atom_site.auth_asym_id'                     
6  3 'Structure model' '_atom_site.auth_atom_id'                     
7  3 'Structure model' '_atom_site.auth_comp_id'                     
8  3 'Structure model' '_atom_site.auth_seq_id'                      
9  3 'Structure model' '_atom_site.label_asym_id'                    
10 3 'Structure model' '_atom_site.label_atom_id'                    
11 3 'Structure model' '_atom_site.label_comp_id'                    
12 3 'Structure model' '_atom_site.label_entity_id'                  
13 3 'Structure model' '_atom_site.type_symbol'                      
14 3 'Structure model' '_chem_comp.name'                             
15 3 'Structure model' '_chem_comp.type'                             
16 3 'Structure model' '_entity.formula_weight'                      
17 3 'Structure model' '_entity.pdbx_description'                    
18 3 'Structure model' '_entity.pdbx_number_of_molecules'            
19 3 'Structure model' '_entity.src_method'                          
20 3 'Structure model' '_entity.type'                                
21 3 'Structure model' '_pdbx_database_status.status_code_sf'        
22 3 'Structure model' '_pdbx_struct_assembly_gen.asym_id_list'      
23 3 'Structure model' '_pdbx_struct_conn_angle.ptnr1_auth_comp_id'  
24 3 'Structure model' '_pdbx_struct_conn_angle.ptnr1_auth_seq_id'   
25 3 'Structure model' '_pdbx_struct_conn_angle.ptnr1_label_asym_id' 
26 3 'Structure model' '_pdbx_struct_conn_angle.ptnr1_label_atom_id' 
27 3 'Structure model' '_pdbx_struct_conn_angle.ptnr1_label_comp_id' 
28 3 'Structure model' '_pdbx_struct_conn_angle.ptnr1_label_seq_id'  
29 3 'Structure model' '_pdbx_struct_conn_angle.ptnr2_label_asym_id' 
30 3 'Structure model' '_pdbx_struct_conn_angle.ptnr3_auth_comp_id'  
31 3 'Structure model' '_pdbx_struct_conn_angle.ptnr3_auth_seq_id'   
32 3 'Structure model' '_pdbx_struct_conn_angle.ptnr3_label_asym_id' 
33 3 'Structure model' '_pdbx_struct_conn_angle.ptnr3_label_atom_id' 
34 3 'Structure model' '_pdbx_struct_conn_angle.ptnr3_label_comp_id' 
35 3 'Structure model' '_pdbx_struct_conn_angle.ptnr3_label_seq_id'  
36 3 'Structure model' '_pdbx_struct_conn_angle.value'               
37 3 'Structure model' '_pdbx_validate_close_contact.auth_asym_id_1' 
38 3 'Structure model' '_pdbx_validate_close_contact.auth_asym_id_2' 
39 3 'Structure model' '_pdbx_validate_close_contact.auth_atom_id_1' 
40 3 'Structure model' '_pdbx_validate_close_contact.auth_atom_id_2' 
41 3 'Structure model' '_pdbx_validate_close_contact.auth_seq_id_1'  
42 3 'Structure model' '_pdbx_validate_close_contact.auth_seq_id_2'  
43 3 'Structure model' '_struct_conn.conn_type_id'                   
44 3 'Structure model' '_struct_conn.id'                             
45 3 'Structure model' '_struct_conn.pdbx_dist_value'                
46 3 'Structure model' '_struct_conn.pdbx_leaving_atom_flag'         
47 3 'Structure model' '_struct_conn.ptnr1_auth_asym_id'             
48 3 'Structure model' '_struct_conn.ptnr1_auth_comp_id'             
49 3 'Structure model' '_struct_conn.ptnr1_auth_seq_id'              
50 3 'Structure model' '_struct_conn.ptnr1_label_asym_id'            
51 3 'Structure model' '_struct_conn.ptnr1_label_atom_id'            
52 3 'Structure model' '_struct_conn.ptnr1_label_comp_id'            
53 3 'Structure model' '_struct_conn.ptnr1_label_seq_id'             
54 3 'Structure model' '_struct_conn.ptnr2_auth_asym_id'             
55 3 'Structure model' '_struct_conn.ptnr2_auth_comp_id'             
56 3 'Structure model' '_struct_conn.ptnr2_auth_seq_id'              
57 3 'Structure model' '_struct_conn.ptnr2_label_asym_id'            
58 3 'Structure model' '_struct_conn.ptnr2_label_atom_id'            
59 3 'Structure model' '_struct_conn.ptnr2_label_comp_id'            
60 3 'Structure model' '_struct_conn.ptnr2_label_seq_id'             
61 3 'Structure model' '_struct_conn_type.id'                        
62 4 'Structure model' '_chem_comp.pdbx_synonyms'                    
63 4 'Structure model' '_database_2.pdbx_DOI'                        
64 4 'Structure model' '_database_2.pdbx_database_accession'         
# 
_pdbx_refine_tls.pdbx_refine_id   'X-RAY DIFFRACTION' 
_pdbx_refine_tls.id               1 
_pdbx_refine_tls.details          ? 
_pdbx_refine_tls.method           refined 
_pdbx_refine_tls.origin_x         -0.2198 
_pdbx_refine_tls.origin_y         0.0913 
_pdbx_refine_tls.origin_z         0.1078 
_pdbx_refine_tls.T[1][1]          0.0395 
_pdbx_refine_tls.T[2][2]          0.1029 
_pdbx_refine_tls.T[3][3]          0.0675 
_pdbx_refine_tls.T[1][2]          -0.0466 
_pdbx_refine_tls.T[1][3]          -0.0305 
_pdbx_refine_tls.T[2][3]          -0.0101 
_pdbx_refine_tls.L[1][1]          1.6779 
_pdbx_refine_tls.L[2][2]          2.7113 
_pdbx_refine_tls.L[3][3]          3.2970 
_pdbx_refine_tls.L[1][2]          -0.3570 
_pdbx_refine_tls.L[1][3]          0.3316 
_pdbx_refine_tls.L[2][3]          -1.4288 
_pdbx_refine_tls.S[1][1]          -0.0058 
_pdbx_refine_tls.S[1][2]          -0.0998 
_pdbx_refine_tls.S[1][3]          0.1026 
_pdbx_refine_tls.S[2][1]          0.2482 
_pdbx_refine_tls.S[2][2]          -0.0576 
_pdbx_refine_tls.S[2][3]          -0.0919 
_pdbx_refine_tls.S[3][1]          -0.2595 
_pdbx_refine_tls.S[3][2]          0.1109 
_pdbx_refine_tls.S[3][3]          0.0633 
# 
_pdbx_refine_tls_group.pdbx_refine_id      'X-RAY DIFFRACTION' 
_pdbx_refine_tls_group.id                  1 
_pdbx_refine_tls_group.refine_tls_id       1 
_pdbx_refine_tls_group.beg_auth_asym_id    A 
_pdbx_refine_tls_group.beg_auth_seq_id     3 
_pdbx_refine_tls_group.beg_label_asym_id   ? 
_pdbx_refine_tls_group.beg_label_seq_id    ? 
_pdbx_refine_tls_group.end_auth_asym_id    A 
_pdbx_refine_tls_group.end_auth_seq_id     157 
_pdbx_refine_tls_group.end_label_asym_id   ? 
_pdbx_refine_tls_group.end_label_seq_id    ? 
_pdbx_refine_tls_group.selection           ? 
_pdbx_refine_tls_group.selection_details   ? 
# 
loop_
_software.name 
_software.classification 
_software.version 
_software.citation_id 
_software.pdbx_ordinal 
REFMAC    refinement       5.1.07 ? 1 
DENZO     'data reduction' .      ? 2 
SCALEPACK 'data scaling'   .      ? 3 
BEAST     phasing          .      ? 4 
# 
_pdbx_entry_details.entry_id                 1GUI 
_pdbx_entry_details.compound_details         'CARBOHYDRATE BINDING MODULE FAMILY 4' 
_pdbx_entry_details.source_details           ? 
_pdbx_entry_details.nonpolymer_details       ? 
_pdbx_entry_details.sequence_details         ? 
_pdbx_entry_details.has_ligand_of_interest   ? 
# 
_pdbx_validate_close_contact.id               1 
_pdbx_validate_close_contact.PDB_model_num    1 
_pdbx_validate_close_contact.auth_atom_id_1   O3 
_pdbx_validate_close_contact.auth_asym_id_1   B 
_pdbx_validate_close_contact.auth_comp_id_1   BGC 
_pdbx_validate_close_contact.auth_seq_id_1    1 
_pdbx_validate_close_contact.PDB_ins_code_1   ? 
_pdbx_validate_close_contact.label_alt_id_1   ? 
_pdbx_validate_close_contact.auth_atom_id_2   O5 
_pdbx_validate_close_contact.auth_asym_id_2   B 
_pdbx_validate_close_contact.auth_comp_id_2   BGC 
_pdbx_validate_close_contact.auth_seq_id_2    2 
_pdbx_validate_close_contact.PDB_ins_code_2   ? 
_pdbx_validate_close_contact.label_alt_id_2   ? 
_pdbx_validate_close_contact.dist             2.06 
# 
loop_
_pdbx_validate_torsion.id 
_pdbx_validate_torsion.PDB_model_num 
_pdbx_validate_torsion.auth_comp_id 
_pdbx_validate_torsion.auth_asym_id 
_pdbx_validate_torsion.auth_seq_id 
_pdbx_validate_torsion.PDB_ins_code 
_pdbx_validate_torsion.label_alt_id 
_pdbx_validate_torsion.phi 
_pdbx_validate_torsion.psi 
1 1 ASN A 20  ? ? -143.57 57.92  
2 1 GLU A 141 ? ? 76.45   -47.93 
# 
loop_
_chem_comp_atom.comp_id 
_chem_comp_atom.atom_id 
_chem_comp_atom.type_symbol 
_chem_comp_atom.pdbx_aromatic_flag 
_chem_comp_atom.pdbx_stereo_config 
_chem_comp_atom.pdbx_ordinal 
ALA N    N  N N 1   
ALA CA   C  N S 2   
ALA C    C  N N 3   
ALA O    O  N N 4   
ALA CB   C  N N 5   
ALA OXT  O  N N 6   
ALA H    H  N N 7   
ALA H2   H  N N 8   
ALA HA   H  N N 9   
ALA HB1  H  N N 10  
ALA HB2  H  N N 11  
ALA HB3  H  N N 12  
ALA HXT  H  N N 13  
ARG N    N  N N 14  
ARG CA   C  N S 15  
ARG C    C  N N 16  
ARG O    O  N N 17  
ARG CB   C  N N 18  
ARG CG   C  N N 19  
ARG CD   C  N N 20  
ARG NE   N  N N 21  
ARG CZ   C  N N 22  
ARG NH1  N  N N 23  
ARG NH2  N  N N 24  
ARG OXT  O  N N 25  
ARG H    H  N N 26  
ARG H2   H  N N 27  
ARG HA   H  N N 28  
ARG HB2  H  N N 29  
ARG HB3  H  N N 30  
ARG HG2  H  N N 31  
ARG HG3  H  N N 32  
ARG HD2  H  N N 33  
ARG HD3  H  N N 34  
ARG HE   H  N N 35  
ARG HH11 H  N N 36  
ARG HH12 H  N N 37  
ARG HH21 H  N N 38  
ARG HH22 H  N N 39  
ARG HXT  H  N N 40  
ASN N    N  N N 41  
ASN CA   C  N S 42  
ASN C    C  N N 43  
ASN O    O  N N 44  
ASN CB   C  N N 45  
ASN CG   C  N N 46  
ASN OD1  O  N N 47  
ASN ND2  N  N N 48  
ASN OXT  O  N N 49  
ASN H    H  N N 50  
ASN H2   H  N N 51  
ASN HA   H  N N 52  
ASN HB2  H  N N 53  
ASN HB3  H  N N 54  
ASN HD21 H  N N 55  
ASN HD22 H  N N 56  
ASN HXT  H  N N 57  
ASP N    N  N N 58  
ASP CA   C  N S 59  
ASP C    C  N N 60  
ASP O    O  N N 61  
ASP CB   C  N N 62  
ASP CG   C  N N 63  
ASP OD1  O  N N 64  
ASP OD2  O  N N 65  
ASP OXT  O  N N 66  
ASP H    H  N N 67  
ASP H2   H  N N 68  
ASP HA   H  N N 69  
ASP HB2  H  N N 70  
ASP HB3  H  N N 71  
ASP HD2  H  N N 72  
ASP HXT  H  N N 73  
BGC C2   C  N R 74  
BGC C3   C  N S 75  
BGC C4   C  N S 76  
BGC C5   C  N R 77  
BGC C6   C  N N 78  
BGC C1   C  N R 79  
BGC O1   O  N N 80  
BGC O2   O  N N 81  
BGC O3   O  N N 82  
BGC O4   O  N N 83  
BGC O5   O  N N 84  
BGC O6   O  N N 85  
BGC H2   H  N N 86  
BGC H3   H  N N 87  
BGC H4   H  N N 88  
BGC H5   H  N N 89  
BGC H61  H  N N 90  
BGC H62  H  N N 91  
BGC H1   H  N N 92  
BGC HO1  H  N N 93  
BGC HO2  H  N N 94  
BGC HO3  H  N N 95  
BGC HO4  H  N N 96  
BGC HO6  H  N N 97  
CA  CA   CA N N 98  
GLN N    N  N N 99  
GLN CA   C  N S 100 
GLN C    C  N N 101 
GLN O    O  N N 102 
GLN CB   C  N N 103 
GLN CG   C  N N 104 
GLN CD   C  N N 105 
GLN OE1  O  N N 106 
GLN NE2  N  N N 107 
GLN OXT  O  N N 108 
GLN H    H  N N 109 
GLN H2   H  N N 110 
GLN HA   H  N N 111 
GLN HB2  H  N N 112 
GLN HB3  H  N N 113 
GLN HG2  H  N N 114 
GLN HG3  H  N N 115 
GLN HE21 H  N N 116 
GLN HE22 H  N N 117 
GLN HXT  H  N N 118 
GLU N    N  N N 119 
GLU CA   C  N S 120 
GLU C    C  N N 121 
GLU O    O  N N 122 
GLU CB   C  N N 123 
GLU CG   C  N N 124 
GLU CD   C  N N 125 
GLU OE1  O  N N 126 
GLU OE2  O  N N 127 
GLU OXT  O  N N 128 
GLU H    H  N N 129 
GLU H2   H  N N 130 
GLU HA   H  N N 131 
GLU HB2  H  N N 132 
GLU HB3  H  N N 133 
GLU HG2  H  N N 134 
GLU HG3  H  N N 135 
GLU HE2  H  N N 136 
GLU HXT  H  N N 137 
GLY N    N  N N 138 
GLY CA   C  N N 139 
GLY C    C  N N 140 
GLY O    O  N N 141 
GLY OXT  O  N N 142 
GLY H    H  N N 143 
GLY H2   H  N N 144 
GLY HA2  H  N N 145 
GLY HA3  H  N N 146 
GLY HXT  H  N N 147 
GOL C1   C  N N 148 
GOL O1   O  N N 149 
GOL C2   C  N N 150 
GOL O2   O  N N 151 
GOL C3   C  N N 152 
GOL O3   O  N N 153 
GOL H11  H  N N 154 
GOL H12  H  N N 155 
GOL HO1  H  N N 156 
GOL H2   H  N N 157 
GOL HO2  H  N N 158 
GOL H31  H  N N 159 
GOL H32  H  N N 160 
GOL HO3  H  N N 161 
HIS N    N  N N 162 
HIS CA   C  N S 163 
HIS C    C  N N 164 
HIS O    O  N N 165 
HIS CB   C  N N 166 
HIS CG   C  Y N 167 
HIS ND1  N  Y N 168 
HIS CD2  C  Y N 169 
HIS CE1  C  Y N 170 
HIS NE2  N  Y N 171 
HIS OXT  O  N N 172 
HIS H    H  N N 173 
HIS H2   H  N N 174 
HIS HA   H  N N 175 
HIS HB2  H  N N 176 
HIS HB3  H  N N 177 
HIS HD1  H  N N 178 
HIS HD2  H  N N 179 
HIS HE1  H  N N 180 
HIS HE2  H  N N 181 
HIS HXT  H  N N 182 
HOH O    O  N N 183 
HOH H1   H  N N 184 
HOH H2   H  N N 185 
ILE N    N  N N 186 
ILE CA   C  N S 187 
ILE C    C  N N 188 
ILE O    O  N N 189 
ILE CB   C  N S 190 
ILE CG1  C  N N 191 
ILE CG2  C  N N 192 
ILE CD1  C  N N 193 
ILE OXT  O  N N 194 
ILE H    H  N N 195 
ILE H2   H  N N 196 
ILE HA   H  N N 197 
ILE HB   H  N N 198 
ILE HG12 H  N N 199 
ILE HG13 H  N N 200 
ILE HG21 H  N N 201 
ILE HG22 H  N N 202 
ILE HG23 H  N N 203 
ILE HD11 H  N N 204 
ILE HD12 H  N N 205 
ILE HD13 H  N N 206 
ILE HXT  H  N N 207 
LEU N    N  N N 208 
LEU CA   C  N S 209 
LEU C    C  N N 210 
LEU O    O  N N 211 
LEU CB   C  N N 212 
LEU CG   C  N N 213 
LEU CD1  C  N N 214 
LEU CD2  C  N N 215 
LEU OXT  O  N N 216 
LEU H    H  N N 217 
LEU H2   H  N N 218 
LEU HA   H  N N 219 
LEU HB2  H  N N 220 
LEU HB3  H  N N 221 
LEU HG   H  N N 222 
LEU HD11 H  N N 223 
LEU HD12 H  N N 224 
LEU HD13 H  N N 225 
LEU HD21 H  N N 226 
LEU HD22 H  N N 227 
LEU HD23 H  N N 228 
LEU HXT  H  N N 229 
LYS N    N  N N 230 
LYS CA   C  N S 231 
LYS C    C  N N 232 
LYS O    O  N N 233 
LYS CB   C  N N 234 
LYS CG   C  N N 235 
LYS CD   C  N N 236 
LYS CE   C  N N 237 
LYS NZ   N  N N 238 
LYS OXT  O  N N 239 
LYS H    H  N N 240 
LYS H2   H  N N 241 
LYS HA   H  N N 242 
LYS HB2  H  N N 243 
LYS HB3  H  N N 244 
LYS HG2  H  N N 245 
LYS HG3  H  N N 246 
LYS HD2  H  N N 247 
LYS HD3  H  N N 248 
LYS HE2  H  N N 249 
LYS HE3  H  N N 250 
LYS HZ1  H  N N 251 
LYS HZ2  H  N N 252 
LYS HZ3  H  N N 253 
LYS HXT  H  N N 254 
PHE N    N  N N 255 
PHE CA   C  N S 256 
PHE C    C  N N 257 
PHE O    O  N N 258 
PHE CB   C  N N 259 
PHE CG   C  Y N 260 
PHE CD1  C  Y N 261 
PHE CD2  C  Y N 262 
PHE CE1  C  Y N 263 
PHE CE2  C  Y N 264 
PHE CZ   C  Y N 265 
PHE OXT  O  N N 266 
PHE H    H  N N 267 
PHE H2   H  N N 268 
PHE HA   H  N N 269 
PHE HB2  H  N N 270 
PHE HB3  H  N N 271 
PHE HD1  H  N N 272 
PHE HD2  H  N N 273 
PHE HE1  H  N N 274 
PHE HE2  H  N N 275 
PHE HZ   H  N N 276 
PHE HXT  H  N N 277 
PRO N    N  N N 278 
PRO CA   C  N S 279 
PRO C    C  N N 280 
PRO O    O  N N 281 
PRO CB   C  N N 282 
PRO CG   C  N N 283 
PRO CD   C  N N 284 
PRO OXT  O  N N 285 
PRO H    H  N N 286 
PRO HA   H  N N 287 
PRO HB2  H  N N 288 
PRO HB3  H  N N 289 
PRO HG2  H  N N 290 
PRO HG3  H  N N 291 
PRO HD2  H  N N 292 
PRO HD3  H  N N 293 
PRO HXT  H  N N 294 
SER N    N  N N 295 
SER CA   C  N S 296 
SER C    C  N N 297 
SER O    O  N N 298 
SER CB   C  N N 299 
SER OG   O  N N 300 
SER OXT  O  N N 301 
SER H    H  N N 302 
SER H2   H  N N 303 
SER HA   H  N N 304 
SER HB2  H  N N 305 
SER HB3  H  N N 306 
SER HG   H  N N 307 
SER HXT  H  N N 308 
THR N    N  N N 309 
THR CA   C  N S 310 
THR C    C  N N 311 
THR O    O  N N 312 
THR CB   C  N R 313 
THR OG1  O  N N 314 
THR CG2  C  N N 315 
THR OXT  O  N N 316 
THR H    H  N N 317 
THR H2   H  N N 318 
THR HA   H  N N 319 
THR HB   H  N N 320 
THR HG1  H  N N 321 
THR HG21 H  N N 322 
THR HG22 H  N N 323 
THR HG23 H  N N 324 
THR HXT  H  N N 325 
TRP N    N  N N 326 
TRP CA   C  N S 327 
TRP C    C  N N 328 
TRP O    O  N N 329 
TRP CB   C  N N 330 
TRP CG   C  Y N 331 
TRP CD1  C  Y N 332 
TRP CD2  C  Y N 333 
TRP NE1  N  Y N 334 
TRP CE2  C  Y N 335 
TRP CE3  C  Y N 336 
TRP CZ2  C  Y N 337 
TRP CZ3  C  Y N 338 
TRP CH2  C  Y N 339 
TRP OXT  O  N N 340 
TRP H    H  N N 341 
TRP H2   H  N N 342 
TRP HA   H  N N 343 
TRP HB2  H  N N 344 
TRP HB3  H  N N 345 
TRP HD1  H  N N 346 
TRP HE1  H  N N 347 
TRP HE3  H  N N 348 
TRP HZ2  H  N N 349 
TRP HZ3  H  N N 350 
TRP HH2  H  N N 351 
TRP HXT  H  N N 352 
TYR N    N  N N 353 
TYR CA   C  N S 354 
TYR C    C  N N 355 
TYR O    O  N N 356 
TYR CB   C  N N 357 
TYR CG   C  Y N 358 
TYR CD1  C  Y N 359 
TYR CD2  C  Y N 360 
TYR CE1  C  Y N 361 
TYR CE2  C  Y N 362 
TYR CZ   C  Y N 363 
TYR OH   O  N N 364 
TYR OXT  O  N N 365 
TYR H    H  N N 366 
TYR H2   H  N N 367 
TYR HA   H  N N 368 
TYR HB2  H  N N 369 
TYR HB3  H  N N 370 
TYR HD1  H  N N 371 
TYR HD2  H  N N 372 
TYR HE1  H  N N 373 
TYR HE2  H  N N 374 
TYR HH   H  N N 375 
TYR HXT  H  N N 376 
VAL N    N  N N 377 
VAL CA   C  N S 378 
VAL C    C  N N 379 
VAL O    O  N N 380 
VAL CB   C  N N 381 
VAL CG1  C  N N 382 
VAL CG2  C  N N 383 
VAL OXT  O  N N 384 
VAL H    H  N N 385 
VAL H2   H  N N 386 
VAL HA   H  N N 387 
VAL HB   H  N N 388 
VAL HG11 H  N N 389 
VAL HG12 H  N N 390 
VAL HG13 H  N N 391 
VAL HG21 H  N N 392 
VAL HG22 H  N N 393 
VAL HG23 H  N N 394 
VAL HXT  H  N N 395 
# 
loop_
_chem_comp_bond.comp_id 
_chem_comp_bond.atom_id_1 
_chem_comp_bond.atom_id_2 
_chem_comp_bond.value_order 
_chem_comp_bond.pdbx_aromatic_flag 
_chem_comp_bond.pdbx_stereo_config 
_chem_comp_bond.pdbx_ordinal 
ALA N   CA   sing N N 1   
ALA N   H    sing N N 2   
ALA N   H2   sing N N 3   
ALA CA  C    sing N N 4   
ALA CA  CB   sing N N 5   
ALA CA  HA   sing N N 6   
ALA C   O    doub N N 7   
ALA C   OXT  sing N N 8   
ALA CB  HB1  sing N N 9   
ALA CB  HB2  sing N N 10  
ALA CB  HB3  sing N N 11  
ALA OXT HXT  sing N N 12  
ARG N   CA   sing N N 13  
ARG N   H    sing N N 14  
ARG N   H2   sing N N 15  
ARG CA  C    sing N N 16  
ARG CA  CB   sing N N 17  
ARG CA  HA   sing N N 18  
ARG C   O    doub N N 19  
ARG C   OXT  sing N N 20  
ARG CB  CG   sing N N 21  
ARG CB  HB2  sing N N 22  
ARG CB  HB3  sing N N 23  
ARG CG  CD   sing N N 24  
ARG CG  HG2  sing N N 25  
ARG CG  HG3  sing N N 26  
ARG CD  NE   sing N N 27  
ARG CD  HD2  sing N N 28  
ARG CD  HD3  sing N N 29  
ARG NE  CZ   sing N N 30  
ARG NE  HE   sing N N 31  
ARG CZ  NH1  sing N N 32  
ARG CZ  NH2  doub N N 33  
ARG NH1 HH11 sing N N 34  
ARG NH1 HH12 sing N N 35  
ARG NH2 HH21 sing N N 36  
ARG NH2 HH22 sing N N 37  
ARG OXT HXT  sing N N 38  
ASN N   CA   sing N N 39  
ASN N   H    sing N N 40  
ASN N   H2   sing N N 41  
ASN CA  C    sing N N 42  
ASN CA  CB   sing N N 43  
ASN CA  HA   sing N N 44  
ASN C   O    doub N N 45  
ASN C   OXT  sing N N 46  
ASN CB  CG   sing N N 47  
ASN CB  HB2  sing N N 48  
ASN CB  HB3  sing N N 49  
ASN CG  OD1  doub N N 50  
ASN CG  ND2  sing N N 51  
ASN ND2 HD21 sing N N 52  
ASN ND2 HD22 sing N N 53  
ASN OXT HXT  sing N N 54  
ASP N   CA   sing N N 55  
ASP N   H    sing N N 56  
ASP N   H2   sing N N 57  
ASP CA  C    sing N N 58  
ASP CA  CB   sing N N 59  
ASP CA  HA   sing N N 60  
ASP C   O    doub N N 61  
ASP C   OXT  sing N N 62  
ASP CB  CG   sing N N 63  
ASP CB  HB2  sing N N 64  
ASP CB  HB3  sing N N 65  
ASP CG  OD1  doub N N 66  
ASP CG  OD2  sing N N 67  
ASP OD2 HD2  sing N N 68  
ASP OXT HXT  sing N N 69  
BGC C2  C3   sing N N 70  
BGC C2  C1   sing N N 71  
BGC C2  O2   sing N N 72  
BGC C2  H2   sing N N 73  
BGC C3  C4   sing N N 74  
BGC C3  O3   sing N N 75  
BGC C3  H3   sing N N 76  
BGC C4  C5   sing N N 77  
BGC C4  O4   sing N N 78  
BGC C4  H4   sing N N 79  
BGC C5  C6   sing N N 80  
BGC C5  O5   sing N N 81  
BGC C5  H5   sing N N 82  
BGC C6  O6   sing N N 83  
BGC C6  H61  sing N N 84  
BGC C6  H62  sing N N 85  
BGC C1  O1   sing N N 86  
BGC C1  O5   sing N N 87  
BGC C1  H1   sing N N 88  
BGC O1  HO1  sing N N 89  
BGC O2  HO2  sing N N 90  
BGC O3  HO3  sing N N 91  
BGC O4  HO4  sing N N 92  
BGC O6  HO6  sing N N 93  
GLN N   CA   sing N N 94  
GLN N   H    sing N N 95  
GLN N   H2   sing N N 96  
GLN CA  C    sing N N 97  
GLN CA  CB   sing N N 98  
GLN CA  HA   sing N N 99  
GLN C   O    doub N N 100 
GLN C   OXT  sing N N 101 
GLN CB  CG   sing N N 102 
GLN CB  HB2  sing N N 103 
GLN CB  HB3  sing N N 104 
GLN CG  CD   sing N N 105 
GLN CG  HG2  sing N N 106 
GLN CG  HG3  sing N N 107 
GLN CD  OE1  doub N N 108 
GLN CD  NE2  sing N N 109 
GLN NE2 HE21 sing N N 110 
GLN NE2 HE22 sing N N 111 
GLN OXT HXT  sing N N 112 
GLU N   CA   sing N N 113 
GLU N   H    sing N N 114 
GLU N   H2   sing N N 115 
GLU CA  C    sing N N 116 
GLU CA  CB   sing N N 117 
GLU CA  HA   sing N N 118 
GLU C   O    doub N N 119 
GLU C   OXT  sing N N 120 
GLU CB  CG   sing N N 121 
GLU CB  HB2  sing N N 122 
GLU CB  HB3  sing N N 123 
GLU CG  CD   sing N N 124 
GLU CG  HG2  sing N N 125 
GLU CG  HG3  sing N N 126 
GLU CD  OE1  doub N N 127 
GLU CD  OE2  sing N N 128 
GLU OE2 HE2  sing N N 129 
GLU OXT HXT  sing N N 130 
GLY N   CA   sing N N 131 
GLY N   H    sing N N 132 
GLY N   H2   sing N N 133 
GLY CA  C    sing N N 134 
GLY CA  HA2  sing N N 135 
GLY CA  HA3  sing N N 136 
GLY C   O    doub N N 137 
GLY C   OXT  sing N N 138 
GLY OXT HXT  sing N N 139 
GOL C1  O1   sing N N 140 
GOL C1  C2   sing N N 141 
GOL C1  H11  sing N N 142 
GOL C1  H12  sing N N 143 
GOL O1  HO1  sing N N 144 
GOL C2  O2   sing N N 145 
GOL C2  C3   sing N N 146 
GOL C2  H2   sing N N 147 
GOL O2  HO2  sing N N 148 
GOL C3  O3   sing N N 149 
GOL C3  H31  sing N N 150 
GOL C3  H32  sing N N 151 
GOL O3  HO3  sing N N 152 
HIS N   CA   sing N N 153 
HIS N   H    sing N N 154 
HIS N   H2   sing N N 155 
HIS CA  C    sing N N 156 
HIS CA  CB   sing N N 157 
HIS CA  HA   sing N N 158 
HIS C   O    doub N N 159 
HIS C   OXT  sing N N 160 
HIS CB  CG   sing N N 161 
HIS CB  HB2  sing N N 162 
HIS CB  HB3  sing N N 163 
HIS CG  ND1  sing Y N 164 
HIS CG  CD2  doub Y N 165 
HIS ND1 CE1  doub Y N 166 
HIS ND1 HD1  sing N N 167 
HIS CD2 NE2  sing Y N 168 
HIS CD2 HD2  sing N N 169 
HIS CE1 NE2  sing Y N 170 
HIS CE1 HE1  sing N N 171 
HIS NE2 HE2  sing N N 172 
HIS OXT HXT  sing N N 173 
HOH O   H1   sing N N 174 
HOH O   H2   sing N N 175 
ILE N   CA   sing N N 176 
ILE N   H    sing N N 177 
ILE N   H2   sing N N 178 
ILE CA  C    sing N N 179 
ILE CA  CB   sing N N 180 
ILE CA  HA   sing N N 181 
ILE C   O    doub N N 182 
ILE C   OXT  sing N N 183 
ILE CB  CG1  sing N N 184 
ILE CB  CG2  sing N N 185 
ILE CB  HB   sing N N 186 
ILE CG1 CD1  sing N N 187 
ILE CG1 HG12 sing N N 188 
ILE CG1 HG13 sing N N 189 
ILE CG2 HG21 sing N N 190 
ILE CG2 HG22 sing N N 191 
ILE CG2 HG23 sing N N 192 
ILE CD1 HD11 sing N N 193 
ILE CD1 HD12 sing N N 194 
ILE CD1 HD13 sing N N 195 
ILE OXT HXT  sing N N 196 
LEU N   CA   sing N N 197 
LEU N   H    sing N N 198 
LEU N   H2   sing N N 199 
LEU CA  C    sing N N 200 
LEU CA  CB   sing N N 201 
LEU CA  HA   sing N N 202 
LEU C   O    doub N N 203 
LEU C   OXT  sing N N 204 
LEU CB  CG   sing N N 205 
LEU CB  HB2  sing N N 206 
LEU CB  HB3  sing N N 207 
LEU CG  CD1  sing N N 208 
LEU CG  CD2  sing N N 209 
LEU CG  HG   sing N N 210 
LEU CD1 HD11 sing N N 211 
LEU CD1 HD12 sing N N 212 
LEU CD1 HD13 sing N N 213 
LEU CD2 HD21 sing N N 214 
LEU CD2 HD22 sing N N 215 
LEU CD2 HD23 sing N N 216 
LEU OXT HXT  sing N N 217 
LYS N   CA   sing N N 218 
LYS N   H    sing N N 219 
LYS N   H2   sing N N 220 
LYS CA  C    sing N N 221 
LYS CA  CB   sing N N 222 
LYS CA  HA   sing N N 223 
LYS C   O    doub N N 224 
LYS C   OXT  sing N N 225 
LYS CB  CG   sing N N 226 
LYS CB  HB2  sing N N 227 
LYS CB  HB3  sing N N 228 
LYS CG  CD   sing N N 229 
LYS CG  HG2  sing N N 230 
LYS CG  HG3  sing N N 231 
LYS CD  CE   sing N N 232 
LYS CD  HD2  sing N N 233 
LYS CD  HD3  sing N N 234 
LYS CE  NZ   sing N N 235 
LYS CE  HE2  sing N N 236 
LYS CE  HE3  sing N N 237 
LYS NZ  HZ1  sing N N 238 
LYS NZ  HZ2  sing N N 239 
LYS NZ  HZ3  sing N N 240 
LYS OXT HXT  sing N N 241 
PHE N   CA   sing N N 242 
PHE N   H    sing N N 243 
PHE N   H2   sing N N 244 
PHE CA  C    sing N N 245 
PHE CA  CB   sing N N 246 
PHE CA  HA   sing N N 247 
PHE C   O    doub N N 248 
PHE C   OXT  sing N N 249 
PHE CB  CG   sing N N 250 
PHE CB  HB2  sing N N 251 
PHE CB  HB3  sing N N 252 
PHE CG  CD1  doub Y N 253 
PHE CG  CD2  sing Y N 254 
PHE CD1 CE1  sing Y N 255 
PHE CD1 HD1  sing N N 256 
PHE CD2 CE2  doub Y N 257 
PHE CD2 HD2  sing N N 258 
PHE CE1 CZ   doub Y N 259 
PHE CE1 HE1  sing N N 260 
PHE CE2 CZ   sing Y N 261 
PHE CE2 HE2  sing N N 262 
PHE CZ  HZ   sing N N 263 
PHE OXT HXT  sing N N 264 
PRO N   CA   sing N N 265 
PRO N   CD   sing N N 266 
PRO N   H    sing N N 267 
PRO CA  C    sing N N 268 
PRO CA  CB   sing N N 269 
PRO CA  HA   sing N N 270 
PRO C   O    doub N N 271 
PRO C   OXT  sing N N 272 
PRO CB  CG   sing N N 273 
PRO CB  HB2  sing N N 274 
PRO CB  HB3  sing N N 275 
PRO CG  CD   sing N N 276 
PRO CG  HG2  sing N N 277 
PRO CG  HG3  sing N N 278 
PRO CD  HD2  sing N N 279 
PRO CD  HD3  sing N N 280 
PRO OXT HXT  sing N N 281 
SER N   CA   sing N N 282 
SER N   H    sing N N 283 
SER N   H2   sing N N 284 
SER CA  C    sing N N 285 
SER CA  CB   sing N N 286 
SER CA  HA   sing N N 287 
SER C   O    doub N N 288 
SER C   OXT  sing N N 289 
SER CB  OG   sing N N 290 
SER CB  HB2  sing N N 291 
SER CB  HB3  sing N N 292 
SER OG  HG   sing N N 293 
SER OXT HXT  sing N N 294 
THR N   CA   sing N N 295 
THR N   H    sing N N 296 
THR N   H2   sing N N 297 
THR CA  C    sing N N 298 
THR CA  CB   sing N N 299 
THR CA  HA   sing N N 300 
THR C   O    doub N N 301 
THR C   OXT  sing N N 302 
THR CB  OG1  sing N N 303 
THR CB  CG2  sing N N 304 
THR CB  HB   sing N N 305 
THR OG1 HG1  sing N N 306 
THR CG2 HG21 sing N N 307 
THR CG2 HG22 sing N N 308 
THR CG2 HG23 sing N N 309 
THR OXT HXT  sing N N 310 
TRP N   CA   sing N N 311 
TRP N   H    sing N N 312 
TRP N   H2   sing N N 313 
TRP CA  C    sing N N 314 
TRP CA  CB   sing N N 315 
TRP CA  HA   sing N N 316 
TRP C   O    doub N N 317 
TRP C   OXT  sing N N 318 
TRP CB  CG   sing N N 319 
TRP CB  HB2  sing N N 320 
TRP CB  HB3  sing N N 321 
TRP CG  CD1  doub Y N 322 
TRP CG  CD2  sing Y N 323 
TRP CD1 NE1  sing Y N 324 
TRP CD1 HD1  sing N N 325 
TRP CD2 CE2  doub Y N 326 
TRP CD2 CE3  sing Y N 327 
TRP NE1 CE2  sing Y N 328 
TRP NE1 HE1  sing N N 329 
TRP CE2 CZ2  sing Y N 330 
TRP CE3 CZ3  doub Y N 331 
TRP CE3 HE3  sing N N 332 
TRP CZ2 CH2  doub Y N 333 
TRP CZ2 HZ2  sing N N 334 
TRP CZ3 CH2  sing Y N 335 
TRP CZ3 HZ3  sing N N 336 
TRP CH2 HH2  sing N N 337 
TRP OXT HXT  sing N N 338 
TYR N   CA   sing N N 339 
TYR N   H    sing N N 340 
TYR N   H2   sing N N 341 
TYR CA  C    sing N N 342 
TYR CA  CB   sing N N 343 
TYR CA  HA   sing N N 344 
TYR C   O    doub N N 345 
TYR C   OXT  sing N N 346 
TYR CB  CG   sing N N 347 
TYR CB  HB2  sing N N 348 
TYR CB  HB3  sing N N 349 
TYR CG  CD1  doub Y N 350 
TYR CG  CD2  sing Y N 351 
TYR CD1 CE1  sing Y N 352 
TYR CD1 HD1  sing N N 353 
TYR CD2 CE2  doub Y N 354 
TYR CD2 HD2  sing N N 355 
TYR CE1 CZ   doub Y N 356 
TYR CE1 HE1  sing N N 357 
TYR CE2 CZ   sing Y N 358 
TYR CE2 HE2  sing N N 359 
TYR CZ  OH   sing N N 360 
TYR OH  HH   sing N N 361 
TYR OXT HXT  sing N N 362 
VAL N   CA   sing N N 363 
VAL N   H    sing N N 364 
VAL N   H2   sing N N 365 
VAL CA  C    sing N N 366 
VAL CA  CB   sing N N 367 
VAL CA  HA   sing N N 368 
VAL C   O    doub N N 369 
VAL C   OXT  sing N N 370 
VAL CB  CG1  sing N N 371 
VAL CB  CG2  sing N N 372 
VAL CB  HB   sing N N 373 
VAL CG1 HG11 sing N N 374 
VAL CG1 HG12 sing N N 375 
VAL CG1 HG13 sing N N 376 
VAL CG2 HG21 sing N N 377 
VAL CG2 HG22 sing N N 378 
VAL CG2 HG23 sing N N 379 
VAL OXT HXT  sing N N 380 
# 
loop_
_pdbx_branch_scheme.asym_id 
_pdbx_branch_scheme.entity_id 
_pdbx_branch_scheme.mon_id 
_pdbx_branch_scheme.num 
_pdbx_branch_scheme.pdb_asym_id 
_pdbx_branch_scheme.pdb_mon_id 
_pdbx_branch_scheme.pdb_seq_num 
_pdbx_branch_scheme.auth_asym_id 
_pdbx_branch_scheme.auth_mon_id 
_pdbx_branch_scheme.auth_seq_num 
_pdbx_branch_scheme.hetero 
B 2 BGC 1 B BGC 1 A BGC 606 n 
B 2 BGC 2 B BGC 2 A BGC 605 n 
B 2 BGC 3 B BGC 3 A BGC 604 n 
B 2 BGC 4 B BGC 4 A BGC 603 n 
B 2 BGC 5 B BGC 5 A BGC 602 n 
B 2 BGC 6 B BGC 6 A BGC 601 n 
# 
loop_
_pdbx_chem_comp_identifier.comp_id 
_pdbx_chem_comp_identifier.type 
_pdbx_chem_comp_identifier.program 
_pdbx_chem_comp_identifier.program_version 
_pdbx_chem_comp_identifier.identifier 
BGC 'CONDENSED IUPAC CARBOHYDRATE SYMBOL' GMML     1.0 DGlcpb            
BGC 'COMMON NAME'                         GMML     1.0 b-D-glucopyranose 
BGC 'IUPAC CARBOHYDRATE SYMBOL'           PDB-CARE 1.0 b-D-Glcp          
BGC 'SNFG CARBOHYDRATE SYMBOL'            GMML     1.0 Glc               
# 
_pdbx_entity_branch.entity_id   2 
_pdbx_entity_branch.type        oligosaccharide 
# 
loop_
_pdbx_entity_branch_descriptor.ordinal 
_pdbx_entity_branch_descriptor.entity_id 
_pdbx_entity_branch_descriptor.descriptor 
_pdbx_entity_branch_descriptor.type 
_pdbx_entity_branch_descriptor.program 
_pdbx_entity_branch_descriptor.program_version 
1 2 DGlcpb1-3DGlcpb1-3DGlcpb1-3DGlcpb1-3DGlcpb1-3DGlcpb1-ROH                                                        
'Glycam Condensed Sequence' GMML       1.0   
2 2 'WURCS=2.0/1,6,5/[a2122h-1b_1-5]/1-1-1-1-1-1/a3-b1_b3-c1_c3-d1_d3-e1_e3-f1'                                     WURCS 
PDB2Glycan 1.1.0 
3 2 '[][b-D-Glcp]{[(3+1)][b-D-Glcp]{[(3+1)][b-D-Glcp]{[(3+1)][b-D-Glcp]{[(3+1)][b-D-Glcp]{[(3+1)][b-D-Glcp]{}}}}}}' LINUCS 
PDB-CARE   ?     
# 
loop_
_pdbx_entity_branch_link.link_id 
_pdbx_entity_branch_link.entity_id 
_pdbx_entity_branch_link.entity_branch_list_num_1 
_pdbx_entity_branch_link.comp_id_1 
_pdbx_entity_branch_link.atom_id_1 
_pdbx_entity_branch_link.leaving_atom_id_1 
_pdbx_entity_branch_link.entity_branch_list_num_2 
_pdbx_entity_branch_link.comp_id_2 
_pdbx_entity_branch_link.atom_id_2 
_pdbx_entity_branch_link.leaving_atom_id_2 
_pdbx_entity_branch_link.value_order 
_pdbx_entity_branch_link.details 
1 2 2 BGC C1 O1 1 BGC O3 HO3 sing ? 
2 2 3 BGC C1 O1 2 BGC O3 HO3 sing ? 
3 2 4 BGC C1 O1 3 BGC O3 HO3 sing ? 
4 2 5 BGC C1 O1 4 BGC O3 HO3 sing ? 
5 2 6 BGC C1 O1 5 BGC O3 HO3 sing ? 
# 
loop_
_pdbx_entity_branch_list.entity_id 
_pdbx_entity_branch_list.comp_id 
_pdbx_entity_branch_list.num 
_pdbx_entity_branch_list.hetero 
2 BGC 1 n 
2 BGC 2 n 
2 BGC 3 n 
2 BGC 4 n 
2 BGC 5 n 
2 BGC 6 n 
# 
loop_
_pdbx_entity_nonpoly.entity_id 
_pdbx_entity_nonpoly.name 
_pdbx_entity_nonpoly.comp_id 
3 'CALCIUM ION' CA  
4 GLYCEROL      GOL 
5 water         HOH 
# 
_pdbx_initial_refinement_model.id               1 
_pdbx_initial_refinement_model.entity_id_list   ? 
_pdbx_initial_refinement_model.type             'experimental model' 
_pdbx_initial_refinement_model.source_name      PDB 
_pdbx_initial_refinement_model.accession_code   1GU3 
_pdbx_initial_refinement_model.details          'PDB ENTRY 1GU3' 
# 
